data_3CCW
#
_entry.id   3CCW
#
_cell.length_a   73.933
_cell.length_b   174.378
_cell.length_c   76.084
_cell.angle_alpha   90.000
_cell.angle_beta   118.830
_cell.angle_gamma   90.000
#
_symmetry.space_group_name_H-M   'P 1 21 1'
#
loop_
_entity.id
_entity.type
_entity.pdbx_description
1 polymer '3-hydroxy-3-methylglutaryl-coenzyme A reductase'
2 non-polymer '(3R,5R)-7-[4-(benzylcarbamoyl)-2-(4-fluorophenyl)-5-(1-methylethyl)-1H-imidazol-1-yl]-3,5-dihydroxyheptanoic acid'
3 water water
#
_entity_poly.entity_id   1
_entity_poly.type   'polypeptide(L)'
_entity_poly.pdbx_seq_one_letter_code
;HHHHHHEPRPNEECLQILGNAEKGAKFLSDAEIIQLVNAKHIPAYKLETLIETHERGVSIRRQLLSKKLSEPSSLQYLPY
RDYNYSLVMGACCENVIGYMPIPVGVAGPLCLDEKEFQVPMATTEGCLVASTNRGCRAIGLGGGASSRVLADGMTRGPVV
RLPRACDSAEVKAWLETSEGFAVIKEAFDSTSRFARLQKLHTSIAGRNLYIRFQSRSGDAMGMNMISKGTEKALSKLHEY
FPEMQILAVSGNYCTDKKPAAINWIEGRGKSVVCEAVIPAKVVREVLKTTTEAMIEVNINKNLVGSAMAGSIGGYNAHAA
NIVTAIYIACGQDAAQNVGSSNCITLMEASGPTNEDLYISCTMPSIEIGTVGGGTNLLPQQACLQMLGVQGACKDNPGEN
ARQLARIVCGTVMAGELSLMAALAAGHLVKSHMIHNRSKIN
;
_entity_poly.pdbx_strand_id   A,B,C,D
#
# COMPACT_ATOMS: atom_id res chain seq x y z
N GLU A 7 3.12 -34.78 53.52
CA GLU A 7 2.52 -36.09 53.16
C GLU A 7 3.14 -36.76 51.91
N PRO A 8 3.47 -35.96 50.88
CA PRO A 8 4.01 -36.51 49.63
C PRO A 8 5.26 -37.39 49.77
N ARG A 9 5.14 -38.66 49.39
CA ARG A 9 6.25 -39.60 49.46
C ARG A 9 7.32 -39.31 48.39
N PRO A 10 8.56 -39.80 48.57
CA PRO A 10 9.67 -39.45 47.68
C PRO A 10 9.44 -39.76 46.21
N ASN A 11 10.22 -39.09 45.36
CA ASN A 11 10.03 -39.13 43.90
C ASN A 11 10.13 -40.54 43.30
N GLU A 12 10.96 -41.38 43.90
CA GLU A 12 11.28 -42.69 43.34
C GLU A 12 10.10 -43.66 43.35
N GLU A 13 9.38 -43.71 44.48
CA GLU A 13 8.19 -44.54 44.61
C GLU A 13 7.07 -44.06 43.68
N CYS A 14 6.97 -42.74 43.53
CA CYS A 14 5.93 -42.13 42.70
C CYS A 14 6.10 -42.48 41.22
N LEU A 15 7.34 -42.65 40.77
CA LEU A 15 7.62 -42.97 39.37
C LEU A 15 7.31 -44.43 39.04
N GLN A 16 7.48 -45.30 40.04
CA GLN A 16 7.15 -46.72 39.89
C GLN A 16 5.64 -46.94 39.79
N ILE A 17 4.88 -46.11 40.51
CA ILE A 17 3.41 -46.13 40.46
C ILE A 17 2.91 -45.54 39.14
N LEU A 18 3.69 -44.60 38.61
CA LEU A 18 3.39 -43.95 37.32
C LEU A 18 3.69 -44.88 36.15
N GLY A 19 4.76 -45.67 36.29
CA GLY A 19 5.17 -46.61 35.26
C GLY A 19 4.38 -47.90 35.27
N ASN A 20 3.63 -48.13 36.35
CA ASN A 20 2.78 -49.31 36.50
C ASN A 20 1.49 -49.16 35.69
N ALA A 21 1.20 -50.13 34.83
CA ALA A 21 0.03 -50.10 33.96
C ALA A 21 -1.30 -50.10 34.73
N GLU A 22 -1.37 -50.84 35.84
CA GLU A 22 -2.62 -50.97 36.60
C GLU A 22 -2.79 -49.92 37.71
N LYS A 23 -1.96 -48.87 37.67
CA LYS A 23 -2.06 -47.77 38.61
C LYS A 23 -2.11 -46.42 37.90
N GLY A 24 -0.98 -46.01 37.31
CA GLY A 24 -0.88 -44.75 36.61
C GLY A 24 -0.85 -43.54 37.52
N ALA A 25 -1.28 -42.39 37.00
CA ALA A 25 -1.30 -41.14 37.76
C ALA A 25 -2.50 -41.06 38.69
N LYS A 26 -3.52 -41.88 38.42
CA LYS A 26 -4.71 -41.95 39.28
C LYS A 26 -4.36 -42.22 40.76
N PHE A 27 -3.25 -42.92 40.99
CA PHE A 27 -2.84 -43.32 42.34
C PHE A 27 -1.96 -42.28 43.05
N LEU A 28 -1.46 -41.29 42.30
CA LEU A 28 -0.67 -40.21 42.89
C LEU A 28 -1.54 -39.01 43.26
N SER A 29 -1.02 -38.18 44.16
CA SER A 29 -1.71 -36.98 44.62
C SER A 29 -1.40 -35.81 43.69
N ASP A 30 -2.16 -34.72 43.79
CA ASP A 30 -1.82 -33.50 43.06
C ASP A 30 -0.42 -33.04 43.44
N ALA A 31 -0.14 -33.05 44.75
CA ALA A 31 1.16 -32.63 45.27
C ALA A 31 2.31 -33.50 44.78
N GLU A 32 2.08 -34.81 44.67
CA GLU A 32 3.10 -35.76 44.20
C GLU A 32 3.40 -35.57 42.71
N ILE A 33 2.37 -35.30 41.91
CA ILE A 33 2.56 -34.97 40.50
C ILE A 33 3.37 -33.68 40.39
N ILE A 34 3.01 -32.70 41.22
CA ILE A 34 3.68 -31.40 41.28
C ILE A 34 5.12 -31.51 41.81
N GLN A 35 5.40 -32.56 42.58
CA GLN A 35 6.74 -32.80 43.11
C GLN A 35 7.65 -33.36 42.03
N LEU A 36 7.13 -34.32 41.26
CA LEU A 36 7.88 -34.92 40.15
C LEU A 36 8.23 -33.87 39.09
N VAL A 37 7.31 -32.95 38.82
CA VAL A 37 7.57 -31.89 37.86
C VAL A 37 8.68 -30.96 38.38
N ASN A 38 8.54 -30.52 39.63
CA ASN A 38 9.54 -29.70 40.30
C ASN A 38 10.75 -30.55 40.70
N ALA A 39 11.73 -30.65 39.79
CA ALA A 39 12.87 -31.58 39.86
C ALA A 39 12.86 -32.61 38.71
N LYS A 40 12.45 -32.17 37.51
CA LYS A 40 12.44 -32.99 36.29
C LYS A 40 11.74 -34.36 36.47
N HIS A 41 12.05 -35.34 35.62
CA HIS A 41 11.37 -36.64 35.59
C HIS A 41 10.12 -36.59 34.71
N ILE A 42 9.24 -35.63 34.99
CA ILE A 42 8.18 -35.22 34.06
C ILE A 42 8.34 -33.73 33.76
N PRO A 43 8.46 -33.37 32.47
CA PRO A 43 8.73 -31.97 32.10
C PRO A 43 7.56 -30.99 32.35
N ALA A 44 6.35 -31.37 31.95
CA ALA A 44 5.12 -30.55 32.11
C ALA A 44 4.19 -30.73 30.92
N TYR A 45 4.77 -30.79 29.73
CA TYR A 45 4.00 -31.01 28.51
C TYR A 45 3.55 -32.46 28.36
N LYS A 46 4.20 -33.37 29.08
CA LYS A 46 3.80 -34.78 29.09
C LYS A 46 2.65 -35.05 30.06
N LEU A 47 2.26 -34.04 30.85
CA LEU A 47 1.14 -34.15 31.78
C LEU A 47 -0.16 -34.54 31.06
N GLU A 48 -0.36 -33.99 29.86
CA GLU A 48 -1.53 -34.35 29.05
C GLU A 48 -1.51 -35.85 28.75
N THR A 49 -0.37 -36.36 28.25
CA THR A 49 -0.22 -37.79 27.97
C THR A 49 0.38 -38.56 29.16
N LEU A 50 -0.35 -38.59 30.27
CA LEU A 50 0.07 -39.29 31.48
C LEU A 50 -1.04 -39.26 32.51
N ILE A 51 -1.50 -38.05 32.84
CA ILE A 51 -2.52 -37.87 33.87
C ILE A 51 -3.87 -38.44 33.42
N GLU A 52 -4.53 -39.11 34.36
CA GLU A 52 -5.83 -39.78 34.17
C GLU A 52 -6.87 -39.05 33.30
N THR A 53 -7.08 -37.76 33.55
CA THR A 53 -8.10 -36.98 32.83
C THR A 53 -7.56 -35.66 32.28
N HIS A 54 -8.25 -35.11 31.28
CA HIS A 54 -7.85 -33.83 30.68
C HIS A 54 -7.99 -32.69 31.69
N GLU A 55 -9.12 -32.67 32.40
CA GLU A 55 -9.41 -31.59 33.34
C GLU A 55 -8.45 -31.55 34.53
N ARG A 56 -7.95 -32.71 34.94
CA ARG A 56 -6.96 -32.76 36.02
C ARG A 56 -5.62 -32.27 35.53
N GLY A 57 -5.29 -32.54 34.26
CA GLY A 57 -4.08 -32.05 33.65
C GLY A 57 -4.05 -30.52 33.63
N VAL A 58 -5.19 -29.93 33.31
CA VAL A 58 -5.36 -28.48 33.33
C VAL A 58 -5.21 -27.96 34.76
N SER A 59 -5.84 -28.65 35.71
CA SER A 59 -5.81 -28.23 37.11
C SER A 59 -4.38 -28.21 37.61
N ILE A 60 -3.61 -29.27 37.31
CA ILE A 60 -2.21 -29.34 37.71
C ILE A 60 -1.44 -28.19 37.07
N ARG A 61 -1.66 -27.99 35.78
CA ARG A 61 -1.00 -26.91 35.04
C ARG A 61 -1.28 -25.53 35.66
N ARG A 62 -2.51 -25.31 36.08
CA ARG A 62 -2.90 -24.05 36.72
C ARG A 62 -2.19 -23.86 38.06
N GLN A 63 -2.04 -24.95 38.83
CA GLN A 63 -1.38 -24.90 40.14
C GLN A 63 0.10 -24.58 40.00
N LEU A 64 0.76 -25.22 39.03
CA LEU A 64 2.17 -24.95 38.72
C LEU A 64 2.38 -23.48 38.31
N LEU A 65 1.54 -23.01 37.40
CA LEU A 65 1.60 -21.63 36.90
C LEU A 65 1.41 -20.60 38.02
N SER A 66 0.43 -20.83 38.88
CA SER A 66 0.09 -19.92 39.97
C SER A 66 1.25 -19.64 40.94
N LYS A 67 2.08 -20.65 41.21
CA LYS A 67 3.28 -20.47 42.06
C LYS A 67 4.25 -19.47 41.46
N LYS A 68 4.35 -19.48 40.13
CA LYS A 68 5.27 -18.60 39.40
C LYS A 68 4.82 -17.14 39.36
N LEU A 69 3.51 -16.90 39.44
CA LEU A 69 2.94 -15.56 39.33
C LEU A 69 3.14 -14.70 40.59
N SER A 70 3.20 -13.39 40.40
CA SER A 70 3.37 -12.46 41.53
C SER A 70 2.09 -12.26 42.33
N GLU A 71 0.94 -12.60 41.72
CA GLU A 71 -0.33 -12.69 42.44
C GLU A 71 -0.86 -14.12 42.22
N PRO A 72 -0.61 -15.02 43.19
CA PRO A 72 -1.01 -16.42 43.08
C PRO A 72 -2.51 -16.67 42.82
N SER A 73 -3.38 -15.76 43.23
CA SER A 73 -4.82 -15.90 43.00
C SER A 73 -5.29 -15.33 41.65
N SER A 74 -4.38 -15.12 40.73
CA SER A 74 -4.69 -14.48 39.44
C SER A 74 -5.72 -15.27 38.63
N LEU A 75 -5.61 -16.61 38.67
CA LEU A 75 -6.45 -17.50 37.87
C LEU A 75 -7.85 -17.73 38.45
N GLN A 76 -8.08 -17.26 39.67
CA GLN A 76 -9.37 -17.42 40.37
C GLN A 76 -10.62 -17.40 39.47
N TYR A 77 -10.72 -16.40 38.59
CA TYR A 77 -11.92 -16.19 37.78
C TYR A 77 -11.74 -16.58 36.31
N LEU A 78 -10.60 -17.18 35.99
CA LEU A 78 -10.40 -17.84 34.69
C LEU A 78 -11.03 -19.23 34.79
N PRO A 79 -12.15 -19.47 34.10
CA PRO A 79 -12.85 -20.74 34.22
C PRO A 79 -12.12 -21.89 33.50
N TYR A 80 -12.38 -23.12 33.93
CA TYR A 80 -11.77 -24.30 33.31
C TYR A 80 -12.59 -25.58 33.44
N ARG A 81 -13.34 -25.71 34.53
CA ARG A 81 -14.07 -26.95 34.84
C ARG A 81 -15.16 -27.26 33.82
N ASP A 82 -15.34 -28.55 33.56
CA ASP A 82 -16.43 -29.09 32.74
C ASP A 82 -16.46 -28.58 31.29
N TYR A 83 -15.31 -28.19 30.77
CA TYR A 83 -15.18 -27.86 29.37
C TYR A 83 -14.70 -29.11 28.66
N ASN A 84 -15.16 -29.31 27.42
CA ASN A 84 -14.80 -30.49 26.64
C ASN A 84 -13.40 -30.35 26.02
N TYR A 85 -12.38 -30.68 26.80
CA TYR A 85 -10.99 -30.53 26.37
C TYR A 85 -10.52 -31.60 25.38
N SER A 86 -11.28 -32.69 25.24
CA SER A 86 -10.84 -33.82 24.41
C SER A 86 -10.65 -33.43 22.95
N LEU A 87 -11.51 -32.53 22.46
CA LEU A 87 -11.42 -32.07 21.07
C LEU A 87 -10.35 -30.99 20.87
N VAL A 88 -9.89 -30.39 21.97
CA VAL A 88 -8.87 -29.33 21.94
C VAL A 88 -7.43 -29.86 22.04
N MET A 89 -7.22 -30.99 22.73
CA MET A 89 -5.86 -31.46 23.01
C MET A 89 -5.25 -32.10 21.77
N GLY A 90 -4.05 -31.65 21.40
CA GLY A 90 -3.36 -32.14 20.23
C GLY A 90 -3.93 -31.66 18.90
N ALA A 91 -4.91 -30.77 18.94
CA ALA A 91 -5.61 -30.30 17.74
C ALA A 91 -5.67 -28.77 17.65
N CYS A 92 -6.14 -28.12 18.70
CA CYS A 92 -6.40 -26.67 18.71
C CYS A 92 -5.51 -25.83 19.64
N CYS A 93 -4.99 -26.41 20.72
CA CYS A 93 -4.28 -25.64 21.76
C CYS A 93 -3.34 -26.47 22.65
N GLU A 94 -2.30 -25.82 23.17
CA GLU A 94 -1.34 -26.45 24.10
C GLU A 94 -1.13 -25.64 25.39
N ASN A 95 -0.51 -26.28 26.39
CA ASN A 95 -0.35 -25.72 27.74
C ASN A 95 -1.64 -25.05 28.25
N VAL A 96 -2.74 -25.78 28.12
CA VAL A 96 -4.07 -25.23 28.36
C VAL A 96 -4.37 -25.06 29.86
N ILE A 97 -4.70 -23.82 30.25
CA ILE A 97 -5.05 -23.49 31.62
C ILE A 97 -6.53 -23.14 31.79
N GLY A 98 -7.31 -23.26 30.74
CA GLY A 98 -8.74 -22.99 30.83
C GLY A 98 -9.38 -22.53 29.55
N TYR A 99 -10.34 -21.62 29.67
CA TYR A 99 -11.00 -21.03 28.50
C TYR A 99 -11.47 -19.60 28.78
N MET A 100 -11.65 -18.86 27.70
CA MET A 100 -12.04 -17.46 27.74
C MET A 100 -13.44 -17.34 27.17
N PRO A 101 -14.43 -17.04 28.01
CA PRO A 101 -15.79 -16.83 27.52
C PRO A 101 -15.91 -15.51 26.75
N ILE A 102 -16.42 -15.58 25.52
CA ILE A 102 -16.70 -14.41 24.71
C ILE A 102 -18.21 -14.37 24.50
N PRO A 103 -18.90 -13.35 25.00
CA PRO A 103 -20.35 -13.30 24.86
C PRO A 103 -20.76 -13.37 23.39
N VAL A 104 -21.82 -14.11 23.09
CA VAL A 104 -22.34 -14.23 21.74
C VAL A 104 -23.75 -13.65 21.69
N GLY A 105 -23.93 -12.65 20.82
CA GLY A 105 -25.24 -12.12 20.53
C GLY A 105 -25.72 -12.61 19.18
N VAL A 106 -26.96 -12.30 18.84
CA VAL A 106 -27.53 -12.71 17.56
C VAL A 106 -28.06 -11.48 16.82
N ALA A 107 -27.63 -11.32 15.58
CA ALA A 107 -28.08 -10.25 14.73
C ALA A 107 -28.87 -10.86 13.59
N GLY A 108 -30.13 -10.46 13.46
CA GLY A 108 -31.00 -10.98 12.43
C GLY A 108 -32.46 -10.70 12.69
N PRO A 109 -33.34 -11.02 11.74
CA PRO A 109 -32.97 -11.80 10.56
C PRO A 109 -32.23 -11.02 9.48
N LEU A 110 -31.14 -11.61 8.98
CA LEU A 110 -30.44 -11.11 7.80
C LEU A 110 -31.12 -11.71 6.58
N CYS A 111 -31.79 -10.87 5.80
CA CYS A 111 -32.46 -11.32 4.60
C CYS A 111 -31.46 -11.30 3.46
N LEU A 112 -31.10 -12.48 2.98
CA LEU A 112 -30.05 -12.66 1.98
C LEU A 112 -30.43 -13.75 0.99
N ASP A 113 -30.49 -13.41 -0.30
CA ASP A 113 -30.80 -14.37 -1.35
C ASP A 113 -32.09 -15.15 -1.05
N GLU A 114 -33.15 -14.42 -0.74
CA GLU A 114 -34.49 -14.97 -0.45
C GLU A 114 -34.57 -15.94 0.74
N LYS A 115 -33.54 -15.98 1.57
CA LYS A 115 -33.54 -16.78 2.79
C LYS A 115 -33.37 -15.85 3.97
N GLU A 116 -33.50 -16.41 5.17
CA GLU A 116 -33.29 -15.66 6.41
C GLU A 116 -32.27 -16.36 7.29
N PHE A 117 -31.35 -15.58 7.84
CA PHE A 117 -30.26 -16.08 8.66
C PHE A 117 -30.22 -15.37 10.00
N GLN A 118 -29.98 -16.11 11.07
CA GLN A 118 -29.74 -15.55 12.39
C GLN A 118 -28.25 -15.66 12.66
N VAL A 119 -27.56 -14.52 12.60
CA VAL A 119 -26.11 -14.49 12.54
C VAL A 119 -25.48 -14.32 13.92
N PRO A 120 -24.74 -15.33 14.39
CA PRO A 120 -24.10 -15.25 15.70
C PRO A 120 -22.86 -14.38 15.67
N MET A 121 -22.60 -13.67 16.77
CA MET A 121 -21.55 -12.66 16.84
C MET A 121 -20.90 -12.63 18.22
N ALA A 122 -19.63 -12.97 18.30
CA ALA A 122 -18.90 -13.01 19.57
C ALA A 122 -18.05 -11.77 19.71
N THR A 123 -18.41 -10.91 20.66
CA THR A 123 -17.75 -9.62 20.81
C THR A 123 -17.82 -9.12 22.25
N THR A 124 -16.93 -8.18 22.58
CA THR A 124 -17.04 -7.44 23.85
C THR A 124 -17.22 -5.92 23.64
N GLU A 125 -17.39 -5.51 22.38
CA GLU A 125 -17.61 -4.11 22.07
C GLU A 125 -19.08 -3.74 22.24
N GLY A 126 -19.35 -2.84 23.18
CA GLY A 126 -20.69 -2.36 23.43
C GLY A 126 -21.35 -1.86 22.16
N CYS A 127 -22.59 -2.30 21.95
CA CYS A 127 -23.48 -1.82 20.89
C CYS A 127 -23.29 -2.43 19.50
N LEU A 128 -22.26 -3.26 19.32
CA LEU A 128 -21.99 -3.83 17.99
C LEU A 128 -23.12 -4.68 17.44
N VAL A 129 -23.64 -5.61 18.24
CA VAL A 129 -24.69 -6.53 17.79
C VAL A 129 -26.02 -5.80 17.54
N ALA A 130 -26.36 -4.87 18.42
CA ALA A 130 -27.57 -4.05 18.27
C ALA A 130 -27.48 -3.16 17.03
N SER A 131 -26.32 -2.58 16.79
CA SER A 131 -26.10 -1.75 15.60
C SER A 131 -26.26 -2.58 14.33
N THR A 132 -25.65 -3.77 14.32
CA THR A 132 -25.73 -4.67 13.18
C THR A 132 -27.17 -5.14 12.96
N ASN A 133 -27.88 -5.42 14.05
CA ASN A 133 -29.30 -5.80 13.97
C ASN A 133 -30.16 -4.68 13.35
N ARG A 134 -29.79 -3.44 13.58
CA ARG A 134 -30.48 -2.31 12.96
C ARG A 134 -30.26 -2.28 11.45
N GLY A 135 -29.03 -2.58 11.02
CA GLY A 135 -28.71 -2.73 9.62
C GLY A 135 -29.45 -3.86 8.95
N CYS A 136 -29.67 -4.95 9.68
CA CYS A 136 -30.42 -6.10 9.17
C CYS A 136 -31.90 -5.73 8.94
N ARG A 137 -32.46 -4.99 9.89
CA ARG A 137 -33.85 -4.53 9.82
C ARG A 137 -34.06 -3.63 8.60
N ALA A 138 -33.11 -2.73 8.34
CA ALA A 138 -33.19 -1.82 7.19
C ALA A 138 -33.14 -2.58 5.87
N ILE A 139 -32.29 -3.61 5.81
CA ILE A 139 -32.18 -4.47 4.62
C ILE A 139 -33.46 -5.27 4.42
N GLY A 140 -34.04 -5.76 5.51
CA GLY A 140 -35.21 -6.62 5.45
C GLY A 140 -36.44 -5.90 4.96
N LEU A 141 -36.58 -4.64 5.39
CA LEU A 141 -37.69 -3.79 4.95
C LEU A 141 -37.47 -3.22 3.56
N GLY A 142 -36.26 -3.38 3.02
CA GLY A 142 -35.96 -2.96 1.66
C GLY A 142 -36.03 -4.07 0.60
N GLY A 143 -36.58 -5.22 0.95
CA GLY A 143 -36.68 -6.34 0.02
C GLY A 143 -35.58 -7.40 0.18
N GLY A 144 -34.51 -7.03 0.89
CA GLY A 144 -33.46 -7.98 1.21
C GLY A 144 -32.22 -7.76 0.38
N ALA A 145 -31.19 -8.55 0.69
CA ALA A 145 -29.89 -8.42 0.05
C ALA A 145 -29.69 -9.56 -0.92
N SER A 146 -28.84 -9.34 -1.92
CA SER A 146 -28.42 -10.36 -2.86
C SER A 146 -26.90 -10.44 -2.90
N SER A 147 -26.37 -11.65 -3.03
CA SER A 147 -24.92 -11.87 -3.00
C SER A 147 -24.47 -12.93 -3.97
N ARG A 148 -23.20 -12.84 -4.37
CA ARG A 148 -22.59 -13.75 -5.33
C ARG A 148 -21.14 -14.02 -4.98
N VAL A 149 -20.74 -15.29 -5.02
CA VAL A 149 -19.36 -15.69 -4.88
C VAL A 149 -18.73 -15.57 -6.26
N LEU A 150 -17.71 -14.73 -6.37
CA LEU A 150 -17.09 -14.37 -7.63
C LEU A 150 -15.88 -15.25 -7.92
N ALA A 151 -15.21 -15.70 -6.87
CA ALA A 151 -14.04 -16.56 -7.01
C ALA A 151 -13.84 -17.39 -5.76
N ASP A 152 -13.12 -18.50 -5.89
CA ASP A 152 -12.92 -19.43 -4.77
C ASP A 152 -11.61 -20.19 -4.93
N GLY A 153 -10.70 -19.97 -3.99
CA GLY A 153 -9.43 -20.65 -3.99
C GLY A 153 -8.49 -20.10 -2.94
N MET A 154 -8.17 -20.93 -1.95
CA MET A 154 -7.15 -20.64 -0.96
C MET A 154 -5.79 -20.71 -1.67
N THR A 155 -4.81 -19.93 -1.21
CA THR A 155 -3.52 -19.86 -1.86
C THR A 155 -2.35 -20.14 -0.92
N ARG A 156 -1.23 -20.55 -1.50
CA ARG A 156 0.05 -20.58 -0.80
C ARG A 156 1.10 -20.03 -1.77
N GLY A 157 2.00 -19.21 -1.26
CA GLY A 157 2.93 -18.46 -2.09
C GLY A 157 4.37 -18.70 -1.67
N PRO A 158 4.94 -19.89 -1.93
CA PRO A 158 6.35 -20.18 -1.64
C PRO A 158 7.35 -19.30 -2.38
N VAL A 159 8.55 -19.19 -1.83
CA VAL A 159 9.68 -18.60 -2.53
C VAL A 159 10.73 -19.69 -2.78
N VAL A 160 11.13 -19.84 -4.04
CA VAL A 160 12.24 -20.70 -4.43
C VAL A 160 13.32 -19.83 -5.04
N ARG A 161 14.56 -20.31 -5.03
CA ARG A 161 15.68 -19.62 -5.66
C ARG A 161 16.43 -20.52 -6.63
N LEU A 162 16.83 -19.94 -7.75
CA LEU A 162 17.69 -20.60 -8.71
C LEU A 162 19.07 -19.92 -8.57
N PRO A 163 20.12 -20.49 -9.18
CA PRO A 163 21.45 -19.87 -9.10
C PRO A 163 21.53 -18.46 -9.69
N ARG A 164 20.83 -18.22 -10.81
CA ARG A 164 20.82 -16.91 -11.48
C ARG A 164 19.38 -16.51 -11.81
N ALA A 165 19.16 -15.22 -12.00
CA ALA A 165 17.86 -14.69 -12.45
C ALA A 165 17.45 -15.26 -13.81
N CYS A 166 18.43 -15.54 -14.66
CA CYS A 166 18.18 -16.16 -15.95
C CYS A 166 17.58 -17.56 -15.79
N ASP A 167 17.99 -18.25 -14.73
CA ASP A 167 17.48 -19.59 -14.45
C ASP A 167 16.06 -19.51 -13.89
N SER A 168 15.81 -18.55 -13.01
CA SER A 168 14.46 -18.37 -12.47
C SER A 168 13.47 -17.99 -13.58
N ALA A 169 13.92 -17.18 -14.54
CA ALA A 169 13.15 -16.85 -15.75
C ALA A 169 12.84 -18.09 -16.60
N GLU A 170 13.78 -19.01 -16.70
CA GLU A 170 13.55 -20.25 -17.44
C GLU A 170 12.47 -21.04 -16.73
N VAL A 171 12.52 -21.08 -15.42
CA VAL A 171 11.53 -21.81 -14.63
C VAL A 171 10.14 -21.16 -14.76
N LYS A 172 10.08 -19.84 -14.75
CA LYS A 172 8.81 -19.11 -14.91
C LYS A 172 8.17 -19.44 -16.27
N ALA A 173 8.97 -19.39 -17.33
CA ALA A 173 8.50 -19.67 -18.68
C ALA A 173 8.03 -21.12 -18.85
N TRP A 174 8.70 -22.06 -18.17
CA TRP A 174 8.35 -23.49 -18.23
C TRP A 174 7.02 -23.74 -17.54
N LEU A 175 6.82 -23.08 -16.40
CA LEU A 175 5.55 -23.12 -15.69
C LEU A 175 4.41 -22.52 -16.50
N GLU A 176 4.74 -21.62 -17.42
CA GLU A 176 3.75 -20.94 -18.26
C GLU A 176 3.36 -21.74 -19.51
N THR A 177 4.13 -22.76 -19.87
CA THR A 177 3.72 -23.67 -20.97
C THR A 177 2.63 -24.60 -20.49
N SER A 178 1.80 -25.07 -21.42
CA SER A 178 0.70 -25.97 -21.09
C SER A 178 1.21 -27.30 -20.54
N GLU A 179 2.31 -27.78 -21.08
CA GLU A 179 2.89 -29.05 -20.66
C GLU A 179 3.52 -28.95 -19.26
N GLY A 180 4.20 -27.85 -18.96
CA GLY A 180 4.82 -27.66 -17.67
C GLY A 180 3.78 -27.50 -16.57
N PHE A 181 2.74 -26.73 -16.83
CA PHE A 181 1.67 -26.54 -15.87
C PHE A 181 0.89 -27.82 -15.62
N ALA A 182 0.74 -28.64 -16.66
CA ALA A 182 0.00 -29.89 -16.56
C ALA A 182 0.69 -30.87 -15.62
N VAL A 183 2.01 -30.96 -15.74
CA VAL A 183 2.82 -31.81 -14.88
C VAL A 183 2.70 -31.37 -13.41
N ILE A 184 2.73 -30.07 -13.19
CA ILE A 184 2.70 -29.51 -11.84
C ILE A 184 1.31 -29.69 -11.24
N LYS A 185 0.29 -29.52 -12.06
CA LYS A 185 -1.10 -29.71 -11.66
C LYS A 185 -1.33 -31.16 -11.26
N GLU A 186 -0.80 -32.10 -12.05
CA GLU A 186 -0.91 -33.52 -11.73
C GLU A 186 -0.35 -33.81 -10.34
N ALA A 187 0.84 -33.31 -10.05
CA ALA A 187 1.47 -33.58 -8.74
C ALA A 187 0.68 -32.92 -7.60
N PHE A 188 0.24 -31.69 -7.82
CA PHE A 188 -0.56 -30.96 -6.81
C PHE A 188 -1.86 -31.72 -6.53
N ASP A 189 -2.56 -32.08 -7.60
CA ASP A 189 -3.90 -32.67 -7.50
C ASP A 189 -3.89 -34.10 -6.95
N SER A 190 -2.75 -34.77 -7.01
CA SER A 190 -2.60 -36.12 -6.48
C SER A 190 -2.66 -36.18 -4.95
N THR A 191 -2.45 -35.05 -4.28
CA THR A 191 -2.32 -35.02 -2.81
C THR A 191 -3.63 -35.08 -2.02
N SER A 192 -4.75 -34.84 -2.69
CA SER A 192 -6.07 -34.78 -2.02
C SER A 192 -7.21 -34.74 -3.03
N ARG A 193 -8.38 -35.23 -2.64
CA ARG A 193 -9.53 -35.27 -3.56
C ARG A 193 -10.08 -33.89 -3.92
N PHE A 194 -9.85 -32.89 -3.08
CA PHE A 194 -10.27 -31.52 -3.38
C PHE A 194 -9.20 -30.70 -4.10
N ALA A 195 -7.94 -31.13 -4.03
CA ALA A 195 -6.82 -30.40 -4.63
C ALA A 195 -6.94 -30.32 -6.13
N ARG A 196 -7.43 -29.18 -6.63
CA ARG A 196 -7.60 -28.94 -8.07
C ARG A 196 -6.96 -27.60 -8.49
N LEU A 197 -5.71 -27.67 -8.95
CA LEU A 197 -4.88 -26.49 -9.13
C LEU A 197 -5.40 -25.59 -10.25
N GLN A 198 -5.60 -24.32 -9.91
CA GLN A 198 -6.04 -23.31 -10.86
C GLN A 198 -4.81 -22.68 -11.50
N LYS A 199 -5.04 -21.73 -12.39
CA LYS A 199 -3.97 -20.97 -13.03
C LYS A 199 -2.94 -20.45 -12.01
N LEU A 200 -1.66 -20.55 -12.38
CA LEU A 200 -0.55 -20.13 -11.51
C LEU A 200 -0.25 -18.64 -11.77
N HIS A 201 0.04 -17.88 -10.72
CA HIS A 201 0.70 -16.59 -10.90
C HIS A 201 2.09 -16.60 -10.25
N THR A 202 3.09 -16.16 -11.00
CA THR A 202 4.46 -16.13 -10.52
C THR A 202 5.03 -14.72 -10.55
N SER A 203 6.05 -14.48 -9.74
CA SER A 203 6.73 -13.21 -9.71
C SER A 203 8.22 -13.39 -9.45
N ILE A 204 9.03 -12.77 -10.28
CA ILE A 204 10.47 -12.83 -10.13
C ILE A 204 10.99 -11.60 -9.39
N ALA A 205 11.95 -11.84 -8.52
CA ALA A 205 12.78 -10.80 -7.93
C ALA A 205 14.22 -11.33 -7.95
N GLY A 206 14.92 -11.08 -9.06
CA GLY A 206 16.26 -11.55 -9.24
C GLY A 206 16.27 -13.05 -9.44
N ARG A 207 17.06 -13.76 -8.64
CA ARG A 207 17.04 -15.21 -8.68
C ARG A 207 15.92 -15.83 -7.85
N ASN A 208 15.22 -15.03 -7.05
CA ASN A 208 14.00 -15.50 -6.38
C ASN A 208 12.82 -15.61 -7.34
N LEU A 209 12.03 -16.65 -7.14
CA LEU A 209 10.79 -16.86 -7.87
C LEU A 209 9.69 -17.21 -6.86
N TYR A 210 8.67 -16.36 -6.81
CA TYR A 210 7.50 -16.53 -5.95
C TYR A 210 6.41 -17.17 -6.79
N ILE A 211 5.83 -18.27 -6.30
CA ILE A 211 4.82 -19.03 -7.05
C ILE A 211 3.57 -19.11 -6.20
N ARG A 212 2.47 -18.61 -6.73
CA ARG A 212 1.20 -18.58 -6.03
C ARG A 212 0.31 -19.73 -6.52
N PHE A 213 0.19 -20.77 -5.69
CA PHE A 213 -0.66 -21.92 -5.95
C PHE A 213 -2.06 -21.66 -5.41
N GLN A 214 -3.08 -21.89 -6.23
CA GLN A 214 -4.45 -21.62 -5.85
C GLN A 214 -5.37 -22.81 -6.13
N SER A 215 -6.11 -23.23 -5.12
CA SER A 215 -7.10 -24.28 -5.31
C SER A 215 -8.24 -24.15 -4.32
N ARG A 216 -9.42 -24.61 -4.74
CA ARG A 216 -10.51 -24.84 -3.83
C ARG A 216 -10.10 -25.96 -2.88
N SER A 217 -10.89 -26.16 -1.84
CA SER A 217 -10.50 -27.05 -0.77
C SER A 217 -11.69 -27.65 -0.04
N GLY A 218 -12.75 -27.95 -0.78
CA GLY A 218 -13.99 -28.42 -0.18
C GLY A 218 -14.58 -27.31 0.69
N ASP A 219 -15.03 -27.69 1.89
CA ASP A 219 -15.56 -26.73 2.87
C ASP A 219 -14.54 -26.32 3.92
N ALA A 220 -13.31 -26.83 3.81
CA ALA A 220 -12.23 -26.43 4.72
C ALA A 220 -11.64 -25.09 4.27
N MET A 221 -11.15 -24.31 5.21
CA MET A 221 -10.45 -23.06 4.88
C MET A 221 -9.31 -23.37 3.89
N GLY A 222 -8.62 -24.47 4.15
CA GLY A 222 -7.79 -25.09 3.12
C GLY A 222 -6.29 -24.88 3.22
N MET A 223 -5.83 -24.15 4.23
CA MET A 223 -4.40 -23.84 4.31
C MET A 223 -3.55 -25.11 4.36
N ASN A 224 -3.87 -26.03 5.28
CA ASN A 224 -3.07 -27.26 5.44
C ASN A 224 -3.03 -28.09 4.15
N MET A 225 -4.18 -28.18 3.47
CA MET A 225 -4.30 -28.96 2.24
C MET A 225 -3.53 -28.34 1.06
N ILE A 226 -3.59 -27.02 0.93
CA ILE A 226 -2.91 -26.31 -0.16
C ILE A 226 -1.39 -26.34 0.05
N SER A 227 -0.97 -26.28 1.31
CA SER A 227 0.44 -26.37 1.65
C SER A 227 0.99 -27.74 1.29
N LYS A 228 0.19 -28.78 1.50
CA LYS A 228 0.57 -30.15 1.16
C LYS A 228 0.66 -30.32 -0.36
N GLY A 229 -0.34 -29.83 -1.07
CA GLY A 229 -0.31 -29.78 -2.53
C GLY A 229 0.92 -29.06 -3.05
N THR A 230 1.28 -27.95 -2.41
CA THR A 230 2.40 -27.11 -2.85
C THR A 230 3.74 -27.83 -2.73
N GLU A 231 3.96 -28.50 -1.61
CA GLU A 231 5.21 -29.22 -1.36
C GLU A 231 5.43 -30.33 -2.40
N LYS A 232 4.38 -31.07 -2.74
CA LYS A 232 4.44 -32.10 -3.78
C LYS A 232 4.71 -31.52 -5.16
N ALA A 233 4.12 -30.36 -5.46
CA ALA A 233 4.32 -29.68 -6.73
C ALA A 233 5.75 -29.20 -6.86
N LEU A 234 6.31 -28.69 -5.77
CA LEU A 234 7.66 -28.14 -5.79
C LEU A 234 8.66 -29.29 -5.90
N SER A 235 8.34 -30.41 -5.25
CA SER A 235 9.15 -31.63 -5.37
C SER A 235 9.21 -32.06 -6.85
N LYS A 236 8.06 -32.03 -7.52
CA LYS A 236 7.99 -32.34 -8.95
C LYS A 236 8.75 -31.34 -9.82
N LEU A 237 8.70 -30.06 -9.44
CA LEU A 237 9.40 -29.01 -10.17
C LEU A 237 10.91 -29.18 -10.06
N HIS A 238 11.37 -29.63 -8.89
CA HIS A 238 12.80 -29.91 -8.64
C HIS A 238 13.35 -31.02 -9.54
N GLU A 239 12.50 -31.99 -9.89
CA GLU A 239 12.88 -33.04 -10.86
C GLU A 239 13.29 -32.41 -12.19
N TYR A 240 12.52 -31.43 -12.66
CA TYR A 240 12.85 -30.74 -13.92
C TYR A 240 13.94 -29.70 -13.76
N PHE A 241 14.11 -29.17 -12.56
CA PHE A 241 15.11 -28.13 -12.29
C PHE A 241 15.88 -28.44 -11.01
N PRO A 242 16.87 -29.33 -11.10
CA PRO A 242 17.57 -29.84 -9.90
C PRO A 242 18.33 -28.79 -9.07
N GLU A 243 18.71 -27.66 -9.64
CA GLU A 243 19.42 -26.63 -8.89
C GLU A 243 18.49 -25.68 -8.10
N MET A 244 17.18 -25.84 -8.25
CA MET A 244 16.22 -25.04 -7.50
C MET A 244 16.26 -25.37 -6.01
N GLN A 245 16.50 -24.36 -5.19
CA GLN A 245 16.35 -24.42 -3.74
C GLN A 245 14.95 -23.94 -3.34
N ILE A 246 14.24 -24.74 -2.56
CA ILE A 246 13.00 -24.29 -1.93
C ILE A 246 13.39 -23.56 -0.65
N LEU A 247 13.32 -22.23 -0.68
CA LEU A 247 13.74 -21.42 0.47
C LEU A 247 12.70 -21.44 1.60
N ALA A 248 11.43 -21.34 1.25
CA ALA A 248 10.37 -21.35 2.23
C ALA A 248 9.04 -21.71 1.57
N VAL A 249 8.32 -22.66 2.17
CA VAL A 249 7.01 -23.05 1.64
C VAL A 249 6.05 -21.86 1.69
N SER A 250 6.28 -20.89 2.59
CA SER A 250 5.63 -19.58 2.49
C SER A 250 6.66 -18.48 2.37
N GLY A 251 6.68 -17.85 1.20
CA GLY A 251 7.47 -16.66 0.97
C GLY A 251 6.68 -15.36 1.03
N ASN A 252 5.58 -15.35 1.79
CA ASN A 252 4.71 -14.17 1.97
C ASN A 252 4.01 -13.68 0.71
N TYR A 253 3.89 -14.55 -0.27
CA TYR A 253 3.27 -14.20 -1.54
C TYR A 253 1.85 -14.77 -1.61
N CYS A 254 1.38 -15.37 -0.51
CA CYS A 254 0.08 -16.04 -0.49
C CYS A 254 -1.09 -15.05 -0.63
N THR A 255 -1.23 -14.01 0.21
CA THR A 255 -0.49 -13.74 1.43
C THR A 255 -1.37 -14.05 2.64
N ASP A 256 -0.79 -14.67 3.66
CA ASP A 256 -1.54 -15.12 4.82
C ASP A 256 -1.29 -14.24 6.04
N LYS A 257 -2.37 -13.67 6.59
CA LYS A 257 -2.37 -12.91 7.84
C LYS A 257 -1.49 -11.65 7.89
N LYS A 258 -1.15 -11.13 6.72
CA LYS A 258 -0.51 -9.82 6.58
C LYS A 258 -1.27 -9.05 5.50
N PRO A 259 -1.33 -7.73 5.60
CA PRO A 259 -1.92 -6.91 4.52
C PRO A 259 -1.09 -7.00 3.24
N ALA A 260 -1.77 -7.23 2.12
CA ALA A 260 -1.10 -7.41 0.86
C ALA A 260 -2.03 -7.05 -0.29
N ALA A 261 -1.56 -6.16 -1.15
CA ALA A 261 -2.25 -5.79 -2.36
C ALA A 261 -2.61 -6.99 -3.25
N ILE A 262 -1.84 -8.06 -3.19
CA ILE A 262 -2.11 -9.22 -4.03
C ILE A 262 -3.44 -9.90 -3.68
N ASN A 263 -3.81 -9.93 -2.40
CA ASN A 263 -5.09 -10.51 -1.98
C ASN A 263 -6.27 -9.67 -2.43
N TRP A 264 -6.08 -8.36 -2.36
CA TRP A 264 -7.04 -7.38 -2.84
C TRP A 264 -7.28 -7.53 -4.33
N ILE A 265 -6.23 -7.75 -5.10
CA ILE A 265 -6.30 -7.70 -6.56
C ILE A 265 -6.62 -9.06 -7.18
N GLU A 266 -6.02 -10.12 -6.64
CA GLU A 266 -6.20 -11.47 -7.17
C GLU A 266 -7.27 -12.25 -6.44
N GLY A 267 -7.65 -11.78 -5.26
CA GLY A 267 -8.51 -12.54 -4.37
C GLY A 267 -7.75 -13.61 -3.61
N ARG A 268 -8.31 -14.04 -2.48
CA ARG A 268 -7.79 -15.19 -1.71
C ARG A 268 -8.94 -15.77 -0.91
N GLY A 269 -9.07 -17.09 -0.93
CA GLY A 269 -10.25 -17.72 -0.36
C GLY A 269 -11.46 -17.36 -1.20
N LYS A 270 -12.52 -16.85 -0.57
CA LYS A 270 -13.73 -16.45 -1.31
C LYS A 270 -13.81 -14.95 -1.56
N SER A 271 -13.99 -14.58 -2.83
CA SER A 271 -14.29 -13.21 -3.22
C SER A 271 -15.81 -13.09 -3.37
N VAL A 272 -16.39 -12.12 -2.69
CA VAL A 272 -17.85 -12.01 -2.60
C VAL A 272 -18.28 -10.57 -2.87
N VAL A 273 -19.48 -10.42 -3.41
CA VAL A 273 -20.11 -9.13 -3.54
C VAL A 273 -21.55 -9.24 -3.01
N CYS A 274 -21.97 -8.25 -2.23
CA CYS A 274 -23.34 -8.17 -1.76
C CYS A 274 -23.94 -6.82 -2.08
N GLU A 275 -25.26 -6.75 -2.17
CA GLU A 275 -25.97 -5.51 -2.45
C GLU A 275 -27.37 -5.47 -1.85
N ALA A 276 -27.94 -4.28 -1.83
CA ALA A 276 -29.33 -4.08 -1.44
C ALA A 276 -29.74 -2.68 -1.83
N VAL A 277 -31.05 -2.50 -2.00
CA VAL A 277 -31.61 -1.15 -2.15
C VAL A 277 -32.49 -0.91 -0.93
N ILE A 278 -32.24 0.18 -0.23
CA ILE A 278 -33.01 0.59 0.92
C ILE A 278 -33.93 1.72 0.45
N PRO A 279 -35.25 1.52 0.48
CA PRO A 279 -36.20 2.59 0.17
C PRO A 279 -35.95 3.85 0.99
N ALA A 280 -36.20 5.02 0.39
CA ALA A 280 -35.99 6.31 1.07
C ALA A 280 -36.61 6.35 2.46
N LYS A 281 -37.85 5.88 2.56
CA LYS A 281 -38.60 5.86 3.82
C LYS A 281 -37.90 5.04 4.91
N VAL A 282 -37.39 3.88 4.53
CA VAL A 282 -36.70 3.01 5.49
C VAL A 282 -35.41 3.66 6.02
N VAL A 283 -34.70 4.41 5.17
CA VAL A 283 -33.48 5.10 5.59
C VAL A 283 -33.79 6.14 6.66
N ARG A 284 -34.94 6.81 6.52
CA ARG A 284 -35.37 7.85 7.46
C ARG A 284 -35.85 7.26 8.77
N GLU A 285 -36.69 6.23 8.68
CA GLU A 285 -37.39 5.68 9.84
C GLU A 285 -36.49 4.78 10.67
N VAL A 286 -35.83 3.83 10.03
CA VAL A 286 -34.95 2.89 10.72
C VAL A 286 -33.58 3.48 11.03
N LEU A 287 -32.96 4.13 10.04
CA LEU A 287 -31.56 4.58 10.14
C LEU A 287 -31.38 6.05 10.55
N LYS A 288 -32.48 6.80 10.62
CA LYS A 288 -32.47 8.17 11.17
C LYS A 288 -31.58 9.14 10.39
N THR A 289 -31.53 8.96 9.07
CA THR A 289 -30.70 9.76 8.16
C THR A 289 -31.36 9.85 6.78
N THR A 290 -30.65 10.37 5.78
CA THR A 290 -31.15 10.39 4.41
C THR A 290 -30.22 9.69 3.43
N THR A 291 -30.77 9.25 2.29
CA THR A 291 -29.98 8.67 1.22
C THR A 291 -28.88 9.64 0.79
N GLU A 292 -29.26 10.89 0.56
CA GLU A 292 -28.30 11.92 0.16
C GLU A 292 -27.11 12.07 1.14
N ALA A 293 -27.40 11.98 2.44
CA ALA A 293 -26.38 12.16 3.48
C ALA A 293 -25.43 10.95 3.62
N MET A 294 -25.98 9.75 3.39
CA MET A 294 -25.23 8.51 3.48
C MET A 294 -24.23 8.41 2.33
N ILE A 295 -24.64 8.85 1.15
CA ILE A 295 -23.78 8.85 -0.01
C ILE A 295 -22.60 9.76 0.23
N GLU A 296 -22.87 10.95 0.75
CA GLU A 296 -21.85 11.98 0.93
C GLU A 296 -20.81 11.59 1.98
N VAL A 297 -21.26 10.91 3.03
CA VAL A 297 -20.36 10.39 4.05
C VAL A 297 -19.55 9.22 3.46
N ASN A 298 -20.21 8.36 2.69
CA ASN A 298 -19.54 7.19 2.12
C ASN A 298 -18.41 7.57 1.18
N ILE A 299 -18.66 8.55 0.32
CA ILE A 299 -17.66 9.00 -0.62
C ILE A 299 -16.49 9.60 0.13
N ASN A 300 -16.77 10.49 1.08
CA ASN A 300 -15.71 11.30 1.65
C ASN A 300 -15.00 10.66 2.84
N LYS A 301 -15.57 9.59 3.39
CA LYS A 301 -14.94 8.78 4.44
C LYS A 301 -14.34 7.52 3.81
N ASN A 302 -15.21 6.67 3.27
CA ASN A 302 -14.80 5.35 2.83
C ASN A 302 -13.98 5.31 1.56
N LEU A 303 -14.14 6.31 0.69
CA LEU A 303 -13.28 6.45 -0.49
C LEU A 303 -12.17 7.45 -0.26
N VAL A 304 -12.52 8.73 -0.16
CA VAL A 304 -11.52 9.79 -0.10
C VAL A 304 -10.69 9.77 1.19
N GLY A 305 -11.34 9.54 2.32
CA GLY A 305 -10.64 9.46 3.59
C GLY A 305 -9.67 8.30 3.64
N SER A 306 -10.15 7.13 3.22
CA SER A 306 -9.32 5.93 3.08
C SER A 306 -8.16 6.17 2.13
N ALA A 307 -8.40 6.95 1.08
CA ALA A 307 -7.36 7.29 0.11
C ALA A 307 -6.30 8.23 0.69
N MET A 308 -6.72 9.21 1.49
CA MET A 308 -5.74 10.12 2.10
C MET A 308 -4.93 9.42 3.18
N ALA A 309 -5.49 8.38 3.80
CA ALA A 309 -4.78 7.59 4.81
C ALA A 309 -3.83 6.57 4.19
N GLY A 310 -3.94 6.37 2.88
CA GLY A 310 -3.06 5.45 2.19
C GLY A 310 -3.48 4.01 2.42
N SER A 311 -4.76 3.73 2.22
CA SER A 311 -5.28 2.38 2.41
C SER A 311 -5.18 1.55 1.16
N ILE A 312 -4.76 0.29 1.32
CA ILE A 312 -4.97 -0.75 0.32
C ILE A 312 -6.00 -1.69 0.90
N GLY A 313 -7.19 -1.74 0.30
CA GLY A 313 -8.21 -2.68 0.72
C GLY A 313 -9.13 -2.25 1.86
N GLY A 314 -8.95 -1.05 2.38
CA GLY A 314 -9.67 -0.59 3.56
C GLY A 314 -10.67 0.50 3.27
N TYR A 315 -11.42 0.35 2.17
CA TYR A 315 -12.38 1.36 1.74
C TYR A 315 -13.76 1.10 2.32
N ASN A 316 -13.82 1.07 3.65
CA ASN A 316 -15.03 0.71 4.40
C ASN A 316 -14.98 1.29 5.82
N ALA A 317 -16.08 1.14 6.55
CA ALA A 317 -16.23 1.74 7.87
C ALA A 317 -15.74 0.82 8.99
N HIS A 318 -16.31 -0.37 9.10
CA HIS A 318 -15.87 -1.30 10.15
C HIS A 318 -16.15 -2.77 9.83
N ALA A 319 -15.87 -3.18 8.59
CA ALA A 319 -16.07 -4.58 8.21
C ALA A 319 -15.35 -5.53 9.17
N ALA A 320 -14.19 -5.12 9.65
CA ALA A 320 -13.41 -5.88 10.63
C ALA A 320 -14.20 -6.25 11.90
N ASN A 321 -14.98 -5.32 12.46
CA ASN A 321 -15.84 -5.62 13.60
C ASN A 321 -16.74 -6.83 13.38
N ILE A 322 -17.38 -6.88 12.22
CA ILE A 322 -18.31 -7.95 11.89
C ILE A 322 -17.58 -9.27 11.56
N VAL A 323 -16.52 -9.18 10.77
CA VAL A 323 -15.75 -10.35 10.38
C VAL A 323 -15.25 -11.06 11.63
N THR A 324 -14.69 -10.29 12.55
CA THR A 324 -14.07 -10.81 13.76
C THR A 324 -15.09 -11.47 14.67
N ALA A 325 -16.24 -10.84 14.86
CA ALA A 325 -17.28 -11.36 15.75
C ALA A 325 -17.90 -12.64 15.20
N ILE A 326 -18.14 -12.71 13.90
CA ILE A 326 -18.62 -13.93 13.29
C ILE A 326 -17.56 -15.02 13.33
N TYR A 327 -16.30 -14.62 13.17
CA TYR A 327 -15.18 -15.58 13.10
C TYR A 327 -14.93 -16.25 14.45
N ILE A 328 -14.93 -15.48 15.53
CA ILE A 328 -14.74 -16.02 16.87
C ILE A 328 -15.92 -16.93 17.21
N ALA A 329 -17.13 -16.47 16.91
CA ALA A 329 -18.35 -17.23 17.16
C ALA A 329 -18.35 -18.58 16.43
N CYS A 330 -17.81 -18.62 15.20
CA CYS A 330 -17.95 -19.76 14.30
C CYS A 330 -16.67 -20.61 14.11
N GLY A 331 -15.69 -20.46 15.00
CA GLY A 331 -14.53 -21.33 14.99
C GLY A 331 -13.54 -21.09 13.86
N GLN A 332 -13.57 -19.89 13.31
CA GLN A 332 -12.64 -19.49 12.25
C GLN A 332 -11.31 -19.08 12.87
N ASP A 333 -10.31 -18.94 12.03
CA ASP A 333 -9.02 -18.39 12.45
C ASP A 333 -9.15 -16.85 12.50
N ALA A 334 -9.27 -16.30 13.72
CA ALA A 334 -9.55 -14.88 13.90
C ALA A 334 -8.44 -13.96 13.43
N ALA A 335 -7.20 -14.46 13.45
CA ALA A 335 -6.04 -13.76 12.91
C ALA A 335 -6.19 -13.44 11.42
N GLN A 336 -7.03 -14.19 10.73
CA GLN A 336 -7.26 -13.98 9.31
C GLN A 336 -8.24 -12.84 9.04
N ASN A 337 -8.72 -12.18 10.10
CA ASN A 337 -9.39 -10.91 9.96
C ASN A 337 -8.54 -9.89 9.20
N VAL A 338 -7.22 -10.04 9.23
CA VAL A 338 -6.36 -9.07 8.58
C VAL A 338 -6.70 -8.93 7.09
N GLY A 339 -6.75 -10.04 6.37
CA GLY A 339 -7.11 -10.06 4.96
C GLY A 339 -8.61 -10.23 4.70
N SER A 340 -9.28 -10.97 5.57
CA SER A 340 -10.71 -11.25 5.40
C SER A 340 -11.57 -9.98 5.55
N SER A 341 -11.04 -8.99 6.27
CA SER A 341 -11.70 -7.70 6.44
C SER A 341 -11.68 -6.80 5.19
N ASN A 342 -10.81 -7.09 4.23
CA ASN A 342 -10.75 -6.30 3.00
C ASN A 342 -12.15 -6.09 2.44
N CYS A 343 -12.49 -4.84 2.16
CA CYS A 343 -13.83 -4.48 1.73
C CYS A 343 -13.86 -3.08 1.14
N ILE A 344 -14.54 -2.94 0.00
CA ILE A 344 -14.94 -1.63 -0.50
C ILE A 344 -16.48 -1.51 -0.40
N THR A 345 -16.93 -0.50 0.31
CA THR A 345 -18.34 -0.20 0.51
C THR A 345 -18.71 0.96 -0.41
N LEU A 346 -19.72 0.75 -1.25
CA LEU A 346 -20.19 1.78 -2.19
C LEU A 346 -21.66 2.08 -1.98
N MET A 347 -22.03 3.34 -2.19
CA MET A 347 -23.38 3.84 -1.94
C MET A 347 -23.73 4.90 -2.99
N GLU A 348 -24.85 4.72 -3.66
CA GLU A 348 -25.34 5.66 -4.65
C GLU A 348 -26.87 5.80 -4.65
N ALA A 349 -27.38 6.77 -5.40
CA ALA A 349 -28.82 7.02 -5.50
C ALA A 349 -29.46 5.97 -6.41
N SER A 350 -30.70 5.58 -6.12
CA SER A 350 -31.37 4.51 -6.87
C SER A 350 -32.90 4.70 -6.98
N GLY A 351 -33.48 4.13 -8.05
CA GLY A 351 -34.92 4.15 -8.26
C GLY A 351 -35.45 5.33 -9.07
N PRO A 352 -36.76 5.33 -9.38
CA PRO A 352 -37.40 6.41 -10.13
C PRO A 352 -37.10 7.81 -9.59
N THR A 353 -37.24 7.99 -8.28
CA THR A 353 -36.99 9.27 -7.62
C THR A 353 -35.51 9.62 -7.58
N ASN A 354 -34.67 8.59 -7.52
CA ASN A 354 -33.24 8.76 -7.24
C ASN A 354 -33.03 9.18 -5.78
N GLU A 355 -33.93 8.72 -4.91
CA GLU A 355 -33.91 9.00 -3.48
C GLU A 355 -33.74 7.73 -2.62
N ASP A 356 -33.76 6.55 -3.26
CA ASP A 356 -33.48 5.29 -2.56
C ASP A 356 -31.97 5.05 -2.49
N LEU A 357 -31.54 4.32 -1.46
CA LEU A 357 -30.11 4.10 -1.21
C LEU A 357 -29.64 2.74 -1.74
N TYR A 358 -28.88 2.75 -2.83
CA TYR A 358 -28.19 1.55 -3.28
C TYR A 358 -26.91 1.38 -2.46
N ILE A 359 -26.68 0.19 -1.95
CA ILE A 359 -25.44 -0.12 -1.23
C ILE A 359 -24.85 -1.44 -1.70
N SER A 360 -23.53 -1.46 -1.85
CA SER A 360 -22.80 -2.70 -2.10
C SER A 360 -21.54 -2.80 -1.24
N CYS A 361 -21.25 -4.03 -0.80
CA CYS A 361 -19.96 -4.37 -0.21
C CYS A 361 -19.31 -5.45 -1.06
N THR A 362 -18.06 -5.20 -1.44
CA THR A 362 -17.24 -6.18 -2.14
C THR A 362 -16.05 -6.55 -1.27
N MET A 363 -15.92 -7.84 -0.99
CA MET A 363 -14.86 -8.41 -0.13
C MET A 363 -14.13 -9.52 -0.89
N PRO A 364 -12.96 -9.22 -1.47
CA PRO A 364 -12.30 -10.15 -2.39
C PRO A 364 -11.55 -11.31 -1.73
N SER A 365 -11.36 -11.27 -0.41
CA SER A 365 -10.46 -12.23 0.23
C SER A 365 -10.94 -12.72 1.60
N ILE A 366 -12.17 -13.22 1.64
CA ILE A 366 -12.73 -13.90 2.81
C ILE A 366 -12.16 -15.31 2.98
N GLU A 367 -11.40 -15.50 4.04
CA GLU A 367 -10.69 -16.75 4.30
C GLU A 367 -11.50 -17.50 5.34
N ILE A 368 -12.15 -18.57 4.91
CA ILE A 368 -13.22 -19.16 5.72
C ILE A 368 -13.41 -20.65 5.45
N GLY A 369 -14.08 -21.32 6.38
CA GLY A 369 -14.33 -22.75 6.28
C GLY A 369 -15.24 -23.27 7.38
N THR A 370 -15.92 -24.37 7.10
CA THR A 370 -16.86 -24.97 8.05
C THR A 370 -16.42 -26.35 8.50
N VAL A 371 -15.20 -26.74 8.11
CA VAL A 371 -14.54 -27.97 8.56
C VAL A 371 -13.11 -27.63 9.00
N GLY A 372 -12.62 -28.34 10.02
CA GLY A 372 -11.24 -28.19 10.46
C GLY A 372 -11.03 -27.06 11.43
N GLY A 373 -9.90 -27.10 12.13
CA GLY A 373 -9.52 -26.07 13.08
C GLY A 373 -10.53 -25.88 14.20
N GLY A 374 -10.90 -24.64 14.46
CA GLY A 374 -11.84 -24.31 15.53
C GLY A 374 -13.27 -24.81 15.28
N THR A 375 -13.62 -25.06 14.03
CA THR A 375 -14.95 -25.58 13.71
C THR A 375 -15.14 -27.03 14.16
N ASN A 376 -14.08 -27.69 14.62
CA ASN A 376 -14.18 -29.01 15.23
C ASN A 376 -14.74 -29.02 16.66
N LEU A 377 -14.85 -27.84 17.29
CA LEU A 377 -15.32 -27.75 18.68
C LEU A 377 -16.82 -27.53 18.73
N LEU A 378 -17.47 -28.07 19.74
CA LEU A 378 -18.94 -28.16 19.77
C LEU A 378 -19.65 -26.81 19.91
N PRO A 379 -19.21 -25.92 20.80
CA PRO A 379 -19.79 -24.59 20.88
C PRO A 379 -19.74 -23.82 19.55
N GLN A 380 -18.61 -23.83 18.86
CA GLN A 380 -18.52 -23.08 17.61
C GLN A 380 -19.31 -23.77 16.52
N GLN A 381 -19.49 -25.09 16.61
CA GLN A 381 -20.36 -25.84 15.71
C GLN A 381 -21.86 -25.52 15.90
N ALA A 382 -22.23 -25.14 17.12
CA ALA A 382 -23.59 -24.70 17.41
C ALA A 382 -23.89 -23.41 16.66
N CYS A 383 -22.92 -22.50 16.61
CA CYS A 383 -23.07 -21.24 15.86
C CYS A 383 -23.07 -21.48 14.33
N LEU A 384 -22.27 -22.42 13.85
CA LEU A 384 -22.32 -22.81 12.44
C LEU A 384 -23.66 -23.47 12.12
N GLN A 385 -24.21 -24.20 13.08
CA GLN A 385 -25.48 -24.89 12.88
C GLN A 385 -26.64 -23.90 12.76
N MET A 386 -26.60 -22.80 13.50
CA MET A 386 -27.57 -21.71 13.34
C MET A 386 -27.73 -21.35 11.86
N LEU A 387 -26.61 -21.15 11.19
CA LEU A 387 -26.59 -20.69 9.81
C LEU A 387 -26.84 -21.78 8.79
N GLY A 388 -26.84 -23.03 9.23
CA GLY A 388 -27.07 -24.18 8.36
C GLY A 388 -25.83 -24.57 7.56
N VAL A 389 -24.65 -24.25 8.10
CA VAL A 389 -23.38 -24.42 7.37
C VAL A 389 -22.33 -25.28 8.11
N GLN A 390 -22.71 -25.91 9.22
CA GLN A 390 -21.76 -26.73 9.97
C GLN A 390 -21.29 -27.92 9.14
N GLY A 391 -19.99 -28.16 9.18
CA GLY A 391 -19.40 -29.34 8.54
C GLY A 391 -19.45 -29.32 7.03
N ALA A 392 -19.15 -30.47 6.44
CA ALA A 392 -19.10 -30.60 5.00
C ALA A 392 -20.50 -30.76 4.40
N CYS A 393 -20.67 -30.15 3.24
CA CYS A 393 -21.83 -30.41 2.38
C CYS A 393 -21.44 -31.55 1.45
N LYS A 394 -22.04 -32.72 1.66
CA LYS A 394 -21.63 -33.94 0.93
C LYS A 394 -22.02 -33.90 -0.55
N ASP A 395 -23.25 -33.46 -0.82
CA ASP A 395 -23.79 -33.46 -2.18
C ASP A 395 -23.28 -32.28 -3.03
N ASN A 396 -22.64 -31.30 -2.41
CA ASN A 396 -22.06 -30.16 -3.13
C ASN A 396 -20.85 -29.57 -2.40
N PRO A 397 -19.73 -30.29 -2.42
CA PRO A 397 -18.51 -29.86 -1.72
C PRO A 397 -18.17 -28.37 -1.88
N GLY A 398 -18.08 -27.68 -0.74
CA GLY A 398 -17.72 -26.28 -0.70
C GLY A 398 -18.90 -25.35 -0.49
N GLU A 399 -20.13 -25.88 -0.61
CA GLU A 399 -21.31 -25.04 -0.59
C GLU A 399 -21.55 -24.38 0.77
N ASN A 400 -21.21 -25.07 1.85
CA ASN A 400 -21.36 -24.50 3.19
C ASN A 400 -20.41 -23.34 3.48
N ALA A 401 -19.15 -23.46 3.05
CA ALA A 401 -18.17 -22.41 3.25
C ALA A 401 -18.47 -21.24 2.34
N ARG A 402 -19.00 -21.52 1.15
CA ARG A 402 -19.44 -20.50 0.21
C ARG A 402 -20.58 -19.70 0.81
N GLN A 403 -21.53 -20.41 1.39
CA GLN A 403 -22.69 -19.81 2.04
C GLN A 403 -22.25 -18.96 3.24
N LEU A 404 -21.26 -19.44 3.98
CA LEU A 404 -20.77 -18.70 5.15
C LEU A 404 -20.09 -17.40 4.73
N ALA A 405 -19.41 -17.41 3.59
CA ALA A 405 -18.77 -16.20 3.07
C ALA A 405 -19.84 -15.19 2.64
N ARG A 406 -20.89 -15.69 2.00
CA ARG A 406 -22.03 -14.85 1.60
C ARG A 406 -22.67 -14.16 2.81
N ILE A 407 -22.81 -14.90 3.89
CA ILE A 407 -23.40 -14.41 5.14
C ILE A 407 -22.53 -13.37 5.81
N VAL A 408 -21.21 -13.56 5.72
CA VAL A 408 -20.25 -12.60 6.26
C VAL A 408 -20.34 -11.28 5.49
N CYS A 409 -20.34 -11.35 4.17
CA CYS A 409 -20.43 -10.16 3.33
C CYS A 409 -21.73 -9.41 3.58
N GLY A 410 -22.82 -10.15 3.75
CA GLY A 410 -24.13 -9.59 4.00
C GLY A 410 -24.27 -8.95 5.37
N THR A 411 -23.64 -9.54 6.37
CA THR A 411 -23.65 -8.97 7.72
C THR A 411 -22.76 -7.74 7.76
N VAL A 412 -21.66 -7.76 6.98
CA VAL A 412 -20.80 -6.61 6.87
C VAL A 412 -21.59 -5.43 6.29
N MET A 413 -22.36 -5.67 5.24
CA MET A 413 -23.19 -4.64 4.63
C MET A 413 -24.23 -4.09 5.61
N ALA A 414 -24.79 -4.95 6.47
CA ALA A 414 -25.70 -4.52 7.52
C ALA A 414 -25.01 -3.59 8.52
N GLY A 415 -23.82 -3.99 8.95
CA GLY A 415 -23.02 -3.19 9.85
C GLY A 415 -22.58 -1.87 9.24
N GLU A 416 -22.38 -1.87 7.92
CA GLU A 416 -21.98 -0.65 7.21
C GLU A 416 -23.13 0.35 7.20
N LEU A 417 -24.34 -0.13 6.92
CA LEU A 417 -25.54 0.72 6.87
C LEU A 417 -25.74 1.44 8.18
N SER A 418 -25.66 0.69 9.28
CA SER A 418 -25.96 1.23 10.61
C SER A 418 -24.93 2.22 11.15
N LEU A 419 -23.65 1.87 11.10
CA LEU A 419 -22.59 2.77 11.61
C LEU A 419 -22.45 4.03 10.75
N MET A 420 -22.65 3.89 9.45
CA MET A 420 -22.55 5.04 8.53
C MET A 420 -23.73 5.99 8.75
N ALA A 421 -24.87 5.46 9.16
CA ALA A 421 -26.03 6.30 9.49
C ALA A 421 -25.74 7.07 10.78
N ALA A 422 -25.17 6.41 11.78
CA ALA A 422 -24.79 7.04 13.03
C ALA A 422 -23.80 8.19 12.82
N LEU A 423 -22.78 7.97 12.00
CA LEU A 423 -21.78 9.01 11.71
C LEU A 423 -22.37 10.18 10.92
N ALA A 424 -23.30 9.89 10.02
CA ALA A 424 -23.96 10.90 9.22
C ALA A 424 -24.86 11.78 10.10
N ALA A 425 -25.58 11.15 11.03
CA ALA A 425 -26.50 11.86 11.90
C ALA A 425 -25.80 12.58 13.07
N GLY A 426 -24.47 12.57 13.07
CA GLY A 426 -23.68 13.27 14.08
C GLY A 426 -24.02 12.80 15.48
N HIS A 427 -23.49 11.62 15.84
CA HIS A 427 -23.79 10.88 17.07
C HIS A 427 -24.98 9.93 16.88
N GLU B 7 -52.47 -24.74 32.80
CA GLU B 7 -51.71 -23.83 33.70
C GLU B 7 -51.23 -22.55 32.99
N PRO B 8 -50.80 -22.65 31.72
CA PRO B 8 -50.61 -21.45 30.90
C PRO B 8 -51.91 -20.68 30.74
N ARG B 9 -51.88 -19.38 31.03
CA ARG B 9 -53.09 -18.57 31.10
C ARG B 9 -53.29 -17.84 29.79
N PRO B 10 -54.49 -17.31 29.54
CA PRO B 10 -54.73 -16.50 28.33
C PRO B 10 -53.88 -15.23 28.27
N ASN B 11 -53.73 -14.67 27.07
CA ASN B 11 -52.89 -13.50 26.86
C ASN B 11 -53.24 -12.29 27.74
N GLU B 12 -54.54 -11.98 27.83
CA GLU B 12 -54.99 -10.81 28.59
C GLU B 12 -54.70 -10.93 30.09
N GLU B 13 -54.82 -12.14 30.63
CA GLU B 13 -54.50 -12.40 32.03
C GLU B 13 -52.99 -12.29 32.27
N CYS B 14 -52.19 -12.83 31.35
CA CYS B 14 -50.73 -12.76 31.46
C CYS B 14 -50.25 -11.31 31.42
N LEU B 15 -50.92 -10.48 30.63
CA LEU B 15 -50.54 -9.08 30.47
C LEU B 15 -50.86 -8.19 31.68
N GLN B 16 -51.93 -8.50 32.41
CA GLN B 16 -52.23 -7.76 33.65
C GLN B 16 -51.17 -8.06 34.68
N ILE B 17 -50.68 -9.30 34.68
CA ILE B 17 -49.66 -9.73 35.62
C ILE B 17 -48.35 -9.04 35.26
N LEU B 18 -48.11 -8.90 33.96
CA LEU B 18 -46.89 -8.28 33.45
C LEU B 18 -46.90 -6.78 33.74
N GLY B 19 -48.09 -6.17 33.68
CA GLY B 19 -48.26 -4.75 33.95
C GLY B 19 -48.50 -4.44 35.43
N ASN B 20 -48.60 -5.49 36.25
CA ASN B 20 -48.68 -5.38 37.70
C ASN B 20 -47.26 -5.20 38.23
N ALA B 21 -47.02 -4.08 38.90
CA ALA B 21 -45.66 -3.70 39.29
C ALA B 21 -45.07 -4.49 40.45
N GLU B 22 -45.90 -5.16 41.25
CA GLU B 22 -45.39 -6.04 42.30
C GLU B 22 -45.43 -7.53 41.89
N LYS B 23 -45.77 -7.79 40.63
CA LYS B 23 -45.63 -9.13 40.05
C LYS B 23 -44.62 -9.11 38.89
N GLY B 24 -45.09 -8.92 37.65
CA GLY B 24 -44.24 -8.83 36.48
C GLY B 24 -44.01 -10.15 35.77
N ALA B 25 -42.89 -10.25 35.05
CA ALA B 25 -42.54 -11.45 34.29
C ALA B 25 -42.18 -12.64 35.20
N LYS B 26 -41.68 -12.34 36.40
CA LYS B 26 -41.33 -13.33 37.42
C LYS B 26 -42.50 -14.24 37.75
N PHE B 27 -43.72 -13.72 37.66
CA PHE B 27 -44.93 -14.48 37.97
C PHE B 27 -45.55 -15.14 36.73
N LEU B 28 -44.87 -15.08 35.58
CA LEU B 28 -45.26 -15.84 34.39
C LEU B 28 -44.24 -16.93 34.10
N SER B 29 -44.68 -18.00 33.43
CA SER B 29 -43.81 -19.08 33.01
C SER B 29 -43.10 -18.69 31.71
N ASP B 30 -42.00 -19.39 31.39
CA ASP B 30 -41.32 -19.20 30.12
C ASP B 30 -42.33 -19.30 28.98
N ALA B 31 -43.17 -20.31 29.02
CA ALA B 31 -44.17 -20.54 27.96
C ALA B 31 -45.17 -19.39 27.80
N GLU B 32 -45.55 -18.75 28.90
CA GLU B 32 -46.46 -17.59 28.83
C GLU B 32 -45.77 -16.34 28.26
N ILE B 33 -44.52 -16.12 28.60
CA ILE B 33 -43.79 -14.97 28.07
C ILE B 33 -43.62 -15.13 26.56
N ILE B 34 -43.32 -16.35 26.13
CA ILE B 34 -43.17 -16.68 24.71
C ILE B 34 -44.51 -16.58 23.96
N GLN B 35 -45.59 -16.95 24.63
CA GLN B 35 -46.95 -16.81 24.09
C GLN B 35 -47.24 -15.33 23.77
N LEU B 36 -46.89 -14.45 24.70
CA LEU B 36 -47.04 -13.00 24.54
C LEU B 36 -46.18 -12.46 23.40
N VAL B 37 -44.95 -12.94 23.28
CA VAL B 37 -44.03 -12.48 22.23
C VAL B 37 -44.55 -12.90 20.86
N ASN B 38 -45.03 -14.13 20.73
CA ASN B 38 -45.52 -14.64 19.45
C ASN B 38 -46.84 -13.99 19.03
N ALA B 39 -47.62 -13.50 19.99
CA ALA B 39 -48.86 -12.76 19.70
C ALA B 39 -48.63 -11.24 19.66
N LYS B 40 -47.37 -10.82 19.55
CA LYS B 40 -46.98 -9.42 19.31
C LYS B 40 -47.42 -8.43 20.41
N HIS B 41 -47.49 -8.91 21.64
CA HIS B 41 -47.83 -8.08 22.80
C HIS B 41 -46.57 -7.43 23.37
N ILE B 42 -45.47 -8.19 23.38
CA ILE B 42 -44.17 -7.69 23.81
C ILE B 42 -43.22 -7.75 22.63
N PRO B 43 -42.58 -6.63 22.28
CA PRO B 43 -41.45 -6.67 21.35
C PRO B 43 -40.26 -7.45 21.93
N ALA B 44 -39.59 -8.23 21.08
CA ALA B 44 -38.57 -9.18 21.53
C ALA B 44 -37.35 -8.49 22.18
N TYR B 45 -37.04 -7.28 21.72
CA TYR B 45 -35.90 -6.53 22.27
C TYR B 45 -36.16 -6.06 23.72
N LYS B 46 -37.43 -5.84 24.06
CA LYS B 46 -37.82 -5.41 25.40
C LYS B 46 -37.71 -6.50 26.48
N LEU B 47 -37.51 -7.76 26.07
CA LEU B 47 -37.29 -8.85 27.03
C LEU B 47 -36.21 -8.52 28.07
N GLU B 48 -35.17 -7.81 27.64
CA GLU B 48 -34.02 -7.49 28.49
C GLU B 48 -34.41 -6.78 29.80
N THR B 49 -35.26 -5.77 29.69
CA THR B 49 -35.65 -4.95 30.83
C THR B 49 -36.93 -5.43 31.55
N LEU B 50 -37.66 -6.34 30.93
CA LEU B 50 -38.89 -6.91 31.51
C LEU B 50 -38.58 -8.12 32.37
N ILE B 51 -37.62 -8.92 31.90
CA ILE B 51 -37.20 -10.11 32.61
C ILE B 51 -36.28 -9.73 33.76
N GLU B 52 -36.38 -10.51 34.83
CA GLU B 52 -35.80 -10.16 36.13
C GLU B 52 -34.31 -10.51 36.12
N THR B 53 -34.05 -11.81 36.03
CA THR B 53 -32.70 -12.33 36.02
C THR B 53 -32.22 -12.36 34.55
N HIS B 54 -30.94 -12.12 34.33
CA HIS B 54 -30.47 -11.95 32.95
C HIS B 54 -30.30 -13.27 32.26
N GLU B 55 -29.80 -14.24 33.01
CA GLU B 55 -29.75 -15.62 32.55
C GLU B 55 -31.10 -16.11 32.04
N ARG B 56 -32.19 -15.69 32.69
CA ARG B 56 -33.53 -16.07 32.24
C ARG B 56 -33.87 -15.39 30.93
N GLY B 57 -33.46 -14.14 30.79
CA GLY B 57 -33.57 -13.43 29.52
C GLY B 57 -32.84 -14.16 28.40
N VAL B 58 -31.63 -14.59 28.69
CA VAL B 58 -30.85 -15.38 27.74
C VAL B 58 -31.61 -16.68 27.41
N SER B 59 -32.15 -17.33 28.44
CA SER B 59 -32.84 -18.60 28.26
C SER B 59 -34.04 -18.49 27.33
N ILE B 60 -34.82 -17.41 27.47
CA ILE B 60 -36.03 -17.24 26.68
C ILE B 60 -35.68 -16.78 25.26
N ARG B 61 -34.66 -15.93 25.13
CA ARG B 61 -34.17 -15.53 23.82
C ARG B 61 -33.74 -16.77 23.02
N ARG B 62 -33.00 -17.67 23.67
CA ARG B 62 -32.62 -18.94 23.05
C ARG B 62 -33.83 -19.78 22.64
N GLN B 63 -34.85 -19.82 23.48
CA GLN B 63 -36.02 -20.64 23.18
C GLN B 63 -36.78 -20.12 21.96
N LEU B 64 -36.93 -18.81 21.87
CA LEU B 64 -37.53 -18.14 20.72
C LEU B 64 -36.69 -18.34 19.46
N LEU B 65 -35.38 -18.25 19.61
CA LEU B 65 -34.43 -18.40 18.51
C LEU B 65 -34.48 -19.81 17.94
N SER B 66 -34.50 -20.81 18.81
CA SER B 66 -34.45 -22.21 18.41
C SER B 66 -35.58 -22.58 17.47
N LYS B 67 -36.79 -22.09 17.75
CA LYS B 67 -37.97 -22.45 16.95
C LYS B 67 -37.95 -21.79 15.56
N LYS B 68 -37.05 -20.81 15.36
CA LYS B 68 -36.82 -20.19 14.04
C LYS B 68 -35.77 -20.89 13.18
N LEU B 69 -34.95 -21.76 13.77
CA LEU B 69 -33.84 -22.39 13.05
C LEU B 69 -34.27 -23.65 12.30
N SER B 70 -33.56 -23.96 11.22
CA SER B 70 -33.84 -25.13 10.41
C SER B 70 -33.68 -26.42 11.24
N GLU B 71 -32.72 -26.41 12.17
CA GLU B 71 -32.57 -27.48 13.15
C GLU B 71 -32.77 -26.90 14.56
N PRO B 72 -33.87 -27.27 15.24
CA PRO B 72 -34.19 -26.67 16.56
C PRO B 72 -33.17 -26.97 17.67
N SER B 73 -32.41 -28.06 17.55
CA SER B 73 -31.44 -28.44 18.57
C SER B 73 -30.03 -27.86 18.37
N SER B 74 -29.88 -26.90 17.45
CA SER B 74 -28.56 -26.39 17.11
C SER B 74 -27.84 -25.70 18.27
N LEU B 75 -28.56 -25.15 19.25
CA LEU B 75 -27.94 -24.45 20.38
C LEU B 75 -27.57 -25.35 21.56
N GLN B 76 -27.87 -26.64 21.49
CA GLN B 76 -27.59 -27.58 22.59
C GLN B 76 -26.22 -27.35 23.23
N TYR B 77 -25.17 -27.26 22.40
CA TYR B 77 -23.78 -27.17 22.88
C TYR B 77 -23.19 -25.75 22.89
N LEU B 78 -24.00 -24.73 22.58
CA LEU B 78 -23.64 -23.35 22.90
C LEU B 78 -24.00 -23.09 24.37
N PRO B 79 -23.01 -22.97 25.25
CA PRO B 79 -23.28 -22.82 26.69
C PRO B 79 -23.76 -21.42 27.03
N TYR B 80 -24.50 -21.29 28.14
CA TYR B 80 -24.99 -19.99 28.63
C TYR B 80 -25.07 -19.85 30.15
N ARG B 81 -25.18 -20.97 30.88
CA ARG B 81 -25.47 -20.96 32.31
C ARG B 81 -24.29 -20.52 33.17
N ASP B 82 -24.61 -19.92 34.31
CA ASP B 82 -23.64 -19.56 35.34
C ASP B 82 -22.45 -18.73 34.83
N TYR B 83 -22.73 -17.80 33.93
CA TYR B 83 -21.76 -16.80 33.48
C TYR B 83 -22.22 -15.43 33.97
N ASN B 84 -21.27 -14.54 34.24
CA ASN B 84 -21.58 -13.25 34.83
C ASN B 84 -22.02 -12.23 33.77
N TYR B 85 -23.27 -12.31 33.37
CA TYR B 85 -23.86 -11.37 32.41
C TYR B 85 -24.05 -9.97 32.98
N SER B 86 -23.88 -9.80 34.30
CA SER B 86 -24.02 -8.48 34.93
C SER B 86 -23.06 -7.45 34.36
N LEU B 87 -21.84 -7.88 34.03
CA LEU B 87 -20.80 -6.99 33.51
C LEU B 87 -20.83 -6.86 31.98
N VAL B 88 -21.66 -7.68 31.33
CA VAL B 88 -21.82 -7.68 29.87
C VAL B 88 -23.05 -6.90 29.41
N MET B 89 -24.21 -7.20 29.98
CA MET B 89 -25.47 -6.55 29.57
C MET B 89 -25.39 -5.03 29.64
N GLY B 90 -25.59 -4.39 28.49
CA GLY B 90 -25.53 -2.94 28.39
C GLY B 90 -24.13 -2.39 28.62
N ALA B 91 -23.14 -3.03 28.02
CA ALA B 91 -21.73 -2.66 28.20
C ALA B 91 -20.82 -3.32 27.16
N CYS B 92 -20.99 -4.64 26.96
CA CYS B 92 -20.19 -5.43 26.02
C CYS B 92 -20.99 -6.15 24.92
N CYS B 93 -22.26 -6.48 25.16
CA CYS B 93 -23.03 -7.27 24.17
C CYS B 93 -24.56 -7.15 24.29
N GLU B 94 -25.25 -7.36 23.16
CA GLU B 94 -26.72 -7.33 23.08
C GLU B 94 -27.29 -8.58 22.42
N ASN B 95 -28.59 -8.80 22.66
CA ASN B 95 -29.32 -10.00 22.23
C ASN B 95 -28.51 -11.28 22.50
N VAL B 96 -28.07 -11.41 23.74
CA VAL B 96 -27.12 -12.46 24.13
C VAL B 96 -27.81 -13.83 24.28
N ILE B 97 -27.27 -14.82 23.56
CA ILE B 97 -27.76 -16.20 23.60
C ILE B 97 -26.79 -17.18 24.26
N GLY B 98 -25.76 -16.67 24.93
CA GLY B 98 -24.73 -17.51 25.52
C GLY B 98 -23.32 -16.94 25.38
N TYR B 99 -22.32 -17.82 25.48
CA TYR B 99 -20.92 -17.42 25.34
C TYR B 99 -20.10 -18.50 24.62
N MET B 100 -18.93 -18.11 24.12
CA MET B 100 -18.11 -18.96 23.25
C MET B 100 -16.76 -19.17 23.92
N PRO B 101 -16.53 -20.37 24.45
CA PRO B 101 -15.24 -20.69 25.05
C PRO B 101 -14.14 -20.81 24.00
N ILE B 102 -13.10 -19.99 24.15
CA ILE B 102 -11.89 -20.08 23.35
C ILE B 102 -10.79 -20.61 24.27
N PRO B 103 -10.20 -21.76 23.95
CA PRO B 103 -9.15 -22.33 24.78
C PRO B 103 -8.01 -21.36 25.07
N VAL B 104 -7.54 -21.30 26.30
CA VAL B 104 -6.43 -20.43 26.67
C VAL B 104 -5.23 -21.29 27.00
N GLY B 105 -4.11 -21.02 26.33
CA GLY B 105 -2.84 -21.66 26.62
C GLY B 105 -1.86 -20.63 27.14
N VAL B 106 -0.68 -21.07 27.55
CA VAL B 106 0.30 -20.17 28.14
C VAL B 106 1.70 -20.44 27.58
N ALA B 107 2.31 -19.39 27.01
CA ALA B 107 3.69 -19.44 26.54
C ALA B 107 4.51 -18.57 27.45
N GLY B 108 5.68 -19.07 27.83
CA GLY B 108 6.55 -18.41 28.77
C GLY B 108 7.46 -19.40 29.50
N PRO B 109 8.39 -18.91 30.32
CA PRO B 109 8.57 -17.49 30.60
C PRO B 109 9.12 -16.69 29.43
N LEU B 110 8.50 -15.54 29.15
CA LEU B 110 9.04 -14.55 28.24
C LEU B 110 9.97 -13.64 29.05
N CYS B 111 11.26 -13.66 28.72
CA CYS B 111 12.25 -12.92 29.46
C CYS B 111 12.43 -11.57 28.79
N LEU B 112 11.74 -10.56 29.33
CA LEU B 112 11.62 -9.25 28.71
C LEU B 112 11.95 -8.15 29.70
N ASP B 113 12.92 -7.30 29.34
CA ASP B 113 13.36 -6.18 30.18
C ASP B 113 13.65 -6.61 31.62
N GLU B 114 14.47 -7.66 31.74
CA GLU B 114 14.90 -8.24 33.02
C GLU B 114 13.76 -8.81 33.88
N LYS B 115 12.60 -9.04 33.29
CA LYS B 115 11.46 -9.63 33.99
C LYS B 115 11.05 -10.92 33.29
N GLU B 116 10.07 -11.60 33.86
CA GLU B 116 9.55 -12.84 33.30
C GLU B 116 8.03 -12.77 33.26
N PHE B 117 7.47 -13.10 32.10
CA PHE B 117 6.03 -13.06 31.90
C PHE B 117 5.49 -14.41 31.48
N GLN B 118 4.28 -14.73 31.94
CA GLN B 118 3.58 -15.92 31.54
C GLN B 118 2.44 -15.44 30.66
N VAL B 119 2.64 -15.50 29.35
CA VAL B 119 1.74 -14.86 28.40
C VAL B 119 0.54 -15.74 28.06
N PRO B 120 -0.67 -15.28 28.31
CA PRO B 120 -1.88 -16.03 27.96
C PRO B 120 -2.27 -15.82 26.50
N MET B 121 -2.77 -16.88 25.86
CA MET B 121 -3.07 -16.90 24.44
C MET B 121 -4.33 -17.73 24.16
N ALA B 122 -5.38 -17.07 23.69
CA ALA B 122 -6.63 -17.71 23.36
C ALA B 122 -6.69 -17.96 21.86
N THR B 123 -6.55 -19.22 21.49
CA THR B 123 -6.54 -19.59 20.08
C THR B 123 -7.18 -20.96 19.83
N THR B 124 -7.55 -21.23 18.59
CA THR B 124 -7.93 -22.58 18.17
C THR B 124 -7.00 -23.12 17.08
N GLU B 125 -5.87 -22.46 16.87
CA GLU B 125 -4.89 -22.96 15.91
C GLU B 125 -3.87 -23.86 16.60
N GLY B 126 -3.83 -25.12 16.17
CA GLY B 126 -2.91 -26.11 16.70
C GLY B 126 -1.45 -25.70 16.55
N CYS B 127 -0.70 -25.93 17.62
CA CYS B 127 0.73 -25.68 17.71
C CYS B 127 1.15 -24.22 17.83
N LEU B 128 0.22 -23.28 17.91
CA LEU B 128 0.59 -21.88 18.00
C LEU B 128 1.23 -21.60 19.35
N VAL B 129 0.59 -22.11 20.40
CA VAL B 129 1.07 -21.88 21.77
C VAL B 129 2.41 -22.58 21.98
N ALA B 130 2.50 -23.85 21.62
CA ALA B 130 3.74 -24.60 21.76
C ALA B 130 4.87 -23.96 20.92
N SER B 131 4.55 -23.49 19.72
CA SER B 131 5.55 -22.85 18.86
C SER B 131 6.02 -21.52 19.45
N THR B 132 5.10 -20.71 19.96
CA THR B 132 5.45 -19.45 20.61
C THR B 132 6.29 -19.70 21.88
N ASN B 133 6.01 -20.82 22.55
CA ASN B 133 6.74 -21.25 23.75
C ASN B 133 8.18 -21.60 23.43
N ARG B 134 8.39 -22.25 22.29
CA ARG B 134 9.75 -22.53 21.82
C ARG B 134 10.53 -21.26 21.52
N GLY B 135 9.86 -20.25 20.97
CA GLY B 135 10.52 -18.98 20.70
C GLY B 135 10.91 -18.27 21.99
N CYS B 136 10.05 -18.39 22.99
CA CYS B 136 10.32 -17.84 24.31
C CYS B 136 11.56 -18.48 24.93
N ARG B 137 11.73 -19.78 24.72
CA ARG B 137 12.86 -20.54 25.28
C ARG B 137 14.16 -20.07 24.66
N ALA B 138 14.16 -19.93 23.33
CA ALA B 138 15.31 -19.41 22.60
C ALA B 138 15.75 -18.02 23.07
N ILE B 139 14.78 -17.19 23.41
CA ILE B 139 15.04 -15.84 23.91
C ILE B 139 15.63 -15.91 25.32
N GLY B 140 15.03 -16.74 26.16
CA GLY B 140 15.44 -16.89 27.55
C GLY B 140 16.87 -17.41 27.71
N LEU B 141 17.25 -18.37 26.86
CA LEU B 141 18.60 -18.92 26.89
C LEU B 141 19.58 -18.03 26.13
N GLY B 142 19.04 -17.07 25.37
CA GLY B 142 19.86 -16.06 24.71
C GLY B 142 20.13 -14.82 25.56
N GLY B 143 19.73 -14.84 26.83
CA GLY B 143 20.00 -13.74 27.73
C GLY B 143 18.94 -12.64 27.73
N GLY B 144 17.77 -12.93 27.15
CA GLY B 144 16.61 -12.07 27.23
C GLY B 144 16.39 -11.11 26.07
N ALA B 145 15.21 -10.53 26.05
CA ALA B 145 14.83 -9.50 25.07
C ALA B 145 14.74 -8.16 25.78
N SER B 146 14.95 -7.08 25.02
CA SER B 146 14.77 -5.72 25.53
C SER B 146 13.82 -4.97 24.61
N SER B 147 12.96 -4.13 25.20
CA SER B 147 11.95 -3.38 24.44
C SER B 147 11.77 -1.95 24.93
N ARG B 148 11.27 -1.08 24.05
CA ARG B 148 11.02 0.31 24.35
C ARG B 148 9.74 0.78 23.66
N VAL B 149 8.87 1.45 24.40
CA VAL B 149 7.74 2.13 23.81
C VAL B 149 8.27 3.44 23.25
N LEU B 150 8.16 3.61 21.94
CA LEU B 150 8.73 4.75 21.23
C LEU B 150 7.76 5.92 21.08
N ALA B 151 6.46 5.62 21.19
CA ALA B 151 5.42 6.64 21.11
C ALA B 151 4.11 6.07 21.65
N ASP B 152 3.18 6.96 21.96
CA ASP B 152 1.97 6.59 22.67
C ASP B 152 0.88 7.65 22.45
N GLY B 153 -0.22 7.24 21.82
CA GLY B 153 -1.36 8.12 21.62
C GLY B 153 -2.38 7.54 20.68
N MET B 154 -3.59 7.30 21.16
CA MET B 154 -4.72 6.89 20.32
C MET B 154 -5.11 8.07 19.43
N THR B 155 -5.66 7.78 18.26
CA THR B 155 -6.06 8.84 17.33
C THR B 155 -7.51 8.70 16.88
N ARG B 156 -8.02 9.83 16.40
CA ARG B 156 -9.33 9.93 15.77
C ARG B 156 -9.19 10.95 14.63
N GLY B 157 -9.76 10.61 13.47
CA GLY B 157 -9.51 11.36 12.26
C GLY B 157 -10.79 11.78 11.58
N PRO B 158 -11.51 12.76 12.15
CA PRO B 158 -12.74 13.27 11.54
C PRO B 158 -12.53 13.95 10.20
N VAL B 159 -13.58 13.97 9.40
CA VAL B 159 -13.61 14.74 8.17
C VAL B 159 -14.63 15.88 8.31
N VAL B 160 -14.18 17.10 8.03
CA VAL B 160 -15.06 18.26 7.98
C VAL B 160 -15.01 18.87 6.57
N ARG B 161 -16.07 19.57 6.20
CA ARG B 161 -16.16 20.22 4.90
C ARG B 161 -16.35 21.72 5.06
N LEU B 162 -15.60 22.49 4.28
CA LEU B 162 -15.77 23.93 4.22
C LEU B 162 -16.45 24.25 2.89
N PRO B 163 -16.99 25.46 2.75
CA PRO B 163 -17.64 25.87 1.50
C PRO B 163 -16.73 25.70 0.28
N ARG B 164 -15.48 26.12 0.39
CA ARG B 164 -14.50 26.00 -0.68
C ARG B 164 -13.19 25.43 -0.18
N ALA B 165 -12.39 24.91 -1.10
CA ALA B 165 -11.01 24.47 -0.80
C ALA B 165 -10.16 25.61 -0.22
N CYS B 166 -10.45 26.85 -0.63
CA CYS B 166 -9.75 28.01 -0.08
C CYS B 166 -10.05 28.19 1.41
N ASP B 167 -11.26 27.84 1.83
CA ASP B 167 -11.65 27.90 3.24
C ASP B 167 -11.09 26.73 4.06
N SER B 168 -10.98 25.55 3.45
CA SER B 168 -10.38 24.41 4.15
C SER B 168 -8.90 24.73 4.42
N ALA B 169 -8.25 25.34 3.44
CA ALA B 169 -6.88 25.82 3.57
C ALA B 169 -6.73 26.85 4.69
N GLU B 170 -7.73 27.74 4.82
CA GLU B 170 -7.73 28.75 5.86
C GLU B 170 -7.77 28.09 7.23
N VAL B 171 -8.65 27.10 7.38
CA VAL B 171 -8.82 26.37 8.63
C VAL B 171 -7.55 25.59 8.99
N LYS B 172 -6.86 25.04 7.99
CA LYS B 172 -5.63 24.28 8.20
C LYS B 172 -4.52 25.18 8.73
N ALA B 173 -4.30 26.30 8.05
CA ALA B 173 -3.32 27.30 8.46
C ALA B 173 -3.62 27.81 9.88
N TRP B 174 -4.90 27.96 10.21
CA TRP B 174 -5.33 28.42 11.54
C TRP B 174 -5.00 27.40 12.65
N LEU B 175 -5.18 26.10 12.35
CA LEU B 175 -4.86 25.03 13.29
C LEU B 175 -3.34 24.90 13.50
N GLU B 176 -2.56 25.32 12.50
CA GLU B 176 -1.11 25.27 12.58
C GLU B 176 -0.45 26.46 13.28
N THR B 177 -1.19 27.55 13.53
CA THR B 177 -0.66 28.64 14.37
C THR B 177 -0.61 28.16 15.82
N SER B 178 0.36 28.66 16.57
CA SER B 178 0.49 28.33 17.99
C SER B 178 -0.74 28.74 18.80
N GLU B 179 -1.37 29.85 18.42
CA GLU B 179 -2.51 30.38 19.18
C GLU B 179 -3.80 29.63 18.85
N GLY B 180 -3.95 29.20 17.60
CA GLY B 180 -5.12 28.45 17.19
C GLY B 180 -5.10 27.04 17.76
N PHE B 181 -3.95 26.39 17.70
CA PHE B 181 -3.77 25.06 18.27
C PHE B 181 -4.09 25.06 19.76
N ALA B 182 -3.60 26.08 20.46
CA ALA B 182 -3.80 26.22 21.90
C ALA B 182 -5.28 26.25 22.27
N VAL B 183 -6.09 26.93 21.47
CA VAL B 183 -7.53 27.00 21.72
C VAL B 183 -8.19 25.64 21.56
N ILE B 184 -7.80 24.91 20.51
CA ILE B 184 -8.31 23.58 20.24
C ILE B 184 -7.86 22.60 21.33
N LYS B 185 -6.57 22.68 21.67
CA LYS B 185 -5.97 21.84 22.72
C LYS B 185 -6.62 22.05 24.09
N GLU B 186 -7.06 23.28 24.39
CA GLU B 186 -7.74 23.55 25.66
C GLU B 186 -9.08 22.83 25.70
N ALA B 187 -9.85 22.96 24.62
CA ALA B 187 -11.14 22.29 24.52
C ALA B 187 -11.03 20.76 24.61
N PHE B 188 -10.02 20.20 23.95
CA PHE B 188 -9.80 18.74 23.94
C PHE B 188 -9.45 18.22 25.33
N ASP B 189 -8.44 18.83 25.93
CA ASP B 189 -7.88 18.40 27.22
C ASP B 189 -8.86 18.57 28.39
N SER B 190 -9.91 19.37 28.21
CA SER B 190 -10.88 19.66 29.27
C SER B 190 -11.84 18.49 29.52
N THR B 191 -11.88 17.54 28.60
CA THR B 191 -12.81 16.41 28.65
C THR B 191 -12.39 15.27 29.57
N SER B 192 -11.11 15.20 29.94
CA SER B 192 -10.58 14.07 30.71
C SER B 192 -9.20 14.37 31.28
N ARG B 193 -8.92 13.81 32.46
CA ARG B 193 -7.63 14.07 33.14
C ARG B 193 -6.43 13.50 32.38
N PHE B 194 -6.68 12.53 31.50
CA PHE B 194 -5.62 11.92 30.70
C PHE B 194 -5.40 12.63 29.36
N ALA B 195 -6.42 13.31 28.86
CA ALA B 195 -6.35 14.01 27.57
C ALA B 195 -5.22 15.04 27.52
N ARG B 196 -4.26 14.79 26.64
CA ARG B 196 -3.18 15.74 26.36
C ARG B 196 -2.92 15.78 24.85
N LEU B 197 -3.56 16.71 24.17
CA LEU B 197 -3.53 16.76 22.71
C LEU B 197 -2.12 17.07 22.23
N GLN B 198 -1.59 16.18 21.39
CA GLN B 198 -0.27 16.36 20.79
C GLN B 198 -0.44 17.15 19.49
N LYS B 199 0.66 17.43 18.81
CA LYS B 199 0.64 18.20 17.58
C LYS B 199 -0.37 17.63 16.58
N LEU B 200 -1.08 18.51 15.90
CA LEU B 200 -2.14 18.13 14.97
C LEU B 200 -1.55 17.78 13.60
N HIS B 201 -2.00 16.66 13.02
CA HIS B 201 -1.66 16.32 11.64
C HIS B 201 -2.92 16.49 10.76
N THR B 202 -2.79 17.22 9.66
CA THR B 202 -3.96 17.53 8.82
C THR B 202 -3.67 17.27 7.34
N SER B 203 -4.75 17.14 6.59
CA SER B 203 -4.70 16.77 5.19
C SER B 203 -5.93 17.27 4.44
N ILE B 204 -5.70 17.92 3.31
CA ILE B 204 -6.77 18.46 2.48
C ILE B 204 -7.02 17.58 1.26
N ALA B 205 -8.30 17.41 0.94
CA ALA B 205 -8.76 16.90 -0.35
C ALA B 205 -9.92 17.80 -0.82
N GLY B 206 -9.58 18.85 -1.54
CA GLY B 206 -10.57 19.80 -2.02
C GLY B 206 -11.12 20.58 -0.85
N ARG B 207 -12.44 20.58 -0.70
CA ARG B 207 -13.04 21.27 0.44
C ARG B 207 -13.10 20.43 1.70
N ASN B 208 -12.73 19.15 1.61
CA ASN B 208 -12.55 18.29 2.78
C ASN B 208 -11.28 18.64 3.53
N LEU B 209 -11.34 18.59 4.85
CA LEU B 209 -10.16 18.63 5.70
C LEU B 209 -10.23 17.47 6.70
N TYR B 210 -9.21 16.62 6.66
CA TYR B 210 -9.09 15.50 7.61
C TYR B 210 -8.15 15.97 8.72
N ILE B 211 -8.59 15.81 9.97
CA ILE B 211 -7.86 16.30 11.13
C ILE B 211 -7.59 15.12 12.07
N ARG B 212 -6.31 14.84 12.34
CA ARG B 212 -5.90 13.70 13.13
C ARG B 212 -5.52 14.12 14.54
N PHE B 213 -6.49 13.98 15.46
CA PHE B 213 -6.28 14.23 16.88
C PHE B 213 -5.61 13.03 17.52
N GLN B 214 -4.49 13.26 18.20
CA GLN B 214 -3.76 12.20 18.89
C GLN B 214 -3.50 12.60 20.35
N SER B 215 -3.71 11.66 21.26
CA SER B 215 -3.43 11.90 22.67
C SER B 215 -3.36 10.60 23.45
N ARG B 216 -2.58 10.62 24.53
CA ARG B 216 -2.59 9.56 25.53
C ARG B 216 -4.00 9.39 26.11
N SER B 217 -4.22 8.29 26.79
CA SER B 217 -5.55 7.94 27.30
C SER B 217 -5.48 7.13 28.59
N GLY B 218 -4.45 7.36 29.39
CA GLY B 218 -4.23 6.59 30.60
C GLY B 218 -3.87 5.17 30.24
N ASP B 219 -4.56 4.21 30.84
CA ASP B 219 -4.37 2.80 30.50
C ASP B 219 -5.50 2.27 29.63
N ALA B 220 -6.48 3.10 29.32
CA ALA B 220 -7.52 2.72 28.38
C ALA B 220 -6.94 2.67 26.97
N MET B 221 -7.56 1.88 26.11
CA MET B 221 -7.18 1.87 24.69
C MET B 221 -7.37 3.28 24.14
N GLY B 222 -8.49 3.90 24.53
CA GLY B 222 -8.67 5.34 24.40
C GLY B 222 -9.65 5.81 23.35
N MET B 223 -10.33 4.91 22.65
CA MET B 223 -11.18 5.31 21.52
C MET B 223 -12.31 6.25 21.95
N ASN B 224 -13.05 5.88 22.98
CA ASN B 224 -14.19 6.68 23.44
C ASN B 224 -13.79 8.01 24.07
N MET B 225 -12.62 8.02 24.70
CA MET B 225 -12.07 9.22 25.33
C MET B 225 -11.62 10.22 24.26
N ILE B 226 -10.91 9.73 23.25
CA ILE B 226 -10.39 10.57 22.19
C ILE B 226 -11.54 11.11 21.34
N SER B 227 -12.61 10.33 21.21
CA SER B 227 -13.76 10.70 20.40
C SER B 227 -14.55 11.81 21.09
N LYS B 228 -14.70 11.68 22.41
CA LYS B 228 -15.31 12.70 23.25
C LYS B 228 -14.54 14.03 23.15
N GLY B 229 -13.21 13.94 23.23
CA GLY B 229 -12.35 15.10 23.14
C GLY B 229 -12.31 15.70 21.74
N THR B 230 -12.54 14.87 20.73
CA THR B 230 -12.57 15.33 19.34
C THR B 230 -13.81 16.16 19.11
N GLU B 231 -14.95 15.69 19.61
CA GLU B 231 -16.24 16.37 19.46
C GLU B 231 -16.22 17.76 20.09
N LYS B 232 -15.63 17.85 21.28
CA LYS B 232 -15.52 19.10 22.01
C LYS B 232 -14.57 20.06 21.30
N ALA B 233 -13.54 19.50 20.67
CA ALA B 233 -12.54 20.29 19.94
C ALA B 233 -13.11 20.87 18.65
N LEU B 234 -13.94 20.10 17.96
CA LEU B 234 -14.57 20.54 16.72
C LEU B 234 -15.69 21.53 16.99
N SER B 235 -16.33 21.41 18.16
CA SER B 235 -17.33 22.37 18.61
C SER B 235 -16.67 23.73 18.74
N LYS B 236 -15.49 23.75 19.35
CA LYS B 236 -14.72 24.98 19.51
C LYS B 236 -14.26 25.53 18.15
N LEU B 237 -13.85 24.64 17.26
CA LEU B 237 -13.43 25.03 15.91
C LEU B 237 -14.59 25.65 15.11
N HIS B 238 -15.80 25.18 15.37
CA HIS B 238 -16.99 25.68 14.69
C HIS B 238 -17.30 27.13 15.08
N GLU B 239 -16.87 27.52 16.28
CA GLU B 239 -17.05 28.91 16.75
C GLU B 239 -16.24 29.90 15.93
N TYR B 240 -15.06 29.49 15.48
CA TYR B 240 -14.20 30.32 14.63
C TYR B 240 -14.53 30.20 13.13
N PHE B 241 -15.20 29.12 12.74
CA PHE B 241 -15.53 28.84 11.34
C PHE B 241 -16.92 28.23 11.26
N PRO B 242 -17.96 29.05 11.45
CA PRO B 242 -19.34 28.54 11.49
C PRO B 242 -19.87 28.04 10.13
N GLU B 243 -19.15 28.26 9.04
CA GLU B 243 -19.50 27.64 7.76
C GLU B 243 -19.04 26.17 7.67
N MET B 244 -18.13 25.76 8.56
CA MET B 244 -17.64 24.39 8.60
C MET B 244 -18.75 23.41 8.91
N GLN B 245 -18.74 22.27 8.23
CA GLN B 245 -19.69 21.19 8.42
C GLN B 245 -18.94 19.97 8.93
N ILE B 246 -19.34 19.43 10.08
CA ILE B 246 -18.71 18.23 10.61
C ILE B 246 -19.38 17.02 9.98
N LEU B 247 -18.77 16.49 8.92
CA LEU B 247 -19.40 15.42 8.15
C LEU B 247 -19.40 14.08 8.88
N ALA B 248 -18.26 13.72 9.48
CA ALA B 248 -18.16 12.48 10.23
C ALA B 248 -17.05 12.57 11.29
N VAL B 249 -17.36 12.16 12.52
CA VAL B 249 -16.39 12.23 13.61
C VAL B 249 -15.22 11.27 13.34
N SER B 250 -15.47 10.26 12.51
CA SER B 250 -14.40 9.49 11.85
C SER B 250 -14.58 9.55 10.33
N GLY B 251 -13.61 10.18 9.67
CA GLY B 251 -13.52 10.15 8.22
C GLY B 251 -12.43 9.19 7.76
N ASN B 252 -12.24 8.10 8.52
CA ASN B 252 -11.26 7.07 8.17
C ASN B 252 -9.79 7.52 8.18
N TYR B 253 -9.51 8.67 8.78
CA TYR B 253 -8.15 9.20 8.79
C TYR B 253 -7.46 8.83 10.11
N CYS B 254 -8.14 8.06 10.95
CA CYS B 254 -7.64 7.72 12.28
C CYS B 254 -6.31 6.92 12.23
N THR B 255 -6.26 5.72 11.63
CA THR B 255 -7.38 5.02 11.03
C THR B 255 -7.67 3.82 11.91
N ASP B 256 -8.94 3.53 12.12
CA ASP B 256 -9.36 2.47 13.02
C ASP B 256 -9.89 1.26 12.26
N LYS B 257 -9.26 0.11 12.50
CA LYS B 257 -9.72 -1.19 12.01
C LYS B 257 -9.80 -1.35 10.48
N LYS B 258 -8.97 -0.60 9.76
CA LYS B 258 -8.70 -0.81 8.33
C LYS B 258 -7.21 -0.63 8.10
N PRO B 259 -6.65 -1.32 7.11
CA PRO B 259 -5.25 -1.09 6.72
C PRO B 259 -5.03 0.33 6.24
N ALA B 260 -3.97 0.97 6.72
CA ALA B 260 -3.69 2.35 6.38
C ALA B 260 -2.24 2.69 6.61
N ALA B 261 -1.62 3.29 5.59
CA ALA B 261 -0.23 3.67 5.67
C ALA B 261 0.01 4.73 6.73
N ILE B 262 -1.02 5.53 7.06
CA ILE B 262 -0.85 6.57 8.06
C ILE B 262 -0.52 5.96 9.44
N ASN B 263 -1.16 4.85 9.82
CA ASN B 263 -0.85 4.22 11.12
C ASN B 263 0.57 3.67 11.17
N TRP B 264 1.03 3.15 10.04
CA TRP B 264 2.38 2.65 9.86
C TRP B 264 3.44 3.76 10.01
N ILE B 265 3.16 4.90 9.41
CA ILE B 265 4.13 5.97 9.29
C ILE B 265 4.10 6.90 10.49
N GLU B 266 2.90 7.13 11.05
CA GLU B 266 2.73 8.07 12.17
C GLU B 266 2.63 7.36 13.50
N GLY B 267 2.25 6.09 13.47
CA GLY B 267 1.91 5.34 14.65
C GLY B 267 0.45 5.56 15.01
N ARG B 268 -0.10 4.61 15.77
CA ARG B 268 -1.40 4.74 16.40
C ARG B 268 -1.37 3.89 17.65
N GLY B 269 -1.93 4.39 18.75
CA GLY B 269 -1.78 3.74 20.03
C GLY B 269 -0.30 3.71 20.39
N LYS B 270 0.21 2.53 20.72
CA LYS B 270 1.58 2.37 21.17
C LYS B 270 2.49 1.91 20.03
N SER B 271 3.60 2.62 19.82
CA SER B 271 4.63 2.18 18.90
C SER B 271 5.72 1.55 19.77
N VAL B 272 6.13 0.34 19.42
CA VAL B 272 7.02 -0.49 20.25
C VAL B 272 8.09 -1.14 19.38
N VAL B 273 9.27 -1.33 19.96
CA VAL B 273 10.34 -2.08 19.32
C VAL B 273 10.92 -3.05 20.33
N CYS B 274 11.22 -4.26 19.88
CA CYS B 274 11.74 -5.32 20.72
C CYS B 274 12.95 -5.91 20.01
N GLU B 275 13.88 -6.46 20.77
CA GLU B 275 15.08 -7.08 20.19
C GLU B 275 15.64 -8.17 21.08
N ALA B 276 16.61 -8.91 20.54
CA ALA B 276 17.32 -9.95 21.29
C ALA B 276 18.46 -10.46 20.41
N VAL B 277 19.49 -11.01 21.04
CA VAL B 277 20.55 -11.71 20.33
C VAL B 277 20.51 -13.15 20.80
N ILE B 278 20.41 -14.07 19.84
CA ILE B 278 20.33 -15.49 20.13
C ILE B 278 21.67 -16.11 19.76
N PRO B 279 22.45 -16.56 20.75
CA PRO B 279 23.72 -17.22 20.47
C PRO B 279 23.54 -18.38 19.50
N ALA B 280 24.55 -18.66 18.69
CA ALA B 280 24.49 -19.72 17.68
C ALA B 280 24.10 -21.06 18.28
N LYS B 281 24.57 -21.32 19.50
CA LYS B 281 24.32 -22.57 20.21
C LYS B 281 22.84 -22.75 20.51
N VAL B 282 22.19 -21.67 20.95
CA VAL B 282 20.75 -21.67 21.22
C VAL B 282 19.94 -21.78 19.91
N VAL B 283 20.43 -21.16 18.84
CA VAL B 283 19.78 -21.26 17.53
C VAL B 283 19.79 -22.71 17.08
N ARG B 284 20.89 -23.41 17.35
CA ARG B 284 21.04 -24.82 17.00
C ARG B 284 20.11 -25.72 17.81
N GLU B 285 20.16 -25.59 19.13
CA GLU B 285 19.54 -26.56 20.04
C GLU B 285 18.03 -26.36 20.23
N VAL B 286 17.60 -25.11 20.33
CA VAL B 286 16.19 -24.75 20.47
C VAL B 286 15.51 -24.70 19.10
N LEU B 287 16.06 -23.92 18.19
CA LEU B 287 15.40 -23.64 16.90
C LEU B 287 15.76 -24.61 15.75
N LYS B 288 16.74 -25.49 15.99
CA LYS B 288 17.10 -26.57 15.05
C LYS B 288 17.62 -26.10 13.69
N THR B 289 18.24 -24.92 13.66
CA THR B 289 18.76 -24.38 12.41
C THR B 289 19.99 -23.48 12.66
N THR B 290 20.37 -22.74 11.63
CA THR B 290 21.49 -21.80 11.71
C THR B 290 21.02 -20.35 11.52
N THR B 291 21.82 -19.43 12.02
CA THR B 291 21.61 -18.01 11.85
C THR B 291 21.57 -17.66 10.36
N GLU B 292 22.52 -18.20 9.60
CA GLU B 292 22.59 -17.96 8.15
C GLU B 292 21.28 -18.29 7.43
N ALA B 293 20.70 -19.45 7.75
CA ALA B 293 19.46 -19.89 7.11
C ALA B 293 18.27 -19.01 7.49
N MET B 294 18.22 -18.58 8.75
CA MET B 294 17.15 -17.75 9.24
C MET B 294 17.17 -16.37 8.61
N ILE B 295 18.37 -15.82 8.43
CA ILE B 295 18.53 -14.52 7.79
C ILE B 295 18.08 -14.57 6.32
N GLU B 296 18.50 -15.60 5.59
CA GLU B 296 18.15 -15.72 4.17
C GLU B 296 16.63 -15.85 3.99
N VAL B 297 15.98 -16.63 4.85
CA VAL B 297 14.52 -16.73 4.82
C VAL B 297 13.89 -15.39 5.18
N ASN B 298 14.41 -14.69 6.19
CA ASN B 298 13.78 -13.44 6.62
C ASN B 298 13.84 -12.37 5.57
N ILE B 299 14.99 -12.23 4.94
CA ILE B 299 15.16 -11.26 3.88
C ILE B 299 14.19 -11.56 2.73
N ASN B 300 14.11 -12.82 2.30
CA ASN B 300 13.43 -13.11 1.04
C ASN B 300 11.94 -13.40 1.18
N LYS B 301 11.49 -13.62 2.40
CA LYS B 301 10.08 -13.80 2.73
C LYS B 301 9.51 -12.51 3.29
N ASN B 302 10.04 -12.06 4.42
CA ASN B 302 9.45 -10.95 5.16
C ASN B 302 9.76 -9.56 4.61
N LEU B 303 10.84 -9.42 3.85
CA LEU B 303 11.11 -8.16 3.15
C LEU B 303 10.74 -8.28 1.68
N VAL B 304 11.43 -9.13 0.92
CA VAL B 304 11.24 -9.20 -0.52
C VAL B 304 9.87 -9.77 -0.94
N GLY B 305 9.43 -10.82 -0.25
CA GLY B 305 8.15 -11.44 -0.55
C GLY B 305 6.99 -10.51 -0.28
N SER B 306 6.98 -9.93 0.91
CA SER B 306 6.01 -8.91 1.29
C SER B 306 6.04 -7.73 0.30
N ALA B 307 7.23 -7.39 -0.19
CA ALA B 307 7.36 -6.31 -1.15
C ALA B 307 6.72 -6.68 -2.50
N MET B 308 6.91 -7.93 -2.95
CA MET B 308 6.36 -8.38 -4.24
C MET B 308 4.84 -8.55 -4.15
N ALA B 309 4.34 -8.79 -2.94
CA ALA B 309 2.91 -8.93 -2.69
C ALA B 309 2.23 -7.57 -2.58
N GLY B 310 3.01 -6.49 -2.63
CA GLY B 310 2.50 -5.14 -2.43
C GLY B 310 1.95 -4.91 -1.03
N SER B 311 2.74 -5.21 -0.01
CA SER B 311 2.32 -5.03 1.38
C SER B 311 2.68 -3.66 1.92
N ILE B 312 1.77 -3.07 2.69
CA ILE B 312 2.06 -1.92 3.54
C ILE B 312 1.98 -2.44 4.96
N GLY B 313 3.12 -2.54 5.64
CA GLY B 313 3.15 -2.87 7.06
C GLY B 313 3.12 -4.35 7.42
N GLY B 314 3.13 -5.23 6.42
CA GLY B 314 3.05 -6.67 6.65
C GLY B 314 4.37 -7.37 6.40
N TYR B 315 5.44 -6.82 6.95
CA TYR B 315 6.79 -7.35 6.72
C TYR B 315 7.18 -8.27 7.88
N ASN B 316 6.39 -9.32 8.05
CA ASN B 316 6.52 -10.27 9.15
C ASN B 316 5.86 -11.59 8.78
N ALA B 317 6.07 -12.62 9.58
CA ALA B 317 5.58 -13.95 9.26
C ALA B 317 4.17 -14.17 9.77
N HIS B 318 3.97 -14.05 11.07
CA HIS B 318 2.65 -14.26 11.67
C HIS B 318 2.38 -13.46 12.95
N ALA B 319 2.87 -12.23 12.99
CA ALA B 319 2.56 -11.33 14.07
C ALA B 319 1.07 -11.37 14.45
N ALA B 320 0.19 -11.47 13.45
CA ALA B 320 -1.25 -11.42 13.70
C ALA B 320 -1.74 -12.60 14.54
N ASN B 321 -1.07 -13.75 14.41
CA ASN B 321 -1.37 -14.93 15.22
C ASN B 321 -1.23 -14.64 16.71
N ILE B 322 -0.11 -14.05 17.10
CA ILE B 322 0.18 -13.76 18.49
C ILE B 322 -0.67 -12.59 18.98
N VAL B 323 -0.76 -11.53 18.18
CA VAL B 323 -1.55 -10.36 18.54
C VAL B 323 -2.99 -10.81 18.84
N THR B 324 -3.56 -11.61 17.94
CA THR B 324 -4.95 -12.04 18.06
C THR B 324 -5.18 -12.91 19.29
N ALA B 325 -4.23 -13.81 19.57
CA ALA B 325 -4.36 -14.72 20.69
C ALA B 325 -4.32 -13.98 22.02
N ILE B 326 -3.38 -13.05 22.18
CA ILE B 326 -3.29 -12.25 23.41
C ILE B 326 -4.51 -11.34 23.57
N TYR B 327 -4.97 -10.78 22.47
CA TYR B 327 -6.09 -9.84 22.46
C TYR B 327 -7.37 -10.49 22.94
N ILE B 328 -7.63 -11.73 22.52
CA ILE B 328 -8.82 -12.45 22.95
C ILE B 328 -8.71 -12.82 24.44
N ALA B 329 -7.52 -13.23 24.86
CA ALA B 329 -7.27 -13.61 26.25
C ALA B 329 -7.43 -12.45 27.22
N CYS B 330 -7.02 -11.26 26.77
CA CYS B 330 -6.83 -10.10 27.65
C CYS B 330 -7.90 -9.04 27.49
N GLY B 331 -8.98 -9.38 26.79
CA GLY B 331 -10.16 -8.55 26.72
C GLY B 331 -10.02 -7.34 25.85
N GLN B 332 -9.07 -7.40 24.90
CA GLN B 332 -8.89 -6.34 23.92
C GLN B 332 -9.94 -6.44 22.82
N ASP B 333 -9.89 -5.49 21.90
CA ASP B 333 -10.76 -5.45 20.74
C ASP B 333 -10.02 -6.20 19.65
N ALA B 334 -10.49 -7.41 19.34
CA ALA B 334 -9.78 -8.30 18.43
C ALA B 334 -9.85 -7.84 16.96
N ALA B 335 -10.82 -7.00 16.63
CA ALA B 335 -10.91 -6.40 15.30
C ALA B 335 -9.77 -5.41 15.08
N GLN B 336 -9.24 -4.85 16.16
CA GLN B 336 -8.06 -3.98 16.06
C GLN B 336 -6.76 -4.74 15.76
N ASN B 337 -6.81 -6.05 15.62
CA ASN B 337 -5.66 -6.79 15.15
C ASN B 337 -5.22 -6.38 13.73
N VAL B 338 -6.15 -5.81 12.96
CA VAL B 338 -5.86 -5.37 11.59
C VAL B 338 -4.66 -4.44 11.53
N GLY B 339 -4.70 -3.38 12.33
CA GLY B 339 -3.59 -2.45 12.44
C GLY B 339 -2.56 -2.82 13.49
N SER B 340 -3.00 -3.41 14.61
CA SER B 340 -2.10 -3.75 15.72
C SER B 340 -1.04 -4.81 15.34
N SER B 341 -1.36 -5.65 14.36
CA SER B 341 -0.44 -6.62 13.77
C SER B 341 0.65 -6.05 12.86
N ASN B 342 0.53 -4.78 12.48
CA ASN B 342 1.57 -4.14 11.69
C ASN B 342 2.90 -4.44 12.36
N CYS B 343 3.84 -4.96 11.61
CA CYS B 343 5.13 -5.38 12.15
C CYS B 343 6.16 -5.56 11.05
N ILE B 344 7.37 -5.08 11.27
CA ILE B 344 8.51 -5.43 10.45
C ILE B 344 9.53 -6.22 11.28
N THR B 345 9.79 -7.47 10.87
CA THR B 345 10.71 -8.36 11.55
C THR B 345 12.05 -8.32 10.80
N LEU B 346 13.14 -8.02 11.51
CA LEU B 346 14.47 -7.92 10.92
C LEU B 346 15.45 -8.91 11.56
N MET B 347 16.21 -9.60 10.72
CA MET B 347 17.16 -10.60 11.16
C MET B 347 18.53 -10.31 10.55
N GLU B 348 19.55 -10.41 11.40
CA GLU B 348 20.88 -9.95 11.09
C GLU B 348 21.92 -10.86 11.73
N ALA B 349 23.11 -10.90 11.15
CA ALA B 349 24.20 -11.67 11.74
C ALA B 349 24.90 -10.83 12.80
N SER B 350 25.29 -11.48 13.89
CA SER B 350 25.97 -10.84 15.01
C SER B 350 27.14 -11.71 15.50
N GLY B 351 28.03 -11.12 16.29
CA GLY B 351 29.13 -11.87 16.87
C GLY B 351 30.32 -11.95 15.93
N PRO B 352 31.42 -12.52 16.42
CA PRO B 352 32.71 -12.51 15.72
C PRO B 352 32.78 -13.37 14.46
N THR B 353 31.90 -14.35 14.32
CA THR B 353 31.84 -15.18 13.11
C THR B 353 30.48 -15.12 12.40
N ASN B 354 29.70 -14.08 12.68
CA ASN B 354 28.38 -13.89 12.08
C ASN B 354 27.46 -15.10 12.25
N GLU B 355 27.56 -15.75 13.40
CA GLU B 355 26.82 -16.98 13.66
C GLU B 355 25.74 -16.81 14.74
N ASP B 356 25.76 -15.69 15.47
CA ASP B 356 24.66 -15.32 16.36
C ASP B 356 23.60 -14.56 15.56
N LEU B 357 22.38 -14.56 16.08
CA LEU B 357 21.24 -14.00 15.38
C LEU B 357 20.70 -12.80 16.13
N TYR B 358 20.99 -11.61 15.61
CA TYR B 358 20.24 -10.42 16.02
C TYR B 358 18.84 -10.51 15.43
N ILE B 359 17.83 -10.33 16.27
CA ILE B 359 16.45 -10.22 15.81
C ILE B 359 15.76 -9.03 16.48
N SER B 360 14.97 -8.31 15.70
CA SER B 360 14.11 -7.25 16.24
C SER B 360 12.75 -7.24 15.53
N CYS B 361 11.70 -6.94 16.29
CA CYS B 361 10.39 -6.65 15.73
C CYS B 361 10.01 -5.22 16.07
N THR B 362 9.53 -4.48 15.07
CA THR B 362 9.05 -3.12 15.27
C THR B 362 7.58 -3.04 14.89
N MET B 363 6.76 -2.63 15.85
CA MET B 363 5.32 -2.60 15.70
C MET B 363 4.80 -1.21 16.02
N PRO B 364 4.57 -0.38 15.01
CA PRO B 364 4.24 1.05 15.22
C PRO B 364 2.84 1.37 15.72
N SER B 365 1.91 0.43 15.66
CA SER B 365 0.51 0.74 15.95
C SER B 365 -0.24 -0.30 16.78
N ILE B 366 0.31 -0.67 17.93
CA ILE B 366 -0.37 -1.55 18.89
C ILE B 366 -1.49 -0.79 19.62
N GLU B 367 -2.73 -1.21 19.38
CA GLU B 367 -3.90 -0.55 19.96
C GLU B 367 -4.42 -1.38 21.12
N ILE B 368 -4.09 -0.92 22.32
CA ILE B 368 -4.19 -1.74 23.51
C ILE B 368 -4.56 -0.96 24.79
N GLY B 369 -5.24 -1.65 25.71
CA GLY B 369 -5.60 -1.07 27.00
C GLY B 369 -5.80 -2.12 28.08
N THR B 370 -5.71 -1.71 29.33
CA THR B 370 -5.97 -2.58 30.49
C THR B 370 -7.17 -2.12 31.34
N VAL B 371 -7.77 -1.00 30.96
CA VAL B 371 -9.04 -0.53 31.54
C VAL B 371 -10.09 -0.42 30.45
N GLY B 372 -11.34 -0.70 30.80
CA GLY B 372 -12.46 -0.53 29.89
C GLY B 372 -12.65 -1.66 28.89
N GLY B 373 -13.76 -1.62 28.17
CA GLY B 373 -14.08 -2.61 27.17
C GLY B 373 -14.19 -4.01 27.76
N GLY B 374 -13.52 -4.96 27.12
CA GLY B 374 -13.53 -6.34 27.54
C GLY B 374 -12.67 -6.62 28.77
N THR B 375 -11.82 -5.67 29.15
CA THR B 375 -11.01 -5.80 30.36
C THR B 375 -11.82 -5.58 31.65
N ASN B 376 -13.12 -5.30 31.50
CA ASN B 376 -14.05 -5.18 32.62
C ASN B 376 -14.61 -6.52 33.06
N LEU B 377 -14.49 -7.55 32.22
CA LEU B 377 -14.99 -8.88 32.54
C LEU B 377 -13.92 -9.65 33.31
N LEU B 378 -14.34 -10.45 34.29
CA LEU B 378 -13.41 -11.05 35.25
C LEU B 378 -12.43 -12.08 34.65
N PRO B 379 -12.89 -12.98 33.77
CA PRO B 379 -11.97 -13.95 33.14
C PRO B 379 -10.85 -13.27 32.35
N GLN B 380 -11.19 -12.21 31.63
CA GLN B 380 -10.22 -11.45 30.86
C GLN B 380 -9.26 -10.74 31.83
N GLN B 381 -9.81 -10.26 32.95
CA GLN B 381 -9.00 -9.65 34.00
C GLN B 381 -8.01 -10.65 34.62
N ALA B 382 -8.38 -11.92 34.67
CA ALA B 382 -7.47 -12.94 35.21
C ALA B 382 -6.22 -13.07 34.36
N CYS B 383 -6.39 -12.99 33.05
CA CYS B 383 -5.25 -13.04 32.13
C CYS B 383 -4.40 -11.77 32.22
N LEU B 384 -5.06 -10.63 32.44
CA LEU B 384 -4.32 -9.38 32.68
C LEU B 384 -3.54 -9.46 34.00
N GLN B 385 -4.14 -10.03 35.04
CA GLN B 385 -3.49 -10.23 36.33
C GLN B 385 -2.26 -11.14 36.23
N MET B 386 -2.37 -12.17 35.38
CA MET B 386 -1.25 -13.05 35.06
C MET B 386 0.01 -12.26 34.73
N LEU B 387 -0.14 -11.23 33.91
CA LEU B 387 0.97 -10.40 33.47
C LEU B 387 1.29 -9.21 34.40
N GLY B 388 0.46 -9.01 35.42
CA GLY B 388 0.65 -7.94 36.40
C GLY B 388 0.30 -6.56 35.87
N VAL B 389 -0.66 -6.51 34.95
CA VAL B 389 -1.02 -5.28 34.22
C VAL B 389 -2.51 -4.93 34.27
N GLN B 390 -3.28 -5.61 35.12
CA GLN B 390 -4.72 -5.40 35.17
C GLN B 390 -5.07 -4.01 35.69
N GLY B 391 -6.07 -3.38 35.09
CA GLY B 391 -6.59 -2.11 35.54
C GLY B 391 -5.61 -0.95 35.42
N ALA B 392 -5.92 0.13 36.15
CA ALA B 392 -5.18 1.37 36.06
C ALA B 392 -3.99 1.40 37.01
N CYS B 393 -2.90 2.00 36.54
CA CYS B 393 -1.73 2.27 37.36
C CYS B 393 -1.92 3.66 37.99
N LYS B 394 -2.12 3.71 39.31
CA LYS B 394 -2.45 4.97 40.00
C LYS B 394 -1.32 6.00 39.92
N ASP B 395 -0.10 5.56 40.24
CA ASP B 395 1.05 6.45 40.41
C ASP B 395 1.70 6.87 39.08
N ASN B 396 1.86 5.92 38.16
CA ASN B 396 2.38 6.18 36.82
C ASN B 396 1.31 5.82 35.78
N PRO B 397 0.42 6.77 35.46
CA PRO B 397 -0.68 6.46 34.53
C PRO B 397 -0.17 6.07 33.15
N GLY B 398 -0.72 4.97 32.63
CA GLY B 398 -0.35 4.44 31.33
C GLY B 398 0.59 3.26 31.37
N GLU B 399 1.25 3.04 32.50
CA GLU B 399 2.30 2.02 32.61
C GLU B 399 1.79 0.60 32.33
N ASN B 400 0.55 0.31 32.71
CA ASN B 400 -0.02 -1.02 32.51
C ASN B 400 -0.33 -1.33 31.04
N ALA B 401 -0.87 -0.36 30.32
CA ALA B 401 -1.13 -0.50 28.89
C ALA B 401 0.19 -0.56 28.13
N ARG B 402 1.13 0.31 28.50
CA ARG B 402 2.47 0.32 27.91
C ARG B 402 3.18 -1.02 28.10
N GLN B 403 3.09 -1.58 29.31
CA GLN B 403 3.74 -2.84 29.65
C GLN B 403 3.13 -4.00 28.86
N LEU B 404 1.81 -3.97 28.67
CA LEU B 404 1.13 -4.99 27.87
C LEU B 404 1.55 -4.90 26.40
N ALA B 405 1.75 -3.69 25.89
CA ALA B 405 2.21 -3.48 24.51
C ALA B 405 3.62 -4.04 24.30
N ARG B 406 4.49 -3.83 25.28
CA ARG B 406 5.83 -4.42 25.27
C ARG B 406 5.77 -5.95 25.31
N ILE B 407 4.84 -6.52 26.07
CA ILE B 407 4.66 -7.97 26.14
C ILE B 407 4.13 -8.51 24.81
N VAL B 408 3.29 -7.75 24.11
CA VAL B 408 2.74 -8.19 22.83
C VAL B 408 3.84 -8.22 21.79
N CYS B 409 4.67 -7.18 21.77
CA CYS B 409 5.77 -7.07 20.82
C CYS B 409 6.82 -8.16 21.03
N GLY B 410 7.15 -8.40 22.30
CA GLY B 410 8.10 -9.45 22.64
C GLY B 410 7.58 -10.85 22.34
N THR B 411 6.30 -11.08 22.52
CA THR B 411 5.70 -12.38 22.24
C THR B 411 5.65 -12.60 20.73
N VAL B 412 5.35 -11.54 19.99
CA VAL B 412 5.43 -11.58 18.53
C VAL B 412 6.82 -12.00 18.08
N MET B 413 7.85 -11.45 18.72
CA MET B 413 9.22 -11.76 18.33
C MET B 413 9.52 -13.22 18.62
N ALA B 414 8.96 -13.74 19.70
CA ALA B 414 9.08 -15.16 20.03
C ALA B 414 8.43 -16.01 18.93
N GLY B 415 7.22 -15.64 18.51
CA GLY B 415 6.54 -16.34 17.45
C GLY B 415 7.28 -16.27 16.11
N GLU B 416 7.95 -15.15 15.84
CA GLU B 416 8.67 -14.96 14.59
C GLU B 416 9.86 -15.90 14.57
N LEU B 417 10.59 -15.93 15.69
CA LEU B 417 11.72 -16.83 15.85
C LEU B 417 11.34 -18.27 15.50
N SER B 418 10.21 -18.75 16.00
CA SER B 418 9.88 -20.16 15.95
C SER B 418 9.38 -20.55 14.58
N LEU B 419 8.44 -19.78 14.03
CA LEU B 419 7.89 -20.07 12.71
C LEU B 419 8.96 -19.93 11.63
N MET B 420 9.80 -18.90 11.72
CA MET B 420 10.87 -18.71 10.75
C MET B 420 11.91 -19.85 10.79
N ALA B 421 12.25 -20.32 11.99
CA ALA B 421 13.12 -21.48 12.11
C ALA B 421 12.53 -22.72 11.45
N ALA B 422 11.21 -22.91 11.57
CA ALA B 422 10.53 -24.06 10.96
C ALA B 422 10.48 -23.97 9.44
N LEU B 423 10.32 -22.75 8.92
CA LEU B 423 10.36 -22.51 7.47
C LEU B 423 11.78 -22.69 6.91
N ALA B 424 12.78 -22.39 7.73
CA ALA B 424 14.18 -22.42 7.29
C ALA B 424 14.71 -23.85 7.18
N ALA B 425 14.29 -24.72 8.09
CA ALA B 425 14.77 -26.10 8.13
C ALA B 425 14.08 -26.98 7.09
N GLY B 426 12.81 -26.67 6.81
CA GLY B 426 12.02 -27.43 5.85
C GLY B 426 11.07 -28.39 6.55
N HIS B 427 10.73 -29.47 5.84
CA HIS B 427 9.81 -30.50 6.36
C HIS B 427 8.41 -29.97 6.65
N PRO C 10 51.10 12.54 -39.73
CA PRO C 10 52.12 11.71 -39.02
C PRO C 10 51.95 11.77 -37.50
N ASN C 11 52.00 10.61 -36.85
CA ASN C 11 51.68 10.48 -35.41
C ASN C 11 52.51 11.36 -34.47
N GLU C 12 53.83 11.16 -34.48
CA GLU C 12 54.72 11.76 -33.47
C GLU C 12 54.99 13.25 -33.70
N GLU C 13 54.82 13.71 -34.93
CA GLU C 13 54.91 15.14 -35.24
C GLU C 13 53.75 15.89 -34.58
N CYS C 14 52.56 15.28 -34.63
CA CYS C 14 51.35 15.86 -34.07
C CYS C 14 51.37 15.93 -32.53
N LEU C 15 52.10 15.01 -31.90
CA LEU C 15 52.26 15.00 -30.44
C LEU C 15 53.04 16.22 -29.93
N GLN C 16 54.09 16.61 -30.66
CA GLN C 16 54.90 17.77 -30.31
C GLN C 16 54.09 19.08 -30.40
N ILE C 17 53.11 19.12 -31.30
CA ILE C 17 52.28 20.30 -31.49
C ILE C 17 51.27 20.49 -30.34
N LEU C 18 50.84 19.38 -29.74
CA LEU C 18 49.97 19.43 -28.55
C LEU C 18 50.69 20.07 -27.35
N GLY C 19 52.00 19.84 -27.25
CA GLY C 19 52.80 20.32 -26.14
C GLY C 19 52.99 21.83 -26.05
N ASN C 20 52.85 22.53 -27.19
CA ASN C 20 53.02 23.98 -27.23
C ASN C 20 51.73 24.72 -26.90
N GLY C 24 49.30 24.33 -30.07
CA GLY C 24 48.40 23.52 -29.28
C GLY C 24 47.48 22.66 -30.14
N ALA C 25 46.37 22.23 -29.55
CA ALA C 25 45.41 21.34 -30.24
C ALA C 25 44.69 22.03 -31.42
N LYS C 26 44.62 23.35 -31.39
CA LYS C 26 44.00 24.13 -32.47
C LYS C 26 44.75 23.99 -33.81
N PHE C 27 46.04 23.67 -33.74
CA PHE C 27 46.89 23.52 -34.92
C PHE C 27 46.86 22.11 -35.54
N LEU C 28 46.02 21.22 -35.00
CA LEU C 28 45.79 19.90 -35.58
C LEU C 28 44.36 19.78 -36.12
N SER C 29 44.18 18.95 -37.15
CA SER C 29 42.85 18.67 -37.69
C SER C 29 42.12 17.60 -36.87
N ASP C 30 40.81 17.50 -37.09
CA ASP C 30 39.97 16.46 -36.47
C ASP C 30 40.58 15.07 -36.65
N ALA C 31 41.00 14.76 -37.87
CA ALA C 31 41.50 13.43 -38.21
C ALA C 31 42.79 13.09 -37.47
N GLU C 32 43.65 14.09 -37.26
CA GLU C 32 44.94 13.89 -36.61
C GLU C 32 44.77 13.62 -35.11
N ILE C 33 43.82 14.31 -34.46
CA ILE C 33 43.48 14.02 -33.06
C ILE C 33 42.89 12.62 -32.89
N ILE C 34 42.04 12.22 -33.84
CA ILE C 34 41.37 10.93 -33.82
C ILE C 34 42.38 9.79 -34.04
N GLN C 35 43.34 10.01 -34.94
CA GLN C 35 44.40 9.04 -35.21
C GLN C 35 45.30 8.92 -33.97
N LEU C 36 45.47 10.02 -33.25
CA LEU C 36 46.27 10.04 -32.03
C LEU C 36 45.64 9.21 -30.91
N VAL C 37 44.31 9.15 -30.88
CA VAL C 37 43.59 8.34 -29.88
C VAL C 37 43.59 6.86 -30.26
N ASN C 38 43.30 6.56 -31.52
CA ASN C 38 43.15 5.17 -32.00
C ASN C 38 44.45 4.38 -31.87
N ALA C 39 45.55 4.96 -32.35
CA ALA C 39 46.88 4.55 -31.92
C ALA C 39 47.04 5.19 -30.54
N LYS C 40 47.63 4.48 -29.59
CA LYS C 40 47.48 4.88 -28.18
C LYS C 40 48.55 5.87 -27.68
N HIS C 41 48.75 6.96 -28.42
CA HIS C 41 49.64 8.04 -27.99
C HIS C 41 49.03 8.82 -26.83
N ILE C 42 47.74 9.13 -26.96
CA ILE C 42 47.02 9.90 -25.97
C ILE C 42 45.74 9.13 -25.56
N PRO C 43 45.51 8.96 -24.27
CA PRO C 43 44.26 8.34 -23.79
C PRO C 43 43.03 9.21 -24.07
N ALA C 44 41.87 8.58 -24.20
CA ALA C 44 40.64 9.25 -24.63
C ALA C 44 40.09 10.26 -23.62
N TYR C 45 40.34 10.04 -22.33
CA TYR C 45 39.86 10.95 -21.29
C TYR C 45 40.58 12.30 -21.26
N LYS C 46 41.77 12.36 -21.86
CA LYS C 46 42.57 13.58 -21.88
C LYS C 46 42.13 14.63 -22.91
N LEU C 47 41.10 14.32 -23.70
CA LEU C 47 40.57 15.25 -24.68
C LEU C 47 39.73 16.36 -24.06
N GLU C 48 39.19 16.11 -22.86
CA GLU C 48 38.33 17.08 -22.17
C GLU C 48 39.07 18.40 -21.91
N THR C 49 40.31 18.31 -21.47
CA THR C 49 41.10 19.49 -21.09
C THR C 49 41.88 20.06 -22.27
N LEU C 50 42.44 19.18 -23.11
CA LEU C 50 43.32 19.59 -24.20
C LEU C 50 42.62 20.45 -25.26
N ILE C 51 41.49 19.96 -25.76
CA ILE C 51 40.72 20.71 -26.77
C ILE C 51 40.13 21.97 -26.11
N GLU C 52 40.23 23.09 -26.81
CA GLU C 52 39.90 24.41 -26.24
C GLU C 52 38.39 24.64 -26.18
N THR C 53 37.75 24.71 -27.35
CA THR C 53 36.32 25.04 -27.44
C THR C 53 35.42 23.82 -27.14
N HIS C 54 34.24 24.07 -26.57
CA HIS C 54 33.33 23.00 -26.13
C HIS C 54 32.63 22.26 -27.28
N GLU C 55 32.25 23.00 -28.33
CA GLU C 55 31.57 22.39 -29.48
C GLU C 55 32.47 21.44 -30.27
N ARG C 56 33.78 21.68 -30.25
CA ARG C 56 34.74 20.80 -30.93
C ARG C 56 35.09 19.58 -30.07
N GLY C 57 34.89 19.69 -28.76
CA GLY C 57 34.98 18.55 -27.87
C GLY C 57 33.80 17.60 -28.08
N VAL C 58 32.62 18.18 -28.28
CA VAL C 58 31.41 17.42 -28.58
C VAL C 58 31.51 16.74 -29.94
N SER C 59 32.11 17.44 -30.90
CA SER C 59 32.22 16.94 -32.27
C SER C 59 33.15 15.73 -32.37
N ILE C 60 34.29 15.80 -31.68
CA ILE C 60 35.28 14.72 -31.70
C ILE C 60 34.76 13.53 -30.87
N ARG C 61 34.04 13.80 -29.79
CA ARG C 61 33.40 12.74 -29.02
C ARG C 61 32.40 11.97 -29.88
N ARG C 62 31.63 12.69 -30.69
CA ARG C 62 30.67 12.08 -31.62
C ARG C 62 31.35 11.22 -32.66
N GLN C 63 32.43 11.74 -33.26
CA GLN C 63 33.09 11.06 -34.36
C GLN C 63 33.78 9.80 -33.86
N LEU C 64 34.32 9.86 -32.65
CA LEU C 64 34.93 8.69 -32.02
C LEU C 64 33.85 7.65 -31.71
N LEU C 65 32.71 8.14 -31.21
CA LEU C 65 31.59 7.27 -30.86
C LEU C 65 30.96 6.62 -32.10
N SER C 66 30.94 7.36 -33.21
CA SER C 66 30.25 6.91 -34.42
C SER C 66 30.90 5.66 -35.01
N LYS C 67 32.23 5.59 -34.97
CA LYS C 67 32.97 4.47 -35.54
C LYS C 67 32.85 3.19 -34.70
N LYS C 68 32.34 3.33 -33.49
CA LYS C 68 32.06 2.20 -32.60
C LYS C 68 30.65 1.62 -32.76
N LEU C 69 29.74 2.37 -33.40
CA LEU C 69 28.35 1.95 -33.56
C LEU C 69 28.18 1.04 -34.75
N SER C 70 27.17 0.17 -34.70
CA SER C 70 26.87 -0.73 -35.81
C SER C 70 26.42 0.05 -37.06
N GLU C 71 25.73 1.17 -36.84
CA GLU C 71 25.44 2.12 -37.91
C GLU C 71 26.25 3.41 -37.67
N PRO C 72 27.35 3.58 -38.41
CA PRO C 72 28.18 4.79 -38.29
C PRO C 72 27.47 6.12 -38.47
N SER C 73 26.37 6.13 -39.22
CA SER C 73 25.60 7.35 -39.48
C SER C 73 24.47 7.61 -38.48
N SER C 74 24.48 6.92 -37.34
CA SER C 74 23.36 6.99 -36.40
C SER C 74 23.08 8.42 -35.92
N LEU C 75 24.14 9.18 -35.67
CA LEU C 75 24.03 10.52 -35.11
C LEU C 75 23.81 11.65 -36.12
N GLN C 76 23.54 11.31 -37.39
CA GLN C 76 23.35 12.31 -38.44
C GLN C 76 22.32 13.37 -38.06
N TYR C 77 21.15 12.93 -37.58
CA TYR C 77 20.03 13.83 -37.31
C TYR C 77 19.89 14.22 -35.83
N LEU C 78 20.88 13.87 -35.01
CA LEU C 78 20.97 14.38 -33.65
C LEU C 78 21.75 15.69 -33.68
N PRO C 79 21.09 16.81 -33.40
CA PRO C 79 21.75 18.11 -33.50
C PRO C 79 22.73 18.35 -32.36
N TYR C 80 23.75 19.17 -32.60
CA TYR C 80 24.71 19.55 -31.55
C TYR C 80 25.24 20.99 -31.68
N ARG C 81 25.17 21.57 -32.88
CA ARG C 81 25.75 22.87 -33.16
C ARG C 81 24.90 24.01 -32.60
N ASP C 82 25.57 25.14 -32.33
CA ASP C 82 24.93 26.37 -31.92
C ASP C 82 24.01 26.17 -30.71
N TYR C 83 24.58 25.54 -29.68
CA TYR C 83 23.92 25.37 -28.40
C TYR C 83 24.91 25.71 -27.28
N ASN C 84 24.39 26.19 -26.17
CA ASN C 84 25.21 26.73 -25.09
C ASN C 84 25.73 25.66 -24.13
N TYR C 85 26.79 24.94 -24.54
CA TYR C 85 27.37 23.88 -23.72
C TYR C 85 28.12 24.40 -22.50
N SER C 86 28.47 25.69 -22.51
CA SER C 86 29.20 26.29 -21.40
C SER C 86 28.50 26.12 -20.05
N LEU C 87 27.18 26.33 -20.04
CA LEU C 87 26.39 26.12 -18.83
C LEU C 87 26.17 24.62 -18.53
N VAL C 88 26.11 23.81 -19.58
CA VAL C 88 25.90 22.37 -19.43
C VAL C 88 27.14 21.63 -18.91
N MET C 89 28.33 22.13 -19.21
CA MET C 89 29.57 21.40 -18.93
C MET C 89 29.96 21.54 -17.46
N GLY C 90 30.00 20.41 -16.77
CA GLY C 90 30.39 20.37 -15.36
C GLY C 90 29.27 20.72 -14.38
N ALA C 91 28.05 20.85 -14.88
CA ALA C 91 26.90 21.23 -14.04
C ALA C 91 25.61 20.44 -14.33
N CYS C 92 25.29 20.21 -15.60
CA CYS C 92 24.02 19.57 -16.02
C CYS C 92 24.17 18.23 -16.77
N CYS C 93 25.29 18.02 -17.48
CA CYS C 93 25.46 16.82 -18.31
C CYS C 93 26.92 16.50 -18.68
N GLU C 94 27.24 15.20 -18.80
CA GLU C 94 28.59 14.74 -19.13
C GLU C 94 28.58 13.75 -20.31
N ASN C 95 29.75 13.61 -20.94
CA ASN C 95 29.89 12.84 -22.18
C ASN C 95 28.89 13.30 -23.24
N VAL C 96 28.80 14.61 -23.40
CA VAL C 96 27.76 15.23 -24.21
C VAL C 96 28.04 15.02 -25.71
N ILE C 97 27.08 14.43 -26.39
CA ILE C 97 27.16 14.20 -27.82
C ILE C 97 26.21 15.10 -28.61
N GLY C 98 25.38 15.87 -27.90
CA GLY C 98 24.41 16.74 -28.54
C GLY C 98 23.26 17.12 -27.63
N TYR C 99 22.09 17.32 -28.24
CA TYR C 99 20.89 17.70 -27.52
C TYR C 99 19.63 17.22 -28.22
N MET C 100 18.56 17.11 -27.43
CA MET C 100 17.30 16.49 -27.87
C MET C 100 16.22 17.55 -27.85
N PRO C 101 15.75 17.99 -29.02
CA PRO C 101 14.62 18.92 -29.09
C PRO C 101 13.27 18.28 -28.72
N ILE C 102 12.58 18.86 -27.75
CA ILE C 102 11.24 18.45 -27.38
C ILE C 102 10.28 19.60 -27.75
N PRO C 103 9.36 19.37 -28.68
CA PRO C 103 8.40 20.40 -29.06
C PRO C 103 7.74 21.05 -27.86
N VAL C 104 7.60 22.38 -27.90
CA VAL C 104 6.92 23.13 -26.87
C VAL C 104 5.64 23.72 -27.48
N GLY C 105 4.50 23.39 -26.90
CA GLY C 105 3.23 24.01 -27.24
C GLY C 105 2.77 24.85 -26.06
N VAL C 106 1.74 25.65 -26.26
CA VAL C 106 1.27 26.54 -25.20
C VAL C 106 -0.23 26.34 -24.97
N ALA C 107 -0.59 26.18 -23.70
CA ALA C 107 -1.98 26.09 -23.29
C ALA C 107 -2.32 27.30 -22.42
N GLY C 108 -3.41 27.96 -22.75
CA GLY C 108 -3.82 29.17 -22.04
C GLY C 108 -4.80 30.00 -22.84
N PRO C 109 -5.32 31.08 -22.25
CA PRO C 109 -4.92 31.52 -20.91
C PRO C 109 -5.51 30.69 -19.78
N LEU C 110 -4.74 30.48 -18.71
CA LEU C 110 -5.19 29.77 -17.52
C LEU C 110 -5.51 30.81 -16.47
N CYS C 111 -6.79 30.95 -16.15
CA CYS C 111 -7.24 31.98 -15.24
C CYS C 111 -7.19 31.46 -13.81
N LEU C 112 -6.16 31.92 -13.09
CA LEU C 112 -5.80 31.37 -11.79
C LEU C 112 -5.43 32.49 -10.82
N ASP C 113 -6.14 32.56 -9.69
CA ASP C 113 -5.92 33.59 -8.67
C ASP C 113 -5.83 34.99 -9.28
N GLU C 114 -6.81 35.32 -10.13
CA GLU C 114 -6.90 36.65 -10.77
C GLU C 114 -5.78 36.98 -11.77
N LYS C 115 -4.94 36.01 -12.12
CA LYS C 115 -3.96 36.22 -13.18
C LYS C 115 -4.29 35.36 -14.38
N GLU C 116 -3.59 35.62 -15.47
CA GLU C 116 -3.65 34.77 -16.66
C GLU C 116 -2.26 34.22 -16.89
N PHE C 117 -2.20 32.94 -17.23
CA PHE C 117 -0.94 32.27 -17.51
C PHE C 117 -0.97 31.61 -18.88
N GLN C 118 0.14 31.75 -19.61
CA GLN C 118 0.35 31.04 -20.85
C GLN C 118 1.36 29.94 -20.56
N VAL C 119 0.85 28.72 -20.42
CA VAL C 119 1.61 27.62 -19.83
C VAL C 119 2.35 26.82 -20.90
N PRO C 120 3.68 26.82 -20.85
CA PRO C 120 4.48 26.06 -21.83
C PRO C 120 4.55 24.58 -21.47
N MET C 121 4.43 23.72 -22.49
CA MET C 121 4.33 22.28 -22.28
C MET C 121 5.19 21.56 -23.30
N ALA C 122 6.22 20.86 -22.84
CA ALA C 122 7.16 20.17 -23.71
C ALA C 122 6.79 18.69 -23.77
N THR C 123 6.23 18.28 -24.91
CA THR C 123 5.69 16.93 -25.05
C THR C 123 5.75 16.43 -26.49
N THR C 124 5.64 15.11 -26.66
CA THR C 124 5.49 14.49 -27.98
C THR C 124 4.23 13.64 -28.06
N GLU C 125 3.34 13.77 -27.07
CA GLU C 125 2.05 13.10 -27.10
C GLU C 125 1.02 13.97 -27.80
N GLY C 126 0.50 13.48 -28.92
CA GLY C 126 -0.46 14.21 -29.71
C GLY C 126 -1.72 14.59 -28.96
N CYS C 127 -2.15 15.84 -29.15
CA CYS C 127 -3.39 16.39 -28.61
C CYS C 127 -3.36 16.73 -27.13
N LEU C 128 -2.20 16.63 -26.49
CA LEU C 128 -2.10 16.91 -25.06
C LEU C 128 -2.24 18.41 -24.80
N VAL C 129 -1.57 19.21 -25.61
CA VAL C 129 -1.64 20.66 -25.48
C VAL C 129 -3.05 21.17 -25.84
N ALA C 130 -3.61 20.67 -26.94
CA ALA C 130 -4.95 21.04 -27.38
C ALA C 130 -5.99 20.67 -26.33
N SER C 131 -5.88 19.47 -25.76
CA SER C 131 -6.83 19.04 -24.75
C SER C 131 -6.71 19.88 -23.47
N THR C 132 -5.49 20.17 -23.06
CA THR C 132 -5.23 20.94 -21.86
C THR C 132 -5.71 22.38 -22.01
N ASN C 133 -5.56 22.91 -23.23
CA ASN C 133 -6.06 24.23 -23.59
C ASN C 133 -7.58 24.30 -23.49
N ARG C 134 -8.27 23.23 -23.88
CA ARG C 134 -9.73 23.19 -23.81
C ARG C 134 -10.19 23.18 -22.35
N GLY C 135 -9.43 22.51 -21.49
CA GLY C 135 -9.66 22.59 -20.07
C GLY C 135 -9.56 24.02 -19.57
N CYS C 136 -8.51 24.72 -20.01
CA CYS C 136 -8.27 26.10 -19.64
C CYS C 136 -9.43 27.00 -20.05
N ARG C 137 -10.05 26.69 -21.19
CA ARG C 137 -11.16 27.48 -21.72
C ARG C 137 -12.42 27.28 -20.86
N ALA C 138 -12.68 26.05 -20.43
CA ALA C 138 -13.84 25.77 -19.58
C ALA C 138 -13.70 26.48 -18.24
N ILE C 139 -12.46 26.52 -17.74
CA ILE C 139 -12.14 27.20 -16.49
C ILE C 139 -12.29 28.72 -16.62
N GLY C 140 -11.85 29.28 -17.74
CA GLY C 140 -11.95 30.71 -17.97
C GLY C 140 -13.41 31.16 -18.02
N LEU C 141 -14.24 30.35 -18.66
CA LEU C 141 -15.67 30.64 -18.79
C LEU C 141 -16.46 30.31 -17.55
N GLY C 142 -15.83 29.66 -16.58
CA GLY C 142 -16.47 29.34 -15.32
C GLY C 142 -16.13 30.32 -14.20
N GLY C 143 -15.38 31.37 -14.52
CA GLY C 143 -15.03 32.40 -13.55
C GLY C 143 -13.62 32.25 -12.99
N GLY C 144 -12.86 31.29 -13.49
CA GLY C 144 -11.48 31.12 -13.07
C GLY C 144 -11.32 30.10 -11.95
N ALA C 145 -10.06 29.79 -11.66
CA ALA C 145 -9.68 28.84 -10.63
C ALA C 145 -8.98 29.57 -9.49
N SER C 146 -9.00 28.97 -8.31
CA SER C 146 -8.33 29.49 -7.12
C SER C 146 -7.45 28.38 -6.53
N SER C 147 -6.23 28.72 -6.11
CA SER C 147 -5.34 27.74 -5.49
C SER C 147 -4.72 28.27 -4.20
N ARG C 148 -4.24 27.36 -3.36
CA ARG C 148 -3.43 27.69 -2.18
C ARG C 148 -2.26 26.72 -2.03
N VAL C 149 -1.10 27.24 -1.67
CA VAL C 149 0.00 26.41 -1.18
C VAL C 149 -0.28 26.10 0.29
N LEU C 150 -0.35 24.82 0.64
CA LEU C 150 -0.70 24.37 1.99
C LEU C 150 0.53 24.08 2.85
N ALA C 151 1.65 23.80 2.21
CA ALA C 151 2.89 23.48 2.92
C ALA C 151 4.06 23.56 1.97
N ASP C 152 5.26 23.73 2.52
CA ASP C 152 6.46 23.88 1.73
C ASP C 152 7.69 23.42 2.47
N GLY C 153 8.41 22.47 1.90
CA GLY C 153 9.66 21.99 2.47
C GLY C 153 10.15 20.73 1.80
N MET C 154 11.31 20.84 1.14
CA MET C 154 11.99 19.67 0.62
C MET C 154 12.52 18.80 1.78
N THR C 155 12.61 17.49 1.53
CA THR C 155 13.08 16.56 2.55
C THR C 155 14.27 15.75 2.12
N ARG C 156 14.96 15.20 3.12
CA ARG C 156 15.96 14.17 2.94
C ARG C 156 15.83 13.22 4.12
N GLY C 157 15.92 11.92 3.87
CA GLY C 157 15.55 10.91 4.86
C GLY C 157 16.65 9.88 5.06
N PRO C 158 17.78 10.28 5.64
CA PRO C 158 18.89 9.37 5.93
C PRO C 158 18.50 8.19 6.81
N VAL C 159 19.33 7.16 6.81
CA VAL C 159 19.21 6.05 7.72
C VAL C 159 20.51 5.92 8.51
N VAL C 160 20.42 5.99 9.83
CA VAL C 160 21.55 5.71 10.71
C VAL C 160 21.32 4.42 11.48
N ARG C 161 22.40 3.78 11.91
CA ARG C 161 22.32 2.58 12.74
C ARG C 161 23.07 2.74 14.05
N LEU C 162 22.47 2.27 15.13
CA LEU C 162 23.16 2.15 16.41
C LEU C 162 23.33 0.67 16.73
N PRO C 163 24.18 0.33 17.72
CA PRO C 163 24.46 -1.09 18.02
C PRO C 163 23.20 -1.87 18.44
N ARG C 164 22.36 -1.25 19.24
CA ARG C 164 21.11 -1.86 19.70
C ARG C 164 19.91 -0.97 19.39
N ALA C 165 18.75 -1.61 19.26
CA ALA C 165 17.48 -0.90 19.07
C ALA C 165 17.09 -0.04 20.27
N CYS C 166 17.63 -0.35 21.45
CA CYS C 166 17.39 0.47 22.64
C CYS C 166 18.14 1.79 22.52
N ASP C 167 19.30 1.73 21.86
CA ASP C 167 20.10 2.93 21.58
C ASP C 167 19.42 3.83 20.53
N SER C 168 18.87 3.24 19.48
CA SER C 168 18.15 4.03 18.48
C SER C 168 16.89 4.65 19.11
N ALA C 169 16.28 3.93 20.04
CA ALA C 169 15.15 4.46 20.81
C ALA C 169 15.58 5.67 21.65
N GLU C 170 16.79 5.59 22.21
CA GLU C 170 17.37 6.69 22.98
C GLU C 170 17.52 7.91 22.10
N VAL C 171 18.10 7.72 20.90
CA VAL C 171 18.36 8.82 19.97
C VAL C 171 17.06 9.48 19.50
N LYS C 172 16.04 8.69 19.21
CA LYS C 172 14.75 9.21 18.75
C LYS C 172 14.10 10.07 19.84
N ALA C 173 14.24 9.62 21.09
CA ALA C 173 13.68 10.34 22.24
C ALA C 173 14.40 11.67 22.45
N TRP C 174 15.71 11.68 22.21
CA TRP C 174 16.54 12.87 22.36
C TRP C 174 16.17 13.91 21.31
N LEU C 175 15.97 13.45 20.07
CA LEU C 175 15.58 14.32 18.96
C LEU C 175 14.16 14.88 19.13
N GLU C 176 13.36 14.25 20.00
CA GLU C 176 11.98 14.70 20.26
C GLU C 176 11.89 15.70 21.43
N THR C 177 12.92 15.74 22.28
CA THR C 177 12.99 16.76 23.32
C THR C 177 13.21 18.12 22.69
N SER C 178 12.71 19.15 23.36
CA SER C 178 12.92 20.53 22.93
C SER C 178 14.42 20.86 22.82
N GLU C 179 15.19 20.40 23.80
CA GLU C 179 16.62 20.71 23.88
C GLU C 179 17.41 20.10 22.72
N GLY C 180 17.18 18.82 22.46
CA GLY C 180 17.90 18.10 21.41
C GLY C 180 17.62 18.60 20.00
N PHE C 181 16.35 18.91 19.74
CA PHE C 181 15.93 19.42 18.43
C PHE C 181 16.54 20.78 18.14
N ALA C 182 16.71 21.59 19.18
CA ALA C 182 17.33 22.91 19.05
C ALA C 182 18.79 22.82 18.63
N VAL C 183 19.52 21.86 19.18
CA VAL C 183 20.94 21.65 18.86
C VAL C 183 21.11 21.15 17.42
N ILE C 184 20.18 20.33 16.95
CA ILE C 184 20.24 19.78 15.59
C ILE C 184 19.85 20.85 14.59
N LYS C 185 18.84 21.65 14.93
CA LYS C 185 18.40 22.76 14.09
C LYS C 185 19.51 23.77 13.83
N GLU C 186 20.35 24.03 14.82
CA GLU C 186 21.42 25.03 14.69
C GLU C 186 22.48 24.57 13.71
N ALA C 187 22.83 23.28 13.74
CA ALA C 187 23.83 22.73 12.82
C ALA C 187 23.33 22.71 11.38
N PHE C 188 22.05 22.42 11.21
CA PHE C 188 21.40 22.34 9.91
C PHE C 188 21.30 23.73 9.28
N ASP C 189 20.88 24.69 10.10
CA ASP C 189 20.61 26.05 9.64
C ASP C 189 21.88 26.83 9.27
N SER C 190 23.01 26.42 9.86
CA SER C 190 24.29 27.09 9.63
C SER C 190 24.84 26.94 8.21
N THR C 191 24.34 25.97 7.46
CA THR C 191 24.85 25.68 6.11
C THR C 191 24.37 26.65 5.02
N SER C 192 23.21 27.27 5.22
CA SER C 192 22.59 28.10 4.17
C SER C 192 21.62 29.14 4.73
N ARG C 193 21.36 30.19 3.94
CA ARG C 193 20.45 31.27 4.30
C ARG C 193 19.02 30.78 4.52
N PHE C 194 18.55 29.96 3.58
CA PHE C 194 17.14 29.53 3.58
C PHE C 194 16.90 28.28 4.43
N ALA C 195 17.98 27.61 4.85
CA ALA C 195 17.88 26.40 5.65
C ALA C 195 17.30 26.69 7.04
N ARG C 196 16.03 26.37 7.22
CA ARG C 196 15.33 26.52 8.50
C ARG C 196 14.57 25.22 8.82
N LEU C 197 15.16 24.42 9.71
CA LEU C 197 14.66 23.08 10.01
C LEU C 197 13.31 23.12 10.70
N GLN C 198 12.32 22.48 10.08
CA GLN C 198 11.00 22.29 10.67
C GLN C 198 11.03 21.05 11.57
N LYS C 199 9.87 20.67 12.11
CA LYS C 199 9.78 19.55 13.04
C LYS C 199 10.24 18.25 12.38
N LEU C 200 11.08 17.50 13.10
CA LEU C 200 11.64 16.25 12.60
C LEU C 200 10.63 15.11 12.68
N HIS C 201 10.70 14.21 11.70
CA HIS C 201 9.89 12.99 11.70
C HIS C 201 10.83 11.77 11.65
N THR C 202 10.64 10.83 12.57
CA THR C 202 11.52 9.66 12.65
C THR C 202 10.76 8.34 12.77
N SER C 203 11.33 7.29 12.20
CA SER C 203 10.82 5.92 12.31
C SER C 203 11.98 4.99 12.69
N ILE C 204 11.75 4.11 13.66
CA ILE C 204 12.71 3.06 13.99
C ILE C 204 12.31 1.77 13.27
N ALA C 205 13.30 1.07 12.74
CA ALA C 205 13.16 -0.34 12.37
C ALA C 205 14.32 -1.09 13.01
N GLY C 206 14.08 -1.59 14.23
CA GLY C 206 15.12 -2.25 15.00
C GLY C 206 16.18 -1.24 15.42
N ARG C 207 17.41 -1.48 14.99
CA ARG C 207 18.50 -0.58 15.30
C ARG C 207 18.74 0.45 14.19
N ASN C 208 17.98 0.36 13.11
CA ASN C 208 17.89 1.43 12.14
C ASN C 208 17.04 2.57 12.67
N LEU C 209 17.45 3.79 12.36
CA LEU C 209 16.68 4.97 12.69
C LEU C 209 16.66 5.83 11.43
N TYR C 210 15.46 6.12 10.94
CA TYR C 210 15.29 6.94 9.75
C TYR C 210 14.82 8.32 10.21
N ILE C 211 15.54 9.36 9.80
CA ILE C 211 15.24 10.73 10.21
C ILE C 211 14.92 11.57 8.97
N ARG C 212 13.72 12.09 8.93
CA ARG C 212 13.24 12.95 7.85
C ARG C 212 13.49 14.43 8.20
N PHE C 213 14.50 15.02 7.58
CA PHE C 213 14.78 16.45 7.71
C PHE C 213 13.93 17.19 6.68
N GLN C 214 13.24 18.24 7.10
CA GLN C 214 12.41 19.06 6.20
C GLN C 214 12.74 20.53 6.38
N SER C 215 12.90 21.24 5.26
CA SER C 215 13.20 22.67 5.29
C SER C 215 12.82 23.35 3.98
N ARG C 216 12.29 24.56 4.08
CA ARG C 216 12.12 25.43 2.92
C ARG C 216 13.48 25.66 2.29
N SER C 217 13.50 26.12 1.04
CA SER C 217 14.75 26.23 0.31
C SER C 217 14.76 27.41 -0.65
N GLY C 218 14.10 28.50 -0.26
CA GLY C 218 13.94 29.65 -1.14
C GLY C 218 13.18 29.22 -2.38
N ASP C 219 13.68 29.58 -3.55
CA ASP C 219 13.04 29.22 -4.81
C ASP C 219 13.70 28.00 -5.45
N ALA C 220 14.73 27.44 -4.82
CA ALA C 220 15.38 26.25 -5.33
C ALA C 220 14.53 25.03 -4.96
N MET C 221 14.61 23.99 -5.77
CA MET C 221 13.97 22.72 -5.44
C MET C 221 14.50 22.21 -4.10
N GLY C 222 15.81 22.35 -3.91
CA GLY C 222 16.41 22.24 -2.58
C GLY C 222 17.13 20.94 -2.24
N MET C 223 17.22 20.00 -3.18
CA MET C 223 17.79 18.68 -2.88
C MET C 223 19.22 18.82 -2.34
N ASN C 224 20.06 19.50 -3.10
CA ASN C 224 21.46 19.73 -2.69
C ASN C 224 21.57 20.51 -1.37
N MET C 225 20.72 21.50 -1.18
CA MET C 225 20.77 22.35 0.00
C MET C 225 20.43 21.57 1.27
N ILE C 226 19.30 20.87 1.23
CA ILE C 226 18.86 20.07 2.37
C ILE C 226 19.83 18.91 2.67
N SER C 227 20.55 18.45 1.66
CA SER C 227 21.54 17.38 1.83
C SER C 227 22.78 17.88 2.58
N LYS C 228 23.20 19.12 2.30
CA LYS C 228 24.33 19.71 3.01
C LYS C 228 23.96 19.99 4.47
N GLY C 229 22.74 20.48 4.69
CA GLY C 229 22.24 20.70 6.04
C GLY C 229 22.09 19.43 6.83
N THR C 230 21.78 18.33 6.14
CA THR C 230 21.62 17.02 6.75
C THR C 230 22.97 16.46 7.23
N GLU C 231 23.99 16.55 6.39
CA GLU C 231 25.32 16.03 6.72
C GLU C 231 25.91 16.68 7.97
N LYS C 232 25.80 18.00 8.07
CA LYS C 232 26.33 18.74 9.21
C LYS C 232 25.50 18.46 10.47
N ALA C 233 24.20 18.26 10.28
CA ALA C 233 23.30 17.94 11.38
C ALA C 233 23.62 16.58 12.00
N LEU C 234 23.88 15.59 11.14
CA LEU C 234 24.24 14.25 11.57
C LEU C 234 25.67 14.21 12.13
N SER C 235 26.47 15.21 11.78
CA SER C 235 27.80 15.38 12.35
C SER C 235 27.70 15.76 13.82
N LYS C 236 26.75 16.64 14.14
CA LYS C 236 26.51 17.06 15.53
C LYS C 236 25.87 15.94 16.35
N LEU C 237 25.04 15.12 15.72
CA LEU C 237 24.42 13.98 16.39
C LEU C 237 25.48 12.95 16.74
N HIS C 238 26.46 12.80 15.86
CA HIS C 238 27.61 11.91 16.07
C HIS C 238 28.38 12.29 17.35
N GLU C 239 28.45 13.59 17.65
CA GLU C 239 29.11 14.08 18.87
C GLU C 239 28.35 13.67 20.15
N TYR C 240 27.02 13.72 20.08
CA TYR C 240 26.18 13.31 21.21
C TYR C 240 26.06 11.78 21.31
N PHE C 241 26.34 11.08 20.22
CA PHE C 241 26.21 9.62 20.15
C PHE C 241 27.33 9.06 19.26
N PRO C 242 28.53 8.89 19.82
CA PRO C 242 29.68 8.41 19.04
C PRO C 242 29.51 7.05 18.35
N GLU C 243 28.76 6.13 18.96
CA GLU C 243 28.57 4.78 18.38
C GLU C 243 27.62 4.74 17.18
N MET C 244 27.02 5.87 16.82
CA MET C 244 26.11 5.95 15.69
C MET C 244 26.84 5.86 14.34
N GLN C 245 26.34 4.99 13.47
CA GLN C 245 26.87 4.82 12.11
C GLN C 245 25.96 5.55 11.13
N ILE C 246 26.54 6.36 10.24
CA ILE C 246 25.78 7.01 9.17
C ILE C 246 25.83 6.06 7.98
N LEU C 247 24.78 5.25 7.84
CA LEU C 247 24.74 4.22 6.80
C LEU C 247 24.60 4.81 5.40
N ALA C 248 23.63 5.71 5.23
CA ALA C 248 23.43 6.40 3.95
C ALA C 248 22.68 7.71 4.18
N VAL C 249 23.15 8.79 3.54
CA VAL C 249 22.53 10.11 3.70
C VAL C 249 21.10 10.15 3.16
N SER C 250 20.80 9.28 2.18
CA SER C 250 19.41 8.93 1.85
C SER C 250 19.17 7.44 2.11
N GLY C 251 18.31 7.16 3.08
CA GLY C 251 17.82 5.80 3.31
C GLY C 251 16.41 5.58 2.78
N ASN C 252 16.04 6.28 1.71
CA ASN C 252 14.74 6.17 1.04
C ASN C 252 13.53 6.62 1.86
N TYR C 253 13.80 7.35 2.94
CA TYR C 253 12.73 7.87 3.78
C TYR C 253 12.37 9.31 3.39
N CYS C 254 12.99 9.84 2.35
CA CYS C 254 12.76 11.22 1.92
C CYS C 254 11.31 11.47 1.49
N THR C 255 10.75 10.75 0.52
CA THR C 255 11.42 9.81 -0.39
C THR C 255 11.55 10.46 -1.75
N ASP C 256 12.70 10.27 -2.39
CA ASP C 256 13.02 10.94 -3.65
C ASP C 256 12.95 10.01 -4.87
N LYS C 257 12.15 10.39 -5.86
CA LYS C 257 12.04 9.70 -7.15
C LYS C 257 11.54 8.24 -7.06
N LYS C 258 10.87 7.89 -5.97
CA LYS C 258 10.17 6.61 -5.84
C LYS C 258 8.80 6.84 -5.23
N PRO C 259 7.83 5.98 -5.56
CA PRO C 259 6.51 6.04 -4.93
C PRO C 259 6.60 5.77 -3.43
N ALA C 260 5.97 6.63 -2.63
CA ALA C 260 6.02 6.47 -1.18
C ALA C 260 4.82 7.14 -0.51
N ALA C 261 4.14 6.39 0.36
CA ALA C 261 2.98 6.89 1.07
C ALA C 261 3.34 8.06 1.97
N ILE C 262 4.60 8.13 2.40
CA ILE C 262 5.03 9.21 3.27
C ILE C 262 4.94 10.58 2.55
N ASN C 263 5.30 10.64 1.28
CA ASN C 263 5.12 11.88 0.50
C ASN C 263 3.65 12.26 0.38
N TRP C 264 2.79 11.26 0.15
CA TRP C 264 1.34 11.45 0.05
C TRP C 264 0.72 12.01 1.33
N ILE C 265 1.23 11.59 2.49
CA ILE C 265 0.63 11.91 3.79
C ILE C 265 1.28 13.12 4.46
N GLU C 266 2.60 13.19 4.44
CA GLU C 266 3.36 14.29 5.05
C GLU C 266 3.63 15.44 4.10
N GLY C 267 3.48 15.20 2.80
CA GLY C 267 3.87 16.17 1.80
C GLY C 267 5.36 16.17 1.53
N ARG C 268 5.74 16.67 0.36
CA ARG C 268 7.13 16.89 0.02
C ARG C 268 7.21 18.02 -1.00
N GLY C 269 8.10 18.98 -0.76
CA GLY C 269 8.12 20.20 -1.56
C GLY C 269 6.85 20.97 -1.31
N LYS C 270 6.17 21.39 -2.38
CA LYS C 270 4.91 22.13 -2.25
C LYS C 270 3.72 21.20 -2.22
N SER C 271 2.92 21.28 -1.15
CA SER C 271 1.58 20.71 -1.17
C SER C 271 0.63 21.82 -1.61
N VAL C 272 -0.27 21.51 -2.52
CA VAL C 272 -1.09 22.51 -3.20
C VAL C 272 -2.49 21.98 -3.41
N VAL C 273 -3.47 22.87 -3.36
CA VAL C 273 -4.84 22.55 -3.76
C VAL C 273 -5.30 23.59 -4.77
N CYS C 274 -6.18 23.17 -5.67
CA CYS C 274 -6.73 24.05 -6.71
C CYS C 274 -8.19 23.69 -6.90
N GLU C 275 -9.02 24.66 -7.29
CA GLU C 275 -10.45 24.44 -7.46
C GLU C 275 -11.11 25.41 -8.45
N ALA C 276 -12.30 25.02 -8.92
CA ALA C 276 -13.08 25.86 -9.82
C ALA C 276 -14.50 25.30 -9.94
N VAL C 277 -15.43 26.15 -10.37
CA VAL C 277 -16.80 25.72 -10.65
C VAL C 277 -17.08 26.00 -12.12
N ILE C 278 -17.56 24.99 -12.83
CA ILE C 278 -17.82 25.07 -14.25
C ILE C 278 -19.33 25.01 -14.43
N PRO C 279 -19.94 26.11 -14.87
CA PRO C 279 -21.39 26.16 -15.10
C PRO C 279 -21.85 25.07 -16.04
N ALA C 280 -23.09 24.61 -15.89
CA ALA C 280 -23.64 23.53 -16.70
C ALA C 280 -23.53 23.79 -18.20
N LYS C 281 -23.73 25.03 -18.62
CA LYS C 281 -23.68 25.35 -20.05
C LYS C 281 -22.27 25.21 -20.60
N VAL C 282 -21.28 25.54 -19.78
CA VAL C 282 -19.88 25.39 -20.16
C VAL C 282 -19.48 23.90 -20.24
N VAL C 283 -20.09 23.07 -19.40
CA VAL C 283 -19.84 21.63 -19.42
C VAL C 283 -20.43 21.01 -20.70
N ARG C 284 -21.53 21.57 -21.19
CA ARG C 284 -22.23 21.03 -22.37
C ARG C 284 -21.59 21.47 -23.68
N GLU C 285 -21.27 22.76 -23.80
CA GLU C 285 -20.85 23.35 -25.07
C GLU C 285 -19.34 23.27 -25.28
N VAL C 286 -18.58 23.43 -24.21
CA VAL C 286 -17.12 23.34 -24.27
C VAL C 286 -16.60 21.91 -24.05
N LEU C 287 -17.18 21.19 -23.09
CA LEU C 287 -16.68 19.85 -22.72
C LEU C 287 -17.51 18.69 -23.31
N LYS C 288 -18.65 19.01 -23.93
CA LYS C 288 -19.46 18.02 -24.66
C LYS C 288 -19.97 16.86 -23.79
N THR C 289 -20.33 17.17 -22.55
CA THR C 289 -20.86 16.18 -21.61
C THR C 289 -21.72 16.86 -20.54
N THR C 290 -22.19 16.10 -19.54
CA THR C 290 -22.96 16.68 -18.43
C THR C 290 -22.17 16.69 -17.12
N THR C 291 -22.67 17.46 -16.16
CA THR C 291 -22.10 17.46 -14.82
C THR C 291 -22.33 16.10 -14.18
N GLU C 292 -23.53 15.57 -14.35
CA GLU C 292 -23.87 14.25 -13.83
C GLU C 292 -22.94 13.14 -14.38
N ALA C 293 -22.54 13.25 -15.65
CA ALA C 293 -21.69 12.24 -16.27
C ALA C 293 -20.23 12.34 -15.78
N MET C 294 -19.73 13.57 -15.67
CA MET C 294 -18.39 13.84 -15.17
C MET C 294 -18.20 13.29 -13.75
N ILE C 295 -19.18 13.53 -12.90
CA ILE C 295 -19.13 13.08 -11.51
C ILE C 295 -19.13 11.57 -11.43
N GLU C 296 -20.04 10.95 -12.17
CA GLU C 296 -20.12 9.49 -12.18
C GLU C 296 -18.83 8.83 -12.65
N VAL C 297 -18.14 9.46 -13.61
CA VAL C 297 -16.90 8.93 -14.14
C VAL C 297 -15.76 9.17 -13.15
N ASN C 298 -15.72 10.37 -12.55
CA ASN C 298 -14.67 10.69 -11.61
C ASN C 298 -14.69 9.76 -10.41
N ILE C 299 -15.86 9.61 -9.79
CA ILE C 299 -15.99 8.69 -8.68
C ILE C 299 -15.50 7.28 -9.05
N ASN C 300 -15.98 6.73 -10.17
CA ASN C 300 -15.78 5.30 -10.44
C ASN C 300 -14.45 4.97 -11.12
N LYS C 301 -13.81 5.98 -11.67
CA LYS C 301 -12.50 5.86 -12.27
C LYS C 301 -11.45 6.32 -11.26
N ASN C 302 -11.45 7.61 -10.94
CA ASN C 302 -10.38 8.21 -10.15
C ASN C 302 -10.38 7.83 -8.66
N LEU C 303 -11.52 7.39 -8.12
CA LEU C 303 -11.56 6.89 -6.75
C LEU C 303 -11.64 5.37 -6.73
N VAL C 304 -12.75 4.81 -7.16
CA VAL C 304 -12.98 3.38 -7.03
C VAL C 304 -12.00 2.57 -7.87
N GLY C 305 -11.71 3.03 -9.09
CA GLY C 305 -10.87 2.31 -10.02
C GLY C 305 -9.42 2.31 -9.57
N SER C 306 -8.95 3.48 -9.18
CA SER C 306 -7.62 3.61 -8.57
C SER C 306 -7.55 2.75 -7.30
N ALA C 307 -8.67 2.67 -6.57
CA ALA C 307 -8.74 1.82 -5.39
C ALA C 307 -8.61 0.34 -5.76
N MET C 308 -9.32 -0.11 -6.79
CA MET C 308 -9.30 -1.51 -7.17
C MET C 308 -7.94 -1.90 -7.74
N ALA C 309 -7.20 -0.91 -8.23
CA ALA C 309 -5.87 -1.11 -8.79
C ALA C 309 -4.78 -1.05 -7.74
N GLY C 310 -5.13 -0.71 -6.51
CA GLY C 310 -4.18 -0.65 -5.41
C GLY C 310 -3.29 0.57 -5.51
N SER C 311 -3.89 1.73 -5.72
CA SER C 311 -3.12 2.95 -5.91
C SER C 311 -2.90 3.64 -4.58
N ILE C 312 -1.67 4.10 -4.38
CA ILE C 312 -1.35 5.08 -3.34
C ILE C 312 -1.04 6.38 -4.07
N GLY C 313 -1.92 7.36 -3.93
CA GLY C 313 -1.67 8.69 -4.44
C GLY C 313 -2.00 8.92 -5.92
N GLY C 314 -2.58 7.93 -6.59
CA GLY C 314 -2.88 8.02 -8.01
C GLY C 314 -4.38 8.09 -8.28
N TYR C 315 -5.04 9.00 -7.57
CA TYR C 315 -6.48 9.18 -7.71
C TYR C 315 -6.81 10.29 -8.71
N ASN C 316 -6.30 10.14 -9.93
CA ASN C 316 -6.44 11.13 -10.98
C ASN C 316 -6.43 10.47 -12.37
N ALA C 317 -6.79 11.24 -13.40
CA ALA C 317 -6.82 10.72 -14.77
C ALA C 317 -5.43 10.73 -15.40
N HIS C 318 -4.83 11.92 -15.53
CA HIS C 318 -3.55 12.03 -16.22
C HIS C 318 -2.68 13.22 -15.76
N ALA C 319 -2.67 13.44 -14.45
CA ALA C 319 -1.82 14.49 -13.87
C ALA C 319 -0.38 14.40 -14.35
N ALA C 320 0.14 13.19 -14.48
CA ALA C 320 1.52 12.99 -14.91
C ALA C 320 1.81 13.61 -16.28
N ASN C 321 0.86 13.56 -17.19
CA ASN C 321 1.06 14.18 -18.51
C ASN C 321 1.43 15.66 -18.42
N ILE C 322 0.70 16.40 -17.59
CA ILE C 322 0.89 17.84 -17.44
C ILE C 322 2.12 18.17 -16.61
N VAL C 323 2.27 17.49 -15.48
CA VAL C 323 3.48 17.64 -14.67
C VAL C 323 4.73 17.45 -15.54
N THR C 324 4.73 16.38 -16.34
CA THR C 324 5.90 16.04 -17.14
C THR C 324 6.22 17.09 -18.19
N ALA C 325 5.19 17.56 -18.89
CA ALA C 325 5.37 18.54 -19.96
C ALA C 325 5.85 19.89 -19.43
N ILE C 326 5.27 20.35 -18.33
CA ILE C 326 5.72 21.61 -17.72
C ILE C 326 7.16 21.47 -17.20
N TYR C 327 7.46 20.32 -16.60
CA TYR C 327 8.77 20.06 -15.99
C TYR C 327 9.90 20.09 -17.00
N ILE C 328 9.66 19.49 -18.16
CA ILE C 328 10.66 19.45 -19.22
C ILE C 328 10.86 20.85 -19.81
N ALA C 329 9.77 21.57 -20.01
CA ALA C 329 9.81 22.92 -20.54
C ALA C 329 10.51 23.90 -19.59
N CYS C 330 10.31 23.71 -18.28
CA CYS C 330 10.69 24.73 -17.28
C CYS C 330 11.95 24.36 -16.50
N GLY C 331 12.69 23.38 -17.01
CA GLY C 331 14.00 23.04 -16.47
C GLY C 331 14.00 22.30 -15.16
N GLN C 332 12.88 21.63 -14.85
CA GLN C 332 12.75 20.86 -13.63
C GLN C 332 13.41 19.49 -13.81
N ASP C 333 13.42 18.71 -12.73
CA ASP C 333 13.89 17.34 -12.76
C ASP C 333 12.68 16.47 -13.12
N ALA C 334 12.62 16.06 -14.39
CA ALA C 334 11.47 15.32 -14.90
C ALA C 334 11.29 13.95 -14.23
N ALA C 335 12.36 13.41 -13.65
CA ALA C 335 12.28 12.16 -12.90
C ALA C 335 11.47 12.33 -11.63
N GLN C 336 11.46 13.54 -11.09
CA GLN C 336 10.60 13.85 -9.94
C GLN C 336 9.10 13.88 -10.29
N ASN C 337 8.75 13.63 -11.55
CA ASN C 337 7.37 13.34 -11.90
C ASN C 337 6.77 12.17 -11.10
N VAL C 338 7.61 11.24 -10.65
CA VAL C 338 7.13 10.09 -9.88
C VAL C 338 6.30 10.54 -8.66
N GLY C 339 6.88 11.39 -7.82
CA GLY C 339 6.18 11.94 -6.67
C GLY C 339 5.33 13.19 -6.94
N SER C 340 5.76 14.02 -7.89
CA SER C 340 5.12 15.30 -8.17
C SER C 340 3.74 15.16 -8.79
N SER C 341 3.48 14.05 -9.46
CA SER C 341 2.18 13.77 -10.10
C SER C 341 1.12 13.26 -9.15
N ASN C 342 1.48 13.01 -7.89
CA ASN C 342 0.53 12.58 -6.88
C ASN C 342 -0.60 13.59 -6.84
N CYS C 343 -1.82 13.09 -6.93
CA CYS C 343 -2.98 13.95 -7.11
C CYS C 343 -4.26 13.19 -6.82
N ILE C 344 -5.16 13.83 -6.10
CA ILE C 344 -6.54 13.37 -6.01
C ILE C 344 -7.44 14.41 -6.65
N THR C 345 -8.25 13.96 -7.61
CA THR C 345 -9.17 14.80 -8.35
C THR C 345 -10.58 14.48 -7.90
N LEU C 346 -11.30 15.49 -7.42
CA LEU C 346 -12.66 15.34 -6.92
C LEU C 346 -13.66 16.20 -7.73
N MET C 347 -14.80 15.60 -8.06
CA MET C 347 -15.89 16.31 -8.73
C MET C 347 -17.17 16.10 -7.96
N GLU C 348 -17.91 17.19 -7.72
CA GLU C 348 -19.20 17.11 -7.06
C GLU C 348 -20.18 18.12 -7.67
N ALA C 349 -21.45 17.94 -7.38
CA ALA C 349 -22.49 18.85 -7.85
C ALA C 349 -22.36 20.20 -7.16
N SER C 350 -22.78 21.25 -7.85
CA SER C 350 -22.73 22.61 -7.34
C SER C 350 -23.94 23.42 -7.84
N GLY C 351 -24.19 24.56 -7.19
CA GLY C 351 -25.22 25.48 -7.64
C GLY C 351 -26.62 25.15 -7.13
N PRO C 352 -27.60 25.99 -7.47
CA PRO C 352 -28.96 25.87 -6.95
C PRO C 352 -29.63 24.53 -7.24
N THR C 353 -29.52 24.07 -8.49
CA THR C 353 -30.14 22.80 -8.92
C THR C 353 -29.10 21.69 -9.14
N ASN C 354 -27.98 21.75 -8.43
CA ASN C 354 -26.94 20.71 -8.51
C ASN C 354 -26.50 20.37 -9.95
N GLU C 355 -26.48 21.37 -10.84
CA GLU C 355 -26.18 21.15 -12.25
C GLU C 355 -24.80 21.70 -12.65
N ASP C 356 -24.20 22.53 -11.79
CA ASP C 356 -22.84 23.02 -12.02
C ASP C 356 -21.79 22.03 -11.48
N LEU C 357 -20.63 22.00 -12.12
CA LEU C 357 -19.53 21.09 -11.78
C LEU C 357 -18.47 21.73 -10.90
N TYR C 358 -18.43 21.37 -9.63
CA TYR C 358 -17.28 21.72 -8.79
C TYR C 358 -16.15 20.71 -8.99
N ILE C 359 -14.94 21.20 -9.23
CA ILE C 359 -13.76 20.35 -9.39
C ILE C 359 -12.62 20.86 -8.51
N SER C 360 -11.88 19.94 -7.92
CA SER C 360 -10.66 20.29 -7.20
C SER C 360 -9.58 19.23 -7.42
N CYS C 361 -8.35 19.68 -7.57
CA CYS C 361 -7.21 18.79 -7.57
C CYS C 361 -6.37 19.12 -6.35
N THR C 362 -5.91 18.09 -5.66
CA THR C 362 -5.03 18.24 -4.50
C THR C 362 -3.77 17.44 -4.74
N MET C 363 -2.62 18.12 -4.69
CA MET C 363 -1.34 17.55 -5.07
C MET C 363 -0.32 17.81 -3.94
N PRO C 364 -0.17 16.85 -3.02
CA PRO C 364 0.60 17.07 -1.79
C PRO C 364 2.12 17.10 -1.91
N SER C 365 2.70 16.78 -3.05
CA SER C 365 4.14 16.66 -3.14
C SER C 365 4.69 17.08 -4.50
N ILE C 366 4.38 18.31 -4.89
CA ILE C 366 5.00 18.94 -6.06
C ILE C 366 6.42 19.40 -5.74
N GLU C 367 7.40 18.71 -6.31
CA GLU C 367 8.81 19.01 -6.12
C GLU C 367 9.29 19.91 -7.27
N ILE C 368 9.68 21.13 -6.92
CA ILE C 368 9.82 22.18 -7.94
C ILE C 368 10.74 23.34 -7.55
N GLY C 369 11.26 24.03 -8.56
CA GLY C 369 12.11 25.18 -8.35
C GLY C 369 12.27 26.08 -9.57
N THR C 370 12.67 27.33 -9.32
CA THR C 370 12.93 28.31 -10.39
C THR C 370 14.38 28.77 -10.44
N VAL C 371 15.20 28.30 -9.50
CA VAL C 371 16.65 28.51 -9.51
C VAL C 371 17.33 27.14 -9.38
N GLY C 372 18.45 26.97 -10.08
CA GLY C 372 19.23 25.75 -10.00
C GLY C 372 18.80 24.69 -10.98
N GLY C 373 19.72 23.78 -11.31
CA GLY C 373 19.44 22.65 -12.19
C GLY C 373 19.27 23.06 -13.64
N GLY C 374 18.25 22.51 -14.28
CA GLY C 374 17.90 22.86 -15.65
C GLY C 374 17.40 24.29 -15.78
N THR C 375 16.96 24.91 -14.68
CA THR C 375 16.50 26.29 -14.72
C THR C 375 17.65 27.29 -14.88
N ASN C 376 18.88 26.82 -14.79
CA ASN C 376 20.06 27.65 -15.11
C ASN C 376 20.33 27.76 -16.61
N LEU C 377 19.68 26.92 -17.42
CA LEU C 377 19.84 26.97 -18.87
C LEU C 377 18.88 27.99 -19.48
N LEU C 378 19.28 28.63 -20.57
CA LEU C 378 18.56 29.80 -21.10
C LEU C 378 17.22 29.50 -21.78
N PRO C 379 17.12 28.45 -22.59
CA PRO C 379 15.83 28.05 -23.17
C PRO C 379 14.80 27.70 -22.09
N GLN C 380 15.24 27.02 -21.04
CA GLN C 380 14.38 26.71 -19.91
C GLN C 380 14.00 27.98 -19.16
N GLN C 381 14.93 28.94 -19.07
CA GLN C 381 14.64 30.24 -18.43
C GLN C 381 13.60 31.04 -19.22
N ALA C 382 13.58 30.87 -20.54
CA ALA C 382 12.61 31.55 -21.39
C ALA C 382 11.19 31.09 -21.08
N CYS C 383 11.01 29.79 -20.84
CA CYS C 383 9.71 29.22 -20.51
C CYS C 383 9.27 29.62 -19.11
N LEU C 384 10.23 29.72 -18.19
CA LEU C 384 9.97 30.22 -16.84
C LEU C 384 9.62 31.71 -16.88
N GLN C 385 10.22 32.45 -17.81
CA GLN C 385 9.97 33.88 -17.95
C GLN C 385 8.57 34.15 -18.47
N MET C 386 8.06 33.28 -19.34
CA MET C 386 6.69 33.39 -19.85
C MET C 386 5.71 33.49 -18.68
N LEU C 387 5.92 32.65 -17.66
CA LEU C 387 5.03 32.57 -16.51
C LEU C 387 5.28 33.65 -15.45
N GLY C 388 6.40 34.36 -15.55
CA GLY C 388 6.76 35.41 -14.61
C GLY C 388 7.40 34.89 -13.33
N VAL C 389 8.01 33.70 -13.40
CA VAL C 389 8.57 33.05 -12.22
C VAL C 389 10.05 32.67 -12.38
N GLN C 390 10.73 33.22 -13.37
CA GLN C 390 12.14 32.87 -13.58
C GLN C 390 13.01 33.40 -12.43
N GLY C 391 14.01 32.62 -12.05
CA GLY C 391 15.00 33.02 -11.07
C GLY C 391 14.48 33.17 -9.66
N ALA C 392 15.30 33.78 -8.80
CA ALA C 392 14.93 34.02 -7.41
C ALA C 392 14.04 35.25 -7.28
N CYS C 393 13.07 35.18 -6.39
CA CYS C 393 12.24 36.33 -6.03
C CYS C 393 12.87 37.05 -4.85
N LYS C 394 13.40 38.25 -5.11
CA LYS C 394 14.16 39.02 -4.12
C LYS C 394 13.33 39.50 -2.92
N ASP C 395 12.12 40.00 -3.17
CA ASP C 395 11.27 40.52 -2.12
C ASP C 395 10.71 39.44 -1.19
N ASN C 396 10.53 38.23 -1.72
CA ASN C 396 9.81 37.17 -1.03
C ASN C 396 10.39 35.81 -1.41
N PRO C 397 11.44 35.38 -0.71
CA PRO C 397 12.13 34.12 -1.04
C PRO C 397 11.19 32.90 -1.03
N GLY C 398 11.06 32.25 -2.19
CA GLY C 398 10.22 31.07 -2.35
C GLY C 398 8.96 31.30 -3.14
N GLU C 399 8.65 32.56 -3.43
CA GLU C 399 7.38 32.95 -4.05
C GLU C 399 7.28 32.55 -5.52
N ASN C 400 8.39 32.59 -6.24
CA ASN C 400 8.40 32.16 -7.63
C ASN C 400 8.16 30.63 -7.74
N ALA C 401 8.78 29.87 -6.84
CA ALA C 401 8.62 28.41 -6.79
C ALA C 401 7.23 28.01 -6.33
N ARG C 402 6.67 28.75 -5.38
CA ARG C 402 5.30 28.54 -4.93
C ARG C 402 4.30 28.84 -6.04
N GLN C 403 4.58 29.88 -6.82
CA GLN C 403 3.72 30.30 -7.92
C GLN C 403 3.70 29.26 -9.05
N LEU C 404 4.87 28.71 -9.38
CA LEU C 404 4.97 27.67 -10.39
C LEU C 404 4.22 26.43 -9.93
N ALA C 405 4.41 26.05 -8.67
CA ALA C 405 3.65 24.95 -8.07
C ALA C 405 2.14 25.13 -8.23
N ARG C 406 1.65 26.36 -8.04
CA ARG C 406 0.23 26.66 -8.21
C ARG C 406 -0.22 26.58 -9.67
N ILE C 407 0.65 27.00 -10.59
CA ILE C 407 0.40 26.89 -12.02
C ILE C 407 0.31 25.42 -12.48
N VAL C 408 1.21 24.59 -11.95
CA VAL C 408 1.24 23.17 -12.23
C VAL C 408 -0.08 22.54 -11.80
N CYS C 409 -0.47 22.81 -10.56
CA CYS C 409 -1.70 22.24 -10.03
C CYS C 409 -2.94 22.71 -10.78
N GLY C 410 -2.96 23.98 -11.15
CA GLY C 410 -4.08 24.52 -11.91
C GLY C 410 -4.14 23.98 -13.32
N THR C 411 -2.97 23.82 -13.95
CA THR C 411 -2.89 23.26 -15.30
C THR C 411 -3.29 21.79 -15.29
N VAL C 412 -2.87 21.08 -14.24
CA VAL C 412 -3.29 19.70 -14.04
C VAL C 412 -4.82 19.63 -13.99
N MET C 413 -5.44 20.56 -13.29
CA MET C 413 -6.91 20.55 -13.14
C MET C 413 -7.62 20.77 -14.48
N ALA C 414 -7.09 21.67 -15.30
CA ALA C 414 -7.59 21.88 -16.67
C ALA C 414 -7.46 20.62 -17.52
N GLY C 415 -6.33 19.92 -17.36
CA GLY C 415 -6.13 18.64 -18.02
C GLY C 415 -7.13 17.58 -17.60
N GLU C 416 -7.43 17.52 -16.30
CA GLU C 416 -8.39 16.54 -15.78
C GLU C 416 -9.80 16.81 -16.30
N LEU C 417 -10.14 18.09 -16.44
CA LEU C 417 -11.46 18.47 -16.94
C LEU C 417 -11.65 17.96 -18.35
N SER C 418 -10.69 18.25 -19.21
CA SER C 418 -10.80 17.90 -20.62
C SER C 418 -10.80 16.39 -20.85
N LEU C 419 -9.78 15.68 -20.35
CA LEU C 419 -9.73 14.22 -20.53
C LEU C 419 -10.93 13.53 -19.92
N MET C 420 -11.36 13.93 -18.72
CA MET C 420 -12.51 13.31 -18.07
C MET C 420 -13.80 13.55 -18.87
N ALA C 421 -13.89 14.71 -19.50
CA ALA C 421 -15.02 15.03 -20.39
C ALA C 421 -15.07 14.08 -21.57
N ALA C 422 -13.91 13.85 -22.19
CA ALA C 422 -13.83 12.93 -23.33
C ALA C 422 -14.16 11.48 -22.95
N LEU C 423 -13.81 11.08 -21.72
CA LEU C 423 -14.13 9.73 -21.25
C LEU C 423 -15.62 9.57 -20.94
N ALA C 424 -16.25 10.63 -20.44
CA ALA C 424 -17.68 10.60 -20.14
C ALA C 424 -18.55 10.54 -21.39
N ALA C 425 -18.15 11.27 -22.43
CA ALA C 425 -18.87 11.31 -23.71
C ALA C 425 -18.65 10.02 -24.51
N GLY C 426 -17.57 9.30 -24.20
CA GLY C 426 -17.33 7.97 -24.74
C GLY C 426 -17.17 7.93 -26.25
N GLY D 24 -1.63 33.07 -51.85
CA GLY D 24 -2.64 33.32 -50.77
C GLY D 24 -2.03 34.08 -49.60
N ALA D 25 -1.58 33.34 -48.60
CA ALA D 25 -0.96 33.92 -47.40
C ALA D 25 0.47 34.41 -47.67
N LYS D 26 1.08 33.90 -48.74
CA LYS D 26 2.44 34.27 -49.11
C LYS D 26 2.56 35.72 -49.60
N PHE D 27 1.48 36.25 -50.13
CA PHE D 27 1.45 37.63 -50.64
C PHE D 27 1.10 38.65 -49.55
N LEU D 28 0.84 38.16 -48.34
CA LEU D 28 0.61 39.02 -47.16
C LEU D 28 1.93 39.17 -46.38
N SER D 29 1.90 39.99 -45.33
CA SER D 29 3.04 40.16 -44.44
C SER D 29 2.71 39.65 -43.04
N ASP D 30 3.69 39.69 -42.14
CA ASP D 30 3.51 39.19 -40.78
C ASP D 30 2.53 40.04 -39.98
N ALA D 31 2.65 41.36 -40.13
CA ALA D 31 1.77 42.31 -39.45
C ALA D 31 0.31 42.21 -39.90
N GLU D 32 0.10 41.90 -41.18
CA GLU D 32 -1.24 41.84 -41.78
C GLU D 32 -2.04 40.60 -41.37
N ILE D 33 -1.37 39.46 -41.30
CA ILE D 33 -2.05 38.19 -40.96
C ILE D 33 -2.47 38.18 -39.49
N ILE D 34 -1.66 38.82 -38.65
CA ILE D 34 -1.98 39.00 -37.23
C ILE D 34 -3.20 39.90 -37.09
N GLN D 35 -3.28 40.94 -37.93
CA GLN D 35 -4.41 41.87 -37.92
C GLN D 35 -5.73 41.18 -38.27
N LEU D 36 -5.65 40.13 -39.10
CA LEU D 36 -6.84 39.42 -39.58
C LEU D 36 -7.44 38.49 -38.52
N VAL D 37 -6.59 37.79 -37.77
CA VAL D 37 -7.08 36.86 -36.73
C VAL D 37 -7.59 37.62 -35.51
N ASN D 38 -6.97 38.77 -35.21
CA ASN D 38 -7.47 39.69 -34.19
C ASN D 38 -8.88 40.17 -34.55
N ALA D 39 -9.13 40.39 -35.84
CA ALA D 39 -10.41 40.89 -36.33
C ALA D 39 -11.41 39.76 -36.67
N LYS D 40 -11.34 38.65 -35.93
CA LYS D 40 -12.34 37.58 -36.00
C LYS D 40 -12.55 36.99 -37.40
N HIS D 41 -11.48 36.89 -38.19
CA HIS D 41 -11.55 36.41 -39.58
C HIS D 41 -10.59 35.24 -39.79
N LEU D 50 -3.74 27.35 -43.46
CA LEU D 50 -3.91 28.65 -44.11
C LEU D 50 -2.57 29.21 -44.59
N ILE D 51 -1.58 29.22 -43.71
CA ILE D 51 -0.22 29.64 -44.05
C ILE D 51 0.49 28.48 -44.76
N GLU D 52 1.45 28.81 -45.63
CA GLU D 52 2.03 27.83 -46.56
C GLU D 52 3.33 27.14 -46.10
N THR D 53 4.00 27.71 -45.08
CA THR D 53 5.25 27.14 -44.57
C THR D 53 5.15 26.91 -43.05
N HIS D 54 5.63 25.75 -42.59
CA HIS D 54 5.45 25.33 -41.20
C HIS D 54 6.20 26.20 -40.20
N GLU D 55 7.42 26.62 -40.53
CA GLU D 55 8.24 27.46 -39.65
C GLU D 55 7.70 28.89 -39.48
N ARG D 56 7.05 29.41 -40.52
CA ARG D 56 6.46 30.75 -40.45
C ARG D 56 5.17 30.74 -39.62
N GLY D 57 4.45 29.62 -39.66
CA GLY D 57 3.30 29.41 -38.79
C GLY D 57 3.71 29.43 -37.32
N VAL D 58 4.88 28.85 -37.02
CA VAL D 58 5.43 28.88 -35.67
C VAL D 58 5.78 30.31 -35.28
N SER D 59 6.39 31.05 -36.22
CA SER D 59 6.81 32.43 -35.98
C SER D 59 5.63 33.35 -35.65
N ILE D 60 4.55 33.18 -36.41
CA ILE D 60 3.33 33.97 -36.21
C ILE D 60 2.68 33.67 -34.87
N ARG D 61 2.70 32.39 -34.47
CA ARG D 61 2.11 31.98 -33.19
C ARG D 61 2.92 32.55 -32.02
N ARG D 62 4.23 32.65 -32.20
CA ARG D 62 5.12 33.24 -31.19
C ARG D 62 4.85 34.73 -31.00
N GLN D 63 4.56 35.44 -32.09
CA GLN D 63 4.31 36.88 -32.04
C GLN D 63 2.93 37.17 -31.43
N LEU D 64 1.93 36.37 -31.80
CA LEU D 64 0.61 36.42 -31.18
C LEU D 64 0.67 36.23 -29.67
N LEU D 65 1.50 35.28 -29.23
CA LEU D 65 1.64 34.95 -27.81
C LEU D 65 2.36 36.06 -27.05
N SER D 66 3.32 36.71 -27.71
CA SER D 66 4.08 37.80 -27.07
C SER D 66 3.17 38.94 -26.62
N LYS D 67 2.08 39.16 -27.37
CA LYS D 67 1.11 40.22 -27.08
C LYS D 67 0.40 40.03 -25.73
N LYS D 68 0.35 38.79 -25.25
CA LYS D 68 -0.33 38.46 -23.99
C LYS D 68 0.63 38.34 -22.81
N LEU D 69 1.93 38.29 -23.08
CA LEU D 69 2.94 38.19 -22.03
C LEU D 69 3.37 39.57 -21.56
N SER D 70 3.63 39.68 -20.26
CA SER D 70 4.17 40.91 -19.69
C SER D 70 5.60 41.17 -20.21
N GLU D 71 6.41 40.11 -20.29
CA GLU D 71 7.72 40.15 -20.93
C GLU D 71 7.62 39.49 -22.31
N PRO D 72 7.48 40.28 -23.38
CA PRO D 72 7.46 39.72 -24.73
C PRO D 72 8.84 39.26 -25.20
N SER D 73 9.89 39.85 -24.62
CA SER D 73 11.26 39.43 -24.91
C SER D 73 11.62 38.10 -24.25
N SER D 74 10.69 37.48 -23.53
CA SER D 74 10.96 36.20 -22.86
C SER D 74 11.20 35.04 -23.83
N LEU D 75 10.64 35.14 -25.03
CA LEU D 75 10.76 34.10 -26.06
C LEU D 75 12.08 34.16 -26.85
N GLN D 76 12.86 35.22 -26.68
CA GLN D 76 14.05 35.44 -27.50
C GLN D 76 15.10 34.32 -27.47
N TYR D 77 15.22 33.62 -26.34
CA TYR D 77 16.19 32.53 -26.22
C TYR D 77 15.56 31.14 -26.16
N LEU D 78 14.24 31.08 -26.32
CA LEU D 78 13.55 29.84 -26.69
C LEU D 78 13.73 29.68 -28.20
N PRO D 79 14.45 28.65 -28.64
CA PRO D 79 14.70 28.47 -30.08
C PRO D 79 13.46 27.98 -30.82
N TYR D 80 13.47 28.15 -32.14
CA TYR D 80 12.44 27.59 -33.01
C TYR D 80 12.95 27.34 -34.44
N ARG D 81 14.09 27.94 -34.79
CA ARG D 81 14.59 27.99 -36.15
C ARG D 81 15.12 26.65 -36.65
N ASP D 82 14.69 26.26 -37.85
CA ASP D 82 15.24 25.12 -38.60
C ASP D 82 15.06 23.77 -37.90
N TYR D 83 13.93 23.62 -37.25
CA TYR D 83 13.49 22.34 -36.71
C TYR D 83 12.43 21.78 -37.66
N ASN D 84 12.40 20.46 -37.80
CA ASN D 84 11.46 19.80 -38.73
C ASN D 84 10.07 19.68 -38.11
N TYR D 85 9.25 20.69 -38.33
CA TYR D 85 7.88 20.72 -37.79
C TYR D 85 6.89 19.88 -38.59
N SER D 86 7.29 19.42 -39.78
CA SER D 86 6.40 18.62 -40.63
C SER D 86 5.93 17.33 -39.94
N LEU D 87 6.85 16.66 -39.22
CA LEU D 87 6.51 15.40 -38.55
C LEU D 87 5.76 15.62 -37.22
N VAL D 88 5.79 16.84 -36.70
CA VAL D 88 5.17 17.18 -35.42
C VAL D 88 3.72 17.65 -35.54
N MET D 89 3.37 18.39 -36.60
CA MET D 89 2.05 19.03 -36.69
C MET D 89 0.95 17.99 -36.93
N GLY D 90 -0.02 17.94 -36.01
CA GLY D 90 -1.12 16.99 -36.09
C GLY D 90 -0.87 15.65 -35.43
N ALA D 91 0.40 15.28 -35.27
CA ALA D 91 0.80 13.97 -34.74
C ALA D 91 1.26 14.02 -33.28
N CYS D 92 2.12 14.98 -32.96
CA CYS D 92 2.78 15.07 -31.65
C CYS D 92 2.41 16.29 -30.80
N CYS D 93 2.29 17.47 -31.42
CA CYS D 93 2.11 18.72 -30.67
C CYS D 93 1.28 19.80 -31.40
N GLU D 94 0.57 20.61 -30.62
CA GLU D 94 -0.23 21.73 -31.15
C GLU D 94 0.15 23.06 -30.47
N ASN D 95 -0.25 24.16 -31.10
CA ASN D 95 0.09 25.49 -30.63
C ASN D 95 1.59 25.62 -30.37
N VAL D 96 2.38 25.14 -31.33
CA VAL D 96 3.82 24.98 -31.15
C VAL D 96 4.53 26.32 -31.32
N ILE D 97 5.42 26.65 -30.39
CA ILE D 97 6.14 27.92 -30.37
C ILE D 97 7.65 27.76 -30.37
N GLY D 98 8.15 26.57 -30.73
CA GLY D 98 9.57 26.28 -30.65
C GLY D 98 9.85 24.89 -30.11
N TYR D 99 11.07 24.71 -29.60
CA TYR D 99 11.45 23.45 -28.97
C TYR D 99 12.35 23.69 -27.75
N MET D 100 12.49 22.67 -26.92
CA MET D 100 13.27 22.72 -25.70
C MET D 100 14.45 21.75 -25.79
N PRO D 101 15.67 22.26 -25.92
CA PRO D 101 16.85 21.40 -26.00
C PRO D 101 17.22 20.77 -24.65
N ILE D 102 17.37 19.45 -24.63
CA ILE D 102 17.79 18.72 -23.46
C ILE D 102 19.14 18.06 -23.77
N PRO D 103 20.19 18.40 -23.02
CA PRO D 103 21.53 17.84 -23.27
C PRO D 103 21.52 16.31 -23.24
N VAL D 104 22.18 15.68 -24.21
CA VAL D 104 22.23 14.22 -24.31
C VAL D 104 23.67 13.76 -24.10
N GLY D 105 23.87 12.92 -23.09
CA GLY D 105 25.16 12.29 -22.83
C GLY D 105 25.11 10.81 -23.11
N VAL D 106 26.27 10.18 -23.12
CA VAL D 106 26.39 8.75 -23.42
C VAL D 106 27.01 8.02 -22.23
N ALA D 107 26.29 7.02 -21.72
CA ALA D 107 26.84 6.06 -20.78
C ALA D 107 27.13 4.77 -21.53
N GLY D 108 28.40 4.37 -21.58
CA GLY D 108 28.78 3.15 -22.25
C GLY D 108 30.28 2.89 -22.30
N PRO D 109 30.70 1.73 -22.77
CA PRO D 109 29.80 0.68 -23.25
C PRO D 109 29.10 -0.04 -22.10
N LEU D 110 27.85 -0.42 -22.32
CA LEU D 110 27.11 -1.23 -21.37
C LEU D 110 27.17 -2.65 -21.92
N CYS D 111 27.78 -3.57 -21.19
CA CYS D 111 27.89 -4.95 -21.65
C CYS D 111 26.67 -5.74 -21.24
N LEU D 112 25.83 -6.08 -22.21
CA LEU D 112 24.52 -6.64 -21.94
C LEU D 112 24.21 -7.77 -22.93
N ASP D 113 24.01 -8.98 -22.38
CA ASP D 113 23.72 -10.16 -23.19
C ASP D 113 24.74 -10.34 -24.31
N GLU D 114 26.02 -10.23 -23.93
CA GLU D 114 27.16 -10.45 -24.84
C GLU D 114 27.31 -9.38 -25.95
N LYS D 115 26.56 -8.27 -25.84
CA LYS D 115 26.68 -7.14 -26.77
C LYS D 115 27.12 -5.90 -26.02
N GLU D 116 27.42 -4.83 -26.75
CA GLU D 116 27.79 -3.54 -26.15
C GLU D 116 26.84 -2.45 -26.63
N PHE D 117 26.40 -1.59 -25.72
CA PHE D 117 25.46 -0.53 -26.04
C PHE D 117 25.99 0.82 -25.58
N GLN D 118 25.91 1.81 -26.47
CA GLN D 118 26.19 3.20 -26.12
C GLN D 118 24.83 3.84 -25.85
N VAL D 119 24.53 4.06 -24.57
CA VAL D 119 23.18 4.44 -24.14
C VAL D 119 23.04 5.96 -24.05
N PRO D 120 22.12 6.54 -24.83
CA PRO D 120 21.90 7.99 -24.78
C PRO D 120 21.02 8.35 -23.59
N MET D 121 21.30 9.49 -22.97
CA MET D 121 20.63 9.90 -21.74
C MET D 121 20.46 11.42 -21.75
N ALA D 122 19.22 11.85 -21.90
CA ALA D 122 18.87 13.27 -21.94
C ALA D 122 18.48 13.70 -20.54
N THR D 123 19.30 14.57 -19.96
CA THR D 123 19.07 15.02 -18.59
C THR D 123 19.70 16.42 -18.34
N THR D 124 19.27 17.08 -17.27
CA THR D 124 19.90 18.32 -16.80
C THR D 124 20.38 18.18 -15.35
N GLU D 125 20.52 16.95 -14.86
CA GLU D 125 21.02 16.72 -13.51
C GLU D 125 22.51 16.41 -13.58
N GLY D 126 23.30 17.22 -12.89
CA GLY D 126 24.74 17.06 -12.90
C GLY D 126 25.16 15.69 -12.41
N CYS D 127 26.17 15.13 -13.08
CA CYS D 127 26.84 13.89 -12.70
C CYS D 127 26.08 12.60 -12.96
N LEU D 128 24.84 12.69 -13.42
CA LEU D 128 24.01 11.49 -13.59
C LEU D 128 24.58 10.57 -14.67
N VAL D 129 25.08 11.16 -15.76
CA VAL D 129 25.60 10.38 -16.87
C VAL D 129 26.99 9.84 -16.54
N ALA D 130 27.80 10.64 -15.85
CA ALA D 130 29.09 10.19 -15.36
C ALA D 130 28.95 9.02 -14.39
N SER D 131 27.94 9.08 -13.52
CA SER D 131 27.74 8.06 -12.49
C SER D 131 27.25 6.73 -13.07
N THR D 132 26.36 6.83 -14.06
CA THR D 132 25.86 5.68 -14.79
C THR D 132 26.99 5.02 -15.57
N ASN D 133 27.83 5.88 -16.17
CA ASN D 133 29.04 5.45 -16.87
C ASN D 133 29.97 4.64 -15.98
N ARG D 134 30.12 5.05 -14.72
CA ARG D 134 30.93 4.30 -13.76
C ARG D 134 30.31 2.93 -13.47
N GLY D 135 28.99 2.90 -13.35
CA GLY D 135 28.26 1.65 -13.14
C GLY D 135 28.48 0.69 -14.28
N CYS D 136 28.48 1.23 -15.50
CA CYS D 136 28.75 0.45 -16.71
C CYS D 136 30.14 -0.15 -16.66
N ARG D 137 31.12 0.65 -16.23
CA ARG D 137 32.50 0.23 -16.16
C ARG D 137 32.66 -0.92 -15.15
N ALA D 138 31.91 -0.87 -14.05
CA ALA D 138 31.97 -1.91 -13.03
C ALA D 138 31.40 -3.21 -13.57
N ILE D 139 30.30 -3.09 -14.31
CA ILE D 139 29.63 -4.23 -14.93
C ILE D 139 30.48 -4.88 -16.02
N GLY D 140 31.18 -4.07 -16.81
CA GLY D 140 31.98 -4.57 -17.92
C GLY D 140 33.10 -5.45 -17.41
N LEU D 141 33.79 -4.96 -16.37
CA LEU D 141 34.90 -5.65 -15.75
C LEU D 141 34.46 -6.92 -15.00
N GLY D 142 33.18 -7.01 -14.65
CA GLY D 142 32.63 -8.18 -13.99
C GLY D 142 32.02 -9.21 -14.90
N GLY D 143 32.38 -9.20 -16.19
CA GLY D 143 31.84 -10.15 -17.16
C GLY D 143 30.56 -9.71 -17.85
N GLY D 144 30.00 -8.58 -17.44
CA GLY D 144 28.83 -8.03 -18.09
C GLY D 144 27.53 -8.52 -17.47
N ALA D 145 26.43 -7.97 -17.96
CA ALA D 145 25.09 -8.24 -17.45
C ALA D 145 24.31 -9.15 -18.38
N SER D 146 23.37 -9.90 -17.79
CA SER D 146 22.46 -10.76 -18.51
C SER D 146 21.03 -10.36 -18.12
N SER D 147 20.14 -10.30 -19.08
CA SER D 147 18.76 -9.88 -18.83
C SER D 147 17.78 -10.77 -19.57
N ARG D 148 16.55 -10.81 -19.06
CA ARG D 148 15.48 -11.60 -19.67
C ARG D 148 14.16 -10.83 -19.58
N VAL D 149 13.37 -10.91 -20.65
CA VAL D 149 12.05 -10.33 -20.66
C VAL D 149 11.08 -11.43 -20.21
N LEU D 150 10.43 -11.18 -19.07
CA LEU D 150 9.59 -12.16 -18.39
C LEU D 150 8.14 -12.14 -18.84
N ALA D 151 7.69 -10.98 -19.31
CA ALA D 151 6.33 -10.81 -19.83
C ALA D 151 6.24 -9.60 -20.75
N ASP D 152 5.14 -9.49 -21.49
CA ASP D 152 5.04 -8.52 -22.57
C ASP D 152 3.58 -8.35 -22.97
N GLY D 153 3.05 -7.16 -22.75
CA GLY D 153 1.70 -6.80 -23.19
C GLY D 153 1.23 -5.51 -22.54
N MET D 154 1.04 -4.49 -23.36
CA MET D 154 0.41 -3.25 -22.93
C MET D 154 -1.04 -3.55 -22.53
N THR D 155 -1.58 -2.76 -21.58
CA THR D 155 -2.94 -2.97 -21.10
C THR D 155 -3.82 -1.74 -21.17
N ARG D 156 -5.13 -2.00 -21.18
CA ARG D 156 -6.14 -0.97 -20.97
C ARG D 156 -7.23 -1.56 -20.09
N GLY D 157 -7.71 -0.79 -19.14
CA GLY D 157 -8.59 -1.28 -18.09
C GLY D 157 -9.87 -0.46 -17.95
N PRO D 158 -10.79 -0.59 -18.91
CA PRO D 158 -12.08 0.12 -18.85
C PRO D 158 -12.90 -0.22 -17.63
N VAL D 159 -13.83 0.66 -17.30
CA VAL D 159 -14.81 0.41 -16.26
C VAL D 159 -16.20 0.37 -16.89
N VAL D 160 -16.93 -0.71 -16.63
CA VAL D 160 -18.30 -0.84 -17.09
C VAL D 160 -19.21 -0.96 -15.88
N ARG D 161 -20.49 -0.66 -16.08
CA ARG D 161 -21.50 -0.78 -15.03
C ARG D 161 -22.68 -1.61 -15.52
N LEU D 162 -23.28 -2.37 -14.61
CA LEU D 162 -24.48 -3.10 -14.91
C LEU D 162 -25.55 -2.66 -13.91
N PRO D 163 -26.82 -2.94 -14.19
CA PRO D 163 -27.91 -2.54 -13.27
C PRO D 163 -27.65 -2.95 -11.82
N ARG D 164 -27.19 -4.18 -11.63
CA ARG D 164 -26.98 -4.77 -10.30
C ARG D 164 -25.61 -5.45 -10.20
N ALA D 165 -25.13 -5.62 -8.97
CA ALA D 165 -23.92 -6.40 -8.68
C ALA D 165 -24.05 -7.85 -9.11
N CYS D 166 -25.27 -8.38 -9.10
CA CYS D 166 -25.54 -9.73 -9.58
C CYS D 166 -25.36 -9.81 -11.09
N ASP D 167 -25.67 -8.72 -11.79
CA ASP D 167 -25.44 -8.65 -13.24
C ASP D 167 -23.94 -8.52 -13.57
N SER D 168 -23.20 -7.68 -12.86
CA SER D 168 -21.76 -7.58 -13.10
C SER D 168 -21.07 -8.92 -12.81
N ALA D 169 -21.54 -9.63 -11.79
CA ALA D 169 -21.02 -10.95 -11.46
C ALA D 169 -21.25 -11.94 -12.61
N GLU D 170 -22.43 -11.88 -13.22
CA GLU D 170 -22.77 -12.73 -14.38
C GLU D 170 -21.77 -12.48 -15.49
N VAL D 171 -21.48 -11.22 -15.77
CA VAL D 171 -20.56 -10.84 -16.85
C VAL D 171 -19.13 -11.33 -16.56
N LYS D 172 -18.70 -11.24 -15.30
CA LYS D 172 -17.40 -11.73 -14.87
C LYS D 172 -17.30 -13.22 -15.16
N ALA D 173 -18.32 -13.96 -14.72
CA ALA D 173 -18.40 -15.41 -14.96
C ALA D 173 -18.33 -15.74 -16.45
N TRP D 174 -19.00 -14.94 -17.28
CA TRP D 174 -19.06 -15.16 -18.72
C TRP D 174 -17.69 -14.91 -19.37
N LEU D 175 -17.02 -13.85 -18.94
CA LEU D 175 -15.67 -13.53 -19.44
C LEU D 175 -14.64 -14.59 -19.04
N GLU D 176 -14.95 -15.38 -18.01
CA GLU D 176 -14.07 -16.43 -17.52
C GLU D 176 -14.27 -17.80 -18.18
N THR D 177 -15.38 -17.97 -18.93
CA THR D 177 -15.54 -19.18 -19.75
C THR D 177 -14.65 -19.07 -20.97
N SER D 178 -14.29 -20.21 -21.54
CA SER D 178 -13.46 -20.24 -22.74
C SER D 178 -14.23 -19.75 -23.97
N GLU D 179 -15.55 -19.91 -23.93
CA GLU D 179 -16.43 -19.47 -25.01
C GLU D 179 -16.55 -17.96 -25.02
N GLY D 180 -16.70 -17.36 -23.84
CA GLY D 180 -16.77 -15.92 -23.70
C GLY D 180 -15.47 -15.25 -24.08
N PHE D 181 -14.36 -15.75 -23.53
CA PHE D 181 -13.04 -15.18 -23.83
C PHE D 181 -12.72 -15.26 -25.32
N ALA D 182 -13.16 -16.33 -25.99
CA ALA D 182 -12.89 -16.52 -27.40
C ALA D 182 -13.61 -15.47 -28.26
N VAL D 183 -14.89 -15.22 -28.00
CA VAL D 183 -15.62 -14.23 -28.82
C VAL D 183 -15.07 -12.83 -28.60
N ILE D 184 -14.67 -12.52 -27.38
CA ILE D 184 -14.06 -11.22 -27.05
C ILE D 184 -12.71 -11.08 -27.75
N LYS D 185 -11.96 -12.17 -27.79
CA LYS D 185 -10.64 -12.18 -28.41
C LYS D 185 -10.74 -11.92 -29.92
N GLU D 186 -11.70 -12.57 -30.57
CA GLU D 186 -11.95 -12.38 -32.01
C GLU D 186 -12.22 -10.92 -32.35
N ALA D 187 -13.04 -10.27 -31.55
CA ALA D 187 -13.41 -8.88 -31.77
C ALA D 187 -12.23 -7.94 -31.53
N PHE D 188 -11.47 -8.22 -30.48
CA PHE D 188 -10.29 -7.43 -30.13
C PHE D 188 -9.26 -7.56 -31.25
N ASP D 189 -8.95 -8.81 -31.61
CA ASP D 189 -7.92 -9.13 -32.61
C ASP D 189 -8.27 -8.71 -34.05
N SER D 190 -9.52 -8.33 -34.30
CA SER D 190 -9.93 -7.91 -35.64
C SER D 190 -9.43 -6.51 -36.00
N THR D 191 -9.17 -5.68 -34.99
CA THR D 191 -8.88 -4.26 -35.20
C THR D 191 -7.49 -3.96 -35.76
N SER D 192 -6.54 -4.87 -35.57
CA SER D 192 -5.14 -4.58 -35.89
C SER D 192 -4.30 -5.85 -36.11
N ARG D 193 -3.21 -5.70 -36.87
CA ARG D 193 -2.32 -6.81 -37.23
C ARG D 193 -1.70 -7.45 -35.99
N PHE D 194 -1.27 -6.61 -35.05
CA PHE D 194 -0.59 -7.06 -33.83
C PHE D 194 -1.53 -7.23 -32.62
N ALA D 195 -2.83 -7.02 -32.83
CA ALA D 195 -3.81 -7.23 -31.78
C ALA D 195 -3.98 -8.71 -31.52
N ARG D 196 -3.34 -9.19 -30.46
CA ARG D 196 -3.48 -10.57 -30.03
C ARG D 196 -3.72 -10.63 -28.51
N LEU D 197 -4.99 -10.79 -28.13
CA LEU D 197 -5.42 -10.69 -26.75
C LEU D 197 -4.95 -11.87 -25.88
N GLN D 198 -4.45 -11.54 -24.69
CA GLN D 198 -3.99 -12.52 -23.70
C GLN D 198 -5.06 -12.64 -22.61
N LYS D 199 -4.80 -13.47 -21.59
CA LYS D 199 -5.76 -13.71 -20.51
C LYS D 199 -6.28 -12.39 -19.93
N LEU D 200 -7.58 -12.30 -19.72
CA LEU D 200 -8.21 -11.13 -19.11
C LEU D 200 -8.00 -11.17 -17.61
N HIS D 201 -8.03 -10.00 -16.99
CA HIS D 201 -8.11 -9.89 -15.54
C HIS D 201 -9.30 -8.98 -15.18
N THR D 202 -10.11 -9.38 -14.21
CA THR D 202 -11.29 -8.59 -13.82
C THR D 202 -11.43 -8.43 -12.30
N SER D 203 -11.97 -7.28 -11.90
CA SER D 203 -12.37 -7.02 -10.52
C SER D 203 -13.76 -6.37 -10.47
N ILE D 204 -14.55 -6.76 -9.49
CA ILE D 204 -15.86 -6.17 -9.26
C ILE D 204 -15.78 -5.20 -8.08
N ALA D 205 -16.58 -4.14 -8.17
CA ALA D 205 -16.85 -3.26 -7.04
C ALA D 205 -18.33 -2.91 -7.12
N GLY D 206 -19.16 -3.77 -6.56
CA GLY D 206 -20.60 -3.59 -6.62
C GLY D 206 -21.07 -3.88 -8.03
N ARG D 207 -21.76 -2.91 -8.63
CA ARG D 207 -22.26 -3.09 -10.00
C ARG D 207 -21.24 -2.64 -11.03
N ASN D 208 -20.10 -2.14 -10.58
CA ASN D 208 -18.98 -1.87 -11.47
C ASN D 208 -18.20 -3.15 -11.78
N LEU D 209 -17.67 -3.21 -13.00
CA LEU D 209 -16.72 -4.24 -13.40
C LEU D 209 -15.55 -3.61 -14.15
N TYR D 210 -14.34 -3.85 -13.65
CA TYR D 210 -13.12 -3.39 -14.29
C TYR D 210 -12.52 -4.56 -15.08
N ILE D 211 -12.17 -4.31 -16.35
CA ILE D 211 -11.70 -5.37 -17.24
C ILE D 211 -10.35 -4.93 -17.79
N ARG D 212 -9.33 -5.71 -17.46
CA ARG D 212 -7.96 -5.45 -17.93
C ARG D 212 -7.67 -6.27 -19.20
N PHE D 213 -7.62 -5.58 -20.33
CA PHE D 213 -7.24 -6.14 -21.61
C PHE D 213 -5.73 -5.98 -21.76
N GLN D 214 -5.07 -7.07 -22.16
CA GLN D 214 -3.64 -7.08 -22.38
C GLN D 214 -3.29 -7.68 -23.74
N SER D 215 -2.39 -7.04 -24.44
CA SER D 215 -1.93 -7.54 -25.73
C SER D 215 -0.58 -6.96 -26.09
N ARG D 216 0.21 -7.74 -26.80
CA ARG D 216 1.40 -7.22 -27.46
C ARG D 216 0.94 -6.30 -28.57
N SER D 217 1.86 -5.51 -29.11
CA SER D 217 1.50 -4.41 -29.98
C SER D 217 2.60 -4.09 -30.97
N GLY D 218 3.27 -5.13 -31.47
CA GLY D 218 4.43 -4.94 -32.33
C GLY D 218 5.53 -4.23 -31.58
N ASP D 219 6.18 -3.28 -32.24
CA ASP D 219 7.22 -2.47 -31.61
C ASP D 219 6.67 -1.14 -31.07
N ALA D 220 5.39 -0.88 -31.26
CA ALA D 220 4.77 0.30 -30.67
C ALA D 220 4.54 0.05 -29.18
N MET D 221 4.60 1.13 -28.40
CA MET D 221 4.21 1.11 -26.99
C MET D 221 2.80 0.54 -26.82
N GLY D 222 1.89 0.94 -27.71
CA GLY D 222 0.63 0.22 -27.89
C GLY D 222 -0.65 0.83 -27.32
N MET D 223 -0.54 1.94 -26.60
CA MET D 223 -1.71 2.64 -26.02
C MET D 223 -2.89 2.70 -26.99
N ASN D 224 -2.64 3.26 -28.16
CA ASN D 224 -3.73 3.54 -29.11
C ASN D 224 -4.29 2.24 -29.69
N MET D 225 -3.39 1.31 -29.99
CA MET D 225 -3.76 0.01 -30.54
C MET D 225 -4.67 -0.76 -29.59
N ILE D 226 -4.26 -0.86 -28.33
CA ILE D 226 -5.00 -1.61 -27.33
C ILE D 226 -6.33 -0.93 -27.02
N SER D 227 -6.35 0.41 -27.09
CA SER D 227 -7.58 1.17 -26.85
C SER D 227 -8.61 0.89 -27.92
N LYS D 228 -8.17 0.85 -29.18
CA LYS D 228 -9.05 0.56 -30.31
C LYS D 228 -9.57 -0.87 -30.23
N GLY D 229 -8.70 -1.81 -29.84
CA GLY D 229 -9.10 -3.18 -29.62
C GLY D 229 -10.10 -3.30 -28.49
N THR D 230 -9.91 -2.48 -27.45
CA THR D 230 -10.75 -2.54 -26.26
C THR D 230 -12.16 -2.04 -26.57
N GLU D 231 -12.26 -1.04 -27.44
CA GLU D 231 -13.55 -0.47 -27.81
C GLU D 231 -14.41 -1.48 -28.56
N LYS D 232 -13.82 -2.18 -29.53
CA LYS D 232 -14.55 -3.19 -30.27
C LYS D 232 -14.93 -4.38 -29.40
N ALA D 233 -14.01 -4.79 -28.52
CA ALA D 233 -14.32 -5.87 -27.58
C ALA D 233 -15.49 -5.48 -26.67
N LEU D 234 -15.51 -4.22 -26.23
CA LEU D 234 -16.56 -3.72 -25.34
C LEU D 234 -17.90 -3.60 -26.08
N SER D 235 -17.86 -3.31 -27.37
CA SER D 235 -19.09 -3.22 -28.17
C SER D 235 -19.65 -4.63 -28.42
N LYS D 236 -18.76 -5.62 -28.59
CA LYS D 236 -19.18 -7.01 -28.71
C LYS D 236 -19.77 -7.51 -27.40
N LEU D 237 -19.23 -7.04 -26.28
CA LEU D 237 -19.74 -7.43 -24.96
C LEU D 237 -21.10 -6.80 -24.69
N HIS D 238 -21.35 -5.64 -25.31
CA HIS D 238 -22.63 -4.93 -25.21
C HIS D 238 -23.74 -5.77 -25.87
N GLU D 239 -23.41 -6.37 -27.01
CA GLU D 239 -24.33 -7.24 -27.72
C GLU D 239 -24.81 -8.37 -26.82
N TYR D 240 -23.88 -9.00 -26.11
CA TYR D 240 -24.21 -10.09 -25.18
C TYR D 240 -24.96 -9.59 -23.94
N PHE D 241 -24.61 -8.38 -23.48
CA PHE D 241 -25.22 -7.80 -22.29
C PHE D 241 -25.69 -6.37 -22.60
N PRO D 242 -26.91 -6.24 -23.11
CA PRO D 242 -27.42 -4.93 -23.57
C PRO D 242 -27.57 -3.86 -22.48
N GLU D 243 -27.85 -4.24 -21.24
CA GLU D 243 -27.96 -3.26 -20.14
C GLU D 243 -26.61 -2.71 -19.62
N MET D 244 -25.49 -3.20 -20.16
CA MET D 244 -24.16 -2.73 -19.76
C MET D 244 -23.86 -1.31 -20.24
N GLN D 245 -23.58 -0.41 -19.30
CA GLN D 245 -23.10 0.94 -19.61
C GLN D 245 -21.58 0.93 -19.66
N ILE D 246 -21.01 1.46 -20.73
CA ILE D 246 -19.57 1.68 -20.82
C ILE D 246 -19.25 3.05 -20.20
N LEU D 247 -18.89 3.06 -18.93
CA LEU D 247 -18.65 4.32 -18.23
C LEU D 247 -17.40 5.05 -18.72
N ALA D 248 -16.30 4.32 -18.92
CA ALA D 248 -15.05 4.93 -19.41
C ALA D 248 -14.06 3.89 -19.94
N VAL D 249 -13.56 4.14 -21.15
CA VAL D 249 -12.65 3.19 -21.81
C VAL D 249 -11.38 2.99 -20.99
N SER D 250 -11.05 3.96 -20.15
CA SER D 250 -10.07 3.78 -19.07
C SER D 250 -10.70 4.09 -17.72
N GLY D 251 -10.95 3.04 -16.93
CA GLY D 251 -11.35 3.17 -15.54
C GLY D 251 -10.21 3.13 -14.54
N ASN D 252 -9.00 3.48 -14.96
CA ASN D 252 -7.81 3.49 -14.09
C ASN D 252 -7.36 2.10 -13.61
N TYR D 253 -7.83 1.04 -14.27
CA TYR D 253 -7.45 -0.33 -13.94
C TYR D 253 -6.32 -0.84 -14.85
N CYS D 254 -5.73 0.06 -15.65
CA CYS D 254 -4.74 -0.34 -16.65
C CYS D 254 -3.40 -0.78 -16.02
N THR D 255 -2.74 0.02 -15.19
CA THR D 255 -3.05 1.42 -14.90
C THR D 255 -2.05 2.28 -15.65
N ASP D 256 -2.54 3.35 -16.30
CA ASP D 256 -1.69 4.23 -17.10
C ASP D 256 -1.35 5.52 -16.37
N LYS D 257 -0.06 5.71 -16.11
CA LYS D 257 0.52 6.96 -15.62
C LYS D 257 0.11 7.38 -14.21
N LYS D 258 -0.38 6.42 -13.43
CA LYS D 258 -0.56 6.60 -11.98
C LYS D 258 0.08 5.41 -11.25
N PRO D 259 0.56 5.61 -10.02
CA PRO D 259 1.03 4.50 -9.19
C PRO D 259 -0.09 3.48 -8.91
N ALA D 260 0.17 2.20 -9.14
CA ALA D 260 -0.82 1.17 -8.86
C ALA D 260 -0.17 -0.18 -8.61
N ALA D 261 -0.57 -0.84 -7.52
CA ALA D 261 -0.08 -2.17 -7.19
C ALA D 261 -0.38 -3.16 -8.32
N ILE D 262 -1.45 -2.94 -9.09
CA ILE D 262 -1.77 -3.86 -10.18
C ILE D 262 -0.65 -3.95 -11.21
N ASN D 263 0.05 -2.85 -11.51
CA ASN D 263 1.17 -2.88 -12.47
C ASN D 263 2.39 -3.64 -11.94
N TRP D 264 2.62 -3.50 -10.64
CA TRP D 264 3.74 -4.13 -9.94
C TRP D 264 3.55 -5.66 -9.87
N ILE D 265 2.32 -6.11 -9.69
CA ILE D 265 2.04 -7.53 -9.47
C ILE D 265 1.79 -8.27 -10.79
N GLU D 266 0.99 -7.68 -11.66
CA GLU D 266 0.59 -8.29 -12.95
C GLU D 266 1.54 -7.94 -14.07
N GLY D 267 2.29 -6.86 -13.90
CA GLY D 267 3.13 -6.34 -14.97
C GLY D 267 2.33 -5.48 -15.94
N ARG D 268 3.03 -4.71 -16.75
CA ARG D 268 2.41 -3.88 -17.78
C ARG D 268 3.50 -3.49 -18.75
N GLY D 269 3.25 -3.67 -20.05
CA GLY D 269 4.31 -3.53 -21.02
C GLY D 269 5.31 -4.65 -20.81
N LYS D 270 6.59 -4.33 -20.80
CA LYS D 270 7.63 -5.35 -20.64
C LYS D 270 7.96 -5.54 -19.16
N SER D 271 7.88 -6.78 -18.67
CA SER D 271 8.44 -7.14 -17.37
C SER D 271 9.82 -7.72 -17.65
N VAL D 272 10.84 -7.19 -16.98
CA VAL D 272 12.24 -7.49 -17.28
C VAL D 272 13.03 -7.73 -15.98
N VAL D 273 14.03 -8.60 -16.07
CA VAL D 273 14.99 -8.84 -14.99
C VAL D 273 16.40 -8.76 -15.57
N CYS D 274 17.32 -8.16 -14.83
CA CYS D 274 18.72 -8.01 -15.23
C CYS D 274 19.60 -8.38 -14.06
N GLU D 275 20.83 -8.82 -14.31
CA GLU D 275 21.73 -9.24 -13.23
C GLU D 275 23.20 -9.15 -13.62
N ALA D 276 24.05 -9.13 -12.60
CA ALA D 276 25.49 -9.11 -12.77
C ALA D 276 26.20 -9.47 -11.47
N VAL D 277 27.40 -10.00 -11.58
CA VAL D 277 28.27 -10.23 -10.43
C VAL D 277 29.50 -9.33 -10.60
N ILE D 278 29.74 -8.47 -9.61
CA ILE D 278 30.89 -7.58 -9.64
C ILE D 278 31.99 -8.14 -8.73
N PRO D 279 33.13 -8.55 -9.28
CA PRO D 279 34.21 -9.10 -8.46
C PRO D 279 34.62 -8.17 -7.33
N ALA D 280 35.03 -8.72 -6.18
CA ALA D 280 35.36 -7.92 -5.00
C ALA D 280 36.38 -6.84 -5.34
N LYS D 281 37.37 -7.20 -6.15
CA LYS D 281 38.42 -6.27 -6.56
C LYS D 281 37.83 -5.02 -7.23
N VAL D 282 36.85 -5.21 -8.11
CA VAL D 282 36.21 -4.10 -8.82
C VAL D 282 35.37 -3.19 -7.90
N VAL D 283 34.63 -3.79 -6.97
CA VAL D 283 33.86 -3.02 -5.99
C VAL D 283 34.78 -2.09 -5.19
N ARG D 284 36.02 -2.54 -4.95
CA ARG D 284 37.02 -1.75 -4.22
C ARG D 284 37.60 -0.61 -5.05
N GLU D 285 38.05 -0.93 -6.26
CA GLU D 285 38.84 0.01 -7.06
C GLU D 285 37.96 0.97 -7.87
N VAL D 286 36.96 0.41 -8.56
CA VAL D 286 36.05 1.22 -9.34
C VAL D 286 35.00 1.92 -8.47
N LEU D 287 34.34 1.18 -7.57
CA LEU D 287 33.22 1.72 -6.78
C LEU D 287 33.63 2.30 -5.41
N LYS D 288 34.87 2.05 -4.98
CA LYS D 288 35.45 2.68 -3.78
C LYS D 288 34.75 2.30 -2.48
N THR D 289 34.28 1.06 -2.42
CA THR D 289 33.59 0.54 -1.24
C THR D 289 33.79 -0.99 -1.17
N THR D 290 32.95 -1.71 -0.42
CA THR D 290 33.05 -3.17 -0.33
C THR D 290 31.71 -3.85 -0.56
N THR D 291 31.77 -5.13 -0.90
CA THR D 291 30.57 -5.94 -1.12
C THR D 291 29.67 -5.95 0.11
N GLU D 292 30.29 -6.08 1.28
CA GLU D 292 29.59 -6.14 2.55
C GLU D 292 28.85 -4.83 2.83
N ALA D 293 29.51 -3.71 2.55
CA ALA D 293 28.92 -2.39 2.78
C ALA D 293 27.78 -2.13 1.80
N MET D 294 27.97 -2.50 0.54
CA MET D 294 26.94 -2.40 -0.50
C MET D 294 25.66 -3.17 -0.13
N ILE D 295 25.82 -4.35 0.47
CA ILE D 295 24.70 -5.20 0.84
C ILE D 295 23.96 -4.60 2.03
N GLU D 296 24.72 -4.04 2.97
CA GLU D 296 24.15 -3.43 4.16
C GLU D 296 23.32 -2.20 3.79
N VAL D 297 23.77 -1.43 2.81
CA VAL D 297 23.01 -0.23 2.39
C VAL D 297 21.77 -0.64 1.60
N ASN D 298 21.91 -1.59 0.68
CA ASN D 298 20.78 -1.99 -0.14
C ASN D 298 19.64 -2.54 0.69
N ILE D 299 19.93 -3.50 1.56
CA ILE D 299 18.93 -4.05 2.46
C ILE D 299 18.26 -2.92 3.22
N ASN D 300 19.03 -2.06 3.87
CA ASN D 300 18.46 -1.12 4.82
C ASN D 300 17.91 0.17 4.22
N LYS D 301 18.24 0.43 2.97
CA LYS D 301 17.75 1.58 2.24
C LYS D 301 16.61 1.13 1.34
N ASN D 302 16.95 0.29 0.36
CA ASN D 302 16.04 -0.05 -0.72
C ASN D 302 14.93 -1.01 -0.34
N LEU D 303 15.14 -1.81 0.71
CA LEU D 303 14.09 -2.69 1.21
C LEU D 303 13.48 -2.10 2.47
N VAL D 304 14.27 -1.98 3.53
CA VAL D 304 13.71 -1.59 4.84
C VAL D 304 13.25 -0.13 4.85
N GLY D 305 14.02 0.77 4.25
CA GLY D 305 13.64 2.17 4.16
C GLY D 305 12.46 2.44 3.25
N SER D 306 12.43 1.81 2.10
CA SER D 306 11.27 1.91 1.21
C SER D 306 10.04 1.35 1.91
N ALA D 307 10.24 0.25 2.65
CA ALA D 307 9.17 -0.35 3.46
C ALA D 307 8.61 0.62 4.52
N MET D 308 9.49 1.31 5.24
CA MET D 308 9.07 2.24 6.30
C MET D 308 8.37 3.46 5.71
N ALA D 309 8.70 3.80 4.47
CA ALA D 309 8.12 4.95 3.79
C ALA D 309 6.76 4.62 3.15
N GLY D 310 6.37 3.35 3.17
CA GLY D 310 5.12 2.92 2.55
C GLY D 310 5.17 2.85 1.03
N SER D 311 6.30 2.42 0.49
CA SER D 311 6.42 2.28 -0.96
C SER D 311 5.74 1.02 -1.48
N ILE D 312 5.06 1.18 -2.61
CA ILE D 312 4.68 0.05 -3.47
C ILE D 312 5.50 0.17 -4.75
N GLY D 313 6.41 -0.78 -4.98
CA GLY D 313 7.19 -0.84 -6.20
C GLY D 313 8.39 0.08 -6.30
N GLY D 314 8.69 0.83 -5.24
CA GLY D 314 9.81 1.76 -5.24
C GLY D 314 10.96 1.28 -4.38
N TYR D 315 11.35 0.02 -4.57
CA TYR D 315 12.43 -0.60 -3.80
C TYR D 315 13.76 -0.48 -4.53
N ASN D 316 14.18 0.75 -4.75
CA ASN D 316 15.39 1.07 -5.50
C ASN D 316 15.89 2.46 -5.09
N ALA D 317 17.05 2.84 -5.61
CA ALA D 317 17.68 4.10 -5.28
C ALA D 317 17.24 5.23 -6.22
N HIS D 318 17.40 5.05 -7.52
CA HIS D 318 17.07 6.11 -8.46
C HIS D 318 16.83 5.61 -9.89
N ALA D 319 16.13 4.49 -10.03
CA ALA D 319 15.78 3.97 -11.36
C ALA D 319 15.11 5.04 -12.23
N ALA D 320 14.28 5.90 -11.62
CA ALA D 320 13.58 6.97 -12.34
C ALA D 320 14.52 7.91 -13.07
N ASN D 321 15.67 8.24 -12.48
CA ASN D 321 16.68 9.04 -13.18
C ASN D 321 17.10 8.47 -14.52
N ILE D 322 17.39 7.17 -14.54
CA ILE D 322 17.85 6.50 -15.76
C ILE D 322 16.69 6.33 -16.74
N VAL D 323 15.56 5.83 -16.25
CA VAL D 323 14.41 5.61 -17.12
C VAL D 323 14.04 6.91 -17.83
N THR D 324 13.86 7.97 -17.05
CA THR D 324 13.50 9.29 -17.56
C THR D 324 14.49 9.82 -18.61
N ALA D 325 15.78 9.68 -18.33
CA ALA D 325 16.81 10.19 -19.22
C ALA D 325 16.83 9.45 -20.55
N ILE D 326 16.73 8.12 -20.49
CA ILE D 326 16.66 7.31 -21.69
C ILE D 326 15.36 7.60 -22.44
N TYR D 327 14.26 7.78 -21.70
CA TYR D 327 12.94 7.98 -22.30
C TYR D 327 12.87 9.30 -23.10
N ILE D 328 13.36 10.39 -22.51
CA ILE D 328 13.41 11.67 -23.23
C ILE D 328 14.32 11.59 -24.45
N ALA D 329 15.46 10.92 -24.32
CA ALA D 329 16.39 10.77 -25.44
C ALA D 329 15.80 9.94 -26.59
N CYS D 330 14.98 8.95 -26.28
CA CYS D 330 14.54 7.95 -27.26
C CYS D 330 13.09 8.05 -27.72
N GLY D 331 12.49 9.23 -27.54
CA GLY D 331 11.15 9.50 -28.04
C GLY D 331 10.02 8.78 -27.33
N GLN D 332 10.27 8.35 -26.10
CA GLN D 332 9.26 7.65 -25.32
C GLN D 332 8.33 8.69 -24.69
N ASP D 333 7.25 8.18 -24.10
CA ASP D 333 6.30 8.99 -23.35
C ASP D 333 6.86 9.13 -21.92
N ALA D 334 7.48 10.27 -21.61
CA ALA D 334 8.19 10.43 -20.34
C ALA D 334 7.29 10.49 -19.10
N ALA D 335 6.00 10.70 -19.32
CA ALA D 335 5.02 10.67 -18.23
C ALA D 335 4.89 9.25 -17.69
N GLN D 336 5.16 8.28 -18.54
CA GLN D 336 5.11 6.89 -18.14
C GLN D 336 6.28 6.45 -17.25
N ASN D 337 7.16 7.37 -16.86
CA ASN D 337 8.17 7.05 -15.85
C ASN D 337 7.54 6.74 -14.49
N VAL D 338 6.29 7.12 -14.30
CA VAL D 338 5.54 6.81 -13.08
C VAL D 338 5.50 5.29 -12.84
N GLY D 339 5.01 4.55 -13.84
CA GLY D 339 4.98 3.09 -13.78
C GLY D 339 6.26 2.41 -14.25
N SER D 340 6.91 2.99 -15.25
CA SER D 340 8.07 2.35 -15.87
C SER D 340 9.27 2.25 -14.94
N SER D 341 9.32 3.12 -13.93
CA SER D 341 10.40 3.17 -12.95
C SER D 341 10.25 2.17 -11.81
N ASN D 342 9.14 1.46 -11.76
CA ASN D 342 8.97 0.41 -10.75
C ASN D 342 10.17 -0.53 -10.82
N CYS D 343 10.79 -0.79 -9.66
CA CYS D 343 12.05 -1.52 -9.60
C CYS D 343 12.36 -1.99 -8.19
N ILE D 344 12.71 -3.26 -8.08
CA ILE D 344 13.35 -3.79 -6.88
C ILE D 344 14.81 -4.17 -7.18
N THR D 345 15.72 -3.52 -6.47
CA THR D 345 17.14 -3.76 -6.60
C THR D 345 17.57 -4.65 -5.45
N LEU D 346 18.12 -5.82 -5.76
CA LEU D 346 18.61 -6.73 -4.74
C LEU D 346 20.11 -6.96 -4.88
N MET D 347 20.79 -7.02 -3.74
CA MET D 347 22.22 -7.21 -3.68
C MET D 347 22.55 -8.30 -2.66
N GLU D 348 23.45 -9.22 -3.03
CA GLU D 348 23.80 -10.37 -2.20
C GLU D 348 25.30 -10.71 -2.30
N ALA D 349 25.80 -11.44 -1.31
CA ALA D 349 27.16 -11.95 -1.35
C ALA D 349 27.22 -13.10 -2.34
N SER D 350 28.36 -13.22 -3.02
CA SER D 350 28.52 -14.14 -4.16
C SER D 350 29.96 -14.65 -4.28
N GLY D 351 30.16 -15.73 -5.03
CA GLY D 351 31.49 -16.25 -5.32
C GLY D 351 32.02 -17.22 -4.28
N PRO D 352 33.24 -17.73 -4.50
CA PRO D 352 33.81 -18.78 -3.63
C PRO D 352 34.02 -18.33 -2.19
N THR D 353 34.65 -17.16 -2.02
CA THR D 353 34.91 -16.58 -0.71
C THR D 353 33.75 -15.75 -0.18
N ASN D 354 32.67 -15.66 -0.96
CA ASN D 354 31.49 -14.89 -0.58
C ASN D 354 31.79 -13.38 -0.51
N GLU D 355 32.82 -12.94 -1.24
CA GLU D 355 33.24 -11.54 -1.23
C GLU D 355 32.79 -10.76 -2.47
N ASP D 356 32.28 -11.46 -3.49
CA ASP D 356 31.81 -10.82 -4.73
C ASP D 356 30.36 -10.32 -4.60
N LEU D 357 30.00 -9.31 -5.41
CA LEU D 357 28.70 -8.64 -5.33
C LEU D 357 27.74 -9.12 -6.42
N TYR D 358 26.75 -9.92 -6.05
CA TYR D 358 25.60 -10.19 -6.93
C TYR D 358 24.62 -9.01 -6.85
N ILE D 359 24.22 -8.51 -8.01
CA ILE D 359 23.22 -7.44 -8.08
C ILE D 359 22.19 -7.83 -9.13
N SER D 360 20.92 -7.61 -8.82
CA SER D 360 19.87 -7.69 -9.83
C SER D 360 18.88 -6.54 -9.68
N CYS D 361 18.28 -6.17 -10.81
CA CYS D 361 17.17 -5.25 -10.84
C CYS D 361 16.00 -5.93 -11.51
N THR D 362 14.84 -5.84 -10.91
CA THR D 362 13.62 -6.37 -11.52
C THR D 362 12.61 -5.26 -11.73
N MET D 363 12.21 -5.08 -12.99
CA MET D 363 11.34 -3.99 -13.41
C MET D 363 10.13 -4.59 -14.12
N PRO D 364 9.00 -4.71 -13.42
CA PRO D 364 7.85 -5.44 -13.96
C PRO D 364 6.95 -4.69 -14.95
N SER D 365 7.16 -3.39 -15.13
CA SER D 365 6.20 -2.59 -15.88
C SER D 365 6.85 -1.48 -16.70
N ILE D 366 7.72 -1.88 -17.62
CA ILE D 366 8.40 -0.95 -18.51
C ILE D 366 7.57 -0.70 -19.77
N GLU D 367 7.06 0.52 -19.88
CA GLU D 367 6.16 0.92 -20.96
C GLU D 367 6.97 1.63 -22.04
N ILE D 368 7.07 0.97 -23.20
CA ILE D 368 8.11 1.32 -24.14
C ILE D 368 7.81 0.92 -25.59
N GLY D 369 8.41 1.65 -26.53
CA GLY D 369 8.19 1.41 -27.95
C GLY D 369 9.25 2.07 -28.81
N THR D 370 9.48 1.51 -30.00
CA THR D 370 10.46 2.03 -30.95
C THR D 370 9.82 2.53 -32.25
N VAL D 371 8.51 2.37 -32.37
CA VAL D 371 7.72 3.02 -33.42
C VAL D 371 6.56 3.81 -32.81
N GLY D 372 6.18 4.91 -33.46
CA GLY D 372 5.06 5.73 -33.02
C GLY D 372 5.49 6.79 -32.02
N GLY D 373 4.60 7.74 -31.76
CA GLY D 373 4.86 8.82 -30.82
C GLY D 373 6.09 9.66 -31.12
N GLY D 374 6.87 9.95 -30.09
CA GLY D 374 8.10 10.70 -30.22
C GLY D 374 9.19 10.00 -31.02
N THR D 375 9.09 8.68 -31.18
CA THR D 375 10.05 7.93 -32.01
C THR D 375 9.86 8.16 -33.52
N ASN D 376 8.79 8.86 -33.92
CA ASN D 376 8.63 9.29 -35.31
C ASN D 376 9.53 10.47 -35.66
N LEU D 377 10.07 11.16 -34.67
CA LEU D 377 10.90 12.35 -34.91
C LEU D 377 12.35 11.94 -35.16
N LEU D 378 13.05 12.73 -35.98
CA LEU D 378 14.37 12.34 -36.48
C LEU D 378 15.46 12.33 -35.41
N PRO D 379 15.54 13.35 -34.56
CA PRO D 379 16.55 13.34 -33.49
C PRO D 379 16.34 12.17 -32.54
N GLN D 380 15.08 11.88 -32.22
CA GLN D 380 14.75 10.78 -31.33
C GLN D 380 15.20 9.46 -31.96
N GLN D 381 15.04 9.36 -33.29
CA GLN D 381 15.45 8.17 -34.02
C GLN D 381 16.96 7.99 -34.05
N ALA D 382 17.71 9.09 -33.98
CA ALA D 382 19.16 9.04 -33.91
C ALA D 382 19.59 8.26 -32.68
N CYS D 383 18.95 8.55 -31.55
CA CYS D 383 19.25 7.87 -30.29
C CYS D 383 18.81 6.40 -30.31
N LEU D 384 17.67 6.10 -30.93
CA LEU D 384 17.23 4.70 -31.06
C LEU D 384 18.15 3.93 -32.02
N GLN D 385 18.69 4.62 -33.02
CA GLN D 385 19.63 4.02 -33.98
C GLN D 385 20.95 3.66 -33.34
N MET D 386 21.42 4.50 -32.40
CA MET D 386 22.66 4.22 -31.66
C MET D 386 22.57 2.86 -31.01
N LEU D 387 21.38 2.54 -30.51
CA LEU D 387 21.13 1.29 -29.79
C LEU D 387 20.74 0.12 -30.70
N GLY D 388 20.53 0.41 -31.98
CA GLY D 388 20.20 -0.61 -32.96
C GLY D 388 18.76 -1.06 -32.89
N VAL D 389 17.90 -0.25 -32.27
CA VAL D 389 16.49 -0.61 -32.05
C VAL D 389 15.48 0.31 -32.74
N GLN D 390 15.96 1.27 -33.52
CA GLN D 390 15.08 2.21 -34.20
C GLN D 390 14.07 1.48 -35.07
N GLY D 391 12.80 1.82 -34.90
CA GLY D 391 11.75 1.37 -35.80
C GLY D 391 11.33 -0.06 -35.58
N ALA D 392 10.54 -0.58 -36.50
CA ALA D 392 10.02 -1.93 -36.41
C ALA D 392 11.10 -2.96 -36.74
N CYS D 393 11.06 -4.09 -36.04
CA CYS D 393 11.86 -5.25 -36.39
C CYS D 393 11.04 -6.07 -37.38
N LYS D 394 11.44 -6.01 -38.65
CA LYS D 394 10.69 -6.65 -39.74
C LYS D 394 10.69 -8.18 -39.62
N ASP D 395 11.81 -8.74 -39.14
CA ASP D 395 11.97 -10.19 -39.06
C ASP D 395 11.20 -10.81 -37.89
N ASN D 396 10.92 -10.00 -36.86
CA ASN D 396 10.28 -10.48 -35.66
C ASN D 396 9.57 -9.34 -34.89
N PRO D 397 8.35 -9.00 -35.32
CA PRO D 397 7.58 -7.92 -34.71
C PRO D 397 7.64 -7.88 -33.17
N GLY D 398 8.16 -6.78 -32.63
CA GLY D 398 8.19 -6.54 -31.20
C GLY D 398 9.58 -6.67 -30.57
N GLU D 399 10.55 -7.14 -31.35
CA GLU D 399 11.87 -7.44 -30.83
C GLU D 399 12.73 -6.20 -30.57
N ASN D 400 12.52 -5.12 -31.33
CA ASN D 400 13.24 -3.88 -31.07
C ASN D 400 12.83 -3.24 -29.74
N ALA D 401 11.54 -3.27 -29.44
CA ALA D 401 10.99 -2.73 -28.19
C ALA D 401 11.40 -3.60 -27.02
N ARG D 402 11.48 -4.90 -27.24
CA ARG D 402 11.95 -5.83 -26.21
C ARG D 402 13.40 -5.54 -25.89
N GLN D 403 14.23 -5.39 -26.92
CA GLN D 403 15.65 -5.06 -26.75
C GLN D 403 15.83 -3.76 -25.98
N LEU D 404 15.00 -2.75 -26.30
CA LEU D 404 15.12 -1.45 -25.67
C LEU D 404 14.75 -1.52 -24.19
N ALA D 405 13.76 -2.34 -23.84
CA ALA D 405 13.39 -2.57 -22.46
C ALA D 405 14.56 -3.19 -21.69
N ARG D 406 15.22 -4.17 -22.31
CA ARG D 406 16.37 -4.82 -21.70
C ARG D 406 17.47 -3.79 -21.46
N ILE D 407 17.74 -2.92 -22.43
CA ILE D 407 18.75 -1.89 -22.27
C ILE D 407 18.41 -0.95 -21.12
N VAL D 408 17.14 -0.59 -20.98
CA VAL D 408 16.71 0.28 -19.89
C VAL D 408 16.97 -0.40 -18.54
N CYS D 409 16.65 -1.68 -18.45
CA CYS D 409 16.76 -2.40 -17.19
C CYS D 409 18.22 -2.54 -16.85
N GLY D 410 19.04 -2.82 -17.86
CA GLY D 410 20.48 -2.90 -17.72
C GLY D 410 21.13 -1.60 -17.30
N THR D 411 20.71 -0.49 -17.90
CA THR D 411 21.27 0.82 -17.60
C THR D 411 20.84 1.30 -16.22
N VAL D 412 19.62 0.94 -15.82
CA VAL D 412 19.15 1.19 -14.47
C VAL D 412 20.03 0.46 -13.44
N MET D 413 20.44 -0.77 -13.76
CA MET D 413 21.28 -1.53 -12.85
C MET D 413 22.66 -0.87 -12.68
N ALA D 414 23.23 -0.39 -13.77
CA ALA D 414 24.46 0.39 -13.72
C ALA D 414 24.32 1.61 -12.80
N GLY D 415 23.21 2.33 -12.94
CA GLY D 415 22.92 3.48 -12.12
C GLY D 415 22.81 3.14 -10.65
N GLU D 416 22.16 2.02 -10.36
CA GLU D 416 22.00 1.56 -8.98
C GLU D 416 23.35 1.25 -8.36
N LEU D 417 24.21 0.59 -9.12
CA LEU D 417 25.54 0.23 -8.65
C LEU D 417 26.30 1.47 -8.18
N SER D 418 26.40 2.46 -9.07
CA SER D 418 27.21 3.64 -8.83
C SER D 418 26.72 4.53 -7.69
N LEU D 419 25.42 4.81 -7.66
CA LEU D 419 24.87 5.68 -6.64
C LEU D 419 24.90 4.99 -5.28
N MET D 420 24.56 3.70 -5.24
CA MET D 420 24.59 2.95 -3.99
C MET D 420 26.01 2.90 -3.42
N ALA D 421 26.99 2.72 -4.29
CA ALA D 421 28.38 2.75 -3.90
C ALA D 421 28.76 4.11 -3.30
N ALA D 422 28.30 5.20 -3.91
CA ALA D 422 28.56 6.54 -3.39
C ALA D 422 27.99 6.76 -2.00
N LEU D 423 26.84 6.14 -1.73
CA LEU D 423 26.16 6.25 -0.44
C LEU D 423 26.84 5.44 0.65
N ALA D 424 27.32 4.24 0.31
CA ALA D 424 27.97 3.35 1.27
C ALA D 424 29.31 3.92 1.73
N ALA D 425 30.09 4.41 0.77
CA ALA D 425 31.34 5.09 1.05
C ALA D 425 31.05 6.53 1.45
#